data_3E3J
#
_entry.id   3E3J
#
_cell.length_a   99.216
_cell.length_b   180.602
_cell.length_c   198.619
_cell.angle_alpha   90.000
_cell.angle_beta   90.000
_cell.angle_gamma   90.000
#
_symmetry.space_group_name_H-M   'P 21 21 21'
#
loop_
_entity.id
_entity.type
_entity.pdbx_description
1 polymer 'DNA-directed RNA polymerase'
2 polymer 'DNA (28-MER)'
3 polymer "DNA (5'-D(*DTP*DAP*DAP*DTP*DAP*DCP*DGP*DAP*DCP*DTP*DCP*DAP*DCP*DTP*DAP*DTP*DAP*DTP*DTP*DTP*DCP*DTP*DGP*DCP*DCP*DAP*DAP*DAP*DCP*DGP*DGP*DC)-3')"
4 polymer "RNA (5'-R(*GP*GP*GP*AP*GP*UP*AP*A)-3')"
#
loop_
_entity_poly.entity_id
_entity_poly.type
_entity_poly.pdbx_seq_one_letter_code
_entity_poly.pdbx_strand_id
1 'polypeptide(L)'
;HHHHHHMNTINIAKNDFSDIELAAIPFNTLADHYGERLAREQLALEHESYEMGEARFRKMFERQLKAGEVADNAAAKPLI
TTLLPKMIARINDWFEEVKAKRGKRPTAFQFLQEIKPEAVAYITIKTTLACLTSADNTTVQAVASAIGRAIEDEARFGRI
RDLEAKHFKKNVEEQLNKRVGHVYKKAFMQVVEADMLSKGLLGGEAWSSWHKEDSIHVGVRCIEMLIESTGMVSLHRQNA
GVVGQDSETIELAPEYAEAIATRAGALAGISLMFQPCVVPPKPWTGITGGGYWANGRRPLALVRTHSKKALMRYEDVYMP
EVYKAINIAQNTAWKINKKVLAVANVITKWKHCPVEDIPAIEREELPMKPEDIDMNPEALTAWKRAAAAVYRKDKARKSR
RISLEFMLEQANKFANHKAIWFPYNMDWRGRVYAVSMFNPQGNDMTKGLLTLAKGKPIGKEGYYWLKIHGANCAGVDKVP
FPERIKFIEENHENIMACAKSPLENTWWAEQDSPFCFLAFCFEYAGVQHHGLSYNCSLPLAFDGSCSGIQHFSAMLRDEV
GGRAVNLLPSETVQDIYGIVAKKVNEILQADAINGTDNEVVTVTDENTGEISEKVKLGTKALAGQWLAYGVTRSVTKRSV
MTLAYGSKEFGFRQQVLEDTIQPAIDSGKGLMFTQPNQAAGYMAKLIWESVSVTVVAAVEAMNWLKSAAKLLAAEVKDKK
TGEILRKRCAVHWVTPDGFPVWQEYKKPIQTRLNLMFLGQFRLQPTINTNKDSEIDAHKQESGIAPNFVHSQDGSHLRKT
VVWAHEKYGIESFALIHDSFGTIPADAANLFKAVRETMVDTYESCDVLADFYDQFADQLHESQLDKMPALPAKGNLNLRD
ILESDFAFA
;
C,B
2 'polydeoxyribonucleotide'
;(DG)(DC)(DC)(DG)(DT)(DT)(DT)(DT)(DT)(DA)(DC)(DT)(DC)(DC)(DC)(DT)(DA)(DT)(DA)(DG)
(DT)(DG)(DA)(DG)(DT)(DC)(DG)(DT)(DA)(DT)(DT)(DA)
;
T,X
3 'polydeoxyribonucleotide'
;(DT)(DA)(DA)(DT)(DA)(DC)(DG)(DA)(DC)(DT)(DC)(DA)(DC)(DT)(DA)(DT)(DA)(DT)(DT)(DT)
(DC)(DT)(DG)(DC)(DC)(DA)(DA)(DA)(DC)(DG)(DG)(DC)
;
N,Y
4 'polyribonucleotide' GGGAGUAA R,Z
#
# COMPACT_ATOMS: atom_id res chain seq x y z
CA LYS A 14 -34.45 30.54 -26.09
C LYS A 14 -34.06 31.37 -24.85
N ASN A 15 -32.99 32.15 -24.99
CA ASN A 15 -32.51 33.03 -23.92
C ASN A 15 -33.43 34.21 -23.63
N ASP A 16 -34.51 34.34 -24.40
CA ASP A 16 -35.44 35.46 -24.28
C ASP A 16 -36.78 35.11 -23.63
N PHE A 17 -36.97 33.84 -23.28
CA PHE A 17 -38.19 33.40 -22.60
C PHE A 17 -38.15 33.73 -21.10
N SER A 18 -38.26 32.70 -20.26
CA SER A 18 -38.23 32.85 -18.80
C SER A 18 -37.99 31.49 -18.16
N ASP A 19 -37.36 31.49 -16.98
CA ASP A 19 -37.13 30.25 -16.23
C ASP A 19 -38.43 29.54 -15.90
N ILE A 20 -39.49 30.32 -15.73
CA ILE A 20 -40.84 29.80 -15.49
C ILE A 20 -41.35 29.14 -16.78
N GLU A 21 -41.18 29.84 -17.91
CA GLU A 21 -41.63 29.38 -19.21
C GLU A 21 -40.81 28.21 -19.75
N LEU A 22 -39.49 28.29 -19.62
CA LEU A 22 -38.59 27.24 -20.10
C LEU A 22 -38.76 25.90 -19.36
N ALA A 23 -39.38 25.96 -18.19
CA ALA A 23 -39.67 24.75 -17.40
C ALA A 23 -41.08 24.23 -17.70
N ALA A 24 -41.95 25.11 -18.17
CA ALA A 24 -43.34 24.77 -18.45
C ALA A 24 -43.59 24.30 -19.89
N ILE A 25 -42.93 24.96 -20.85
CA ILE A 25 -43.09 24.62 -22.29
C ILE A 25 -42.83 23.14 -22.63
N PRO A 26 -41.71 22.54 -22.16
CA PRO A 26 -41.47 21.13 -22.46
C PRO A 26 -42.58 20.22 -21.93
N PHE A 27 -43.03 20.47 -20.69
CA PHE A 27 -44.10 19.69 -20.07
C PHE A 27 -45.41 19.83 -20.85
N ASN A 28 -45.81 21.08 -21.12
CA ASN A 28 -47.05 21.39 -21.83
C ASN A 28 -47.17 20.75 -23.22
N THR A 29 -46.14 20.92 -24.04
CA THR A 29 -46.10 20.35 -25.38
C THR A 29 -46.07 18.81 -25.33
N LEU A 30 -45.44 18.29 -24.27
CA LEU A 30 -45.33 16.85 -24.08
C LEU A 30 -46.62 16.28 -23.50
N ALA A 31 -47.42 17.14 -22.86
CA ALA A 31 -48.69 16.74 -22.27
C ALA A 31 -49.88 16.92 -23.22
N ASP A 32 -49.64 17.61 -24.33
CA ASP A 32 -50.67 17.83 -25.35
C ASP A 32 -50.74 16.69 -26.35
N HIS A 33 -49.56 16.24 -26.78
CA HIS A 33 -49.45 15.18 -27.78
C HIS A 33 -49.56 13.77 -27.19
N TYR A 34 -48.97 13.58 -26.01
CA TYR A 34 -48.89 12.26 -25.38
C TYR A 34 -49.66 12.15 -24.07
N GLY A 35 -50.15 13.29 -23.56
CA GLY A 35 -50.87 13.32 -22.30
C GLY A 35 -49.92 13.61 -21.15
N GLU A 36 -50.47 14.09 -20.04
CA GLU A 36 -49.68 14.40 -18.84
C GLU A 36 -49.18 13.14 -18.12
N ARG A 37 -49.51 11.99 -18.70
CA ARG A 37 -49.11 10.67 -18.19
C ARG A 37 -47.60 10.44 -18.29
N LEU A 38 -47.12 10.31 -19.53
CA LEU A 38 -45.73 10.02 -19.82
C LEU A 38 -44.88 11.29 -19.83
N ALA A 39 -45.55 12.43 -20.00
CA ALA A 39 -44.90 13.74 -19.96
C ALA A 39 -44.33 13.99 -18.56
N ARG A 40 -44.96 13.35 -17.58
CA ARG A 40 -44.55 13.41 -16.19
C ARG A 40 -43.37 12.44 -15.98
N GLU A 41 -43.49 11.25 -16.55
CA GLU A 41 -42.46 10.20 -16.44
C GLU A 41 -41.18 10.54 -17.19
N GLN A 42 -41.33 11.16 -18.37
CA GLN A 42 -40.18 11.54 -19.22
C GLN A 42 -39.25 12.52 -18.50
N LEU A 43 -39.82 13.58 -17.93
CA LEU A 43 -39.05 14.58 -17.19
C LEU A 43 -38.39 13.99 -15.95
N ALA A 44 -39.13 13.15 -15.24
CA ALA A 44 -38.61 12.52 -14.03
C ALA A 44 -37.47 11.56 -14.34
N LEU A 45 -37.41 11.13 -15.60
CA LEU A 45 -36.36 10.20 -16.04
C LEU A 45 -35.13 10.96 -16.54
N GLU A 46 -35.07 12.25 -16.23
CA GLU A 46 -33.95 13.09 -16.65
C GLU A 46 -33.50 14.01 -15.53
N HIS A 47 -34.34 14.16 -14.51
CA HIS A 47 -34.03 15.01 -13.37
C HIS A 47 -33.69 14.17 -12.14
N GLU A 48 -33.85 12.85 -12.27
CA GLU A 48 -33.57 11.95 -11.17
C GLU A 48 -32.07 11.94 -10.84
N SER A 49 -31.26 12.28 -11.82
CA SER A 49 -29.81 12.32 -11.63
C SER A 49 -29.43 13.17 -10.43
N TYR A 50 -30.33 14.06 -10.03
CA TYR A 50 -30.10 14.93 -8.90
C TYR A 50 -30.98 14.55 -7.71
N GLU A 51 -32.19 14.09 -8.01
CA GLU A 51 -33.13 13.68 -6.97
C GLU A 51 -32.45 12.72 -5.99
N MET A 52 -31.76 11.71 -6.54
CA MET A 52 -31.01 10.76 -5.72
C MET A 52 -29.79 11.38 -5.07
N GLY A 53 -29.13 12.30 -5.77
CA GLY A 53 -27.98 13.02 -5.24
C GLY A 53 -28.35 13.74 -3.96
N GLU A 54 -29.54 14.33 -3.97
CA GLU A 54 -30.10 15.01 -2.79
C GLU A 54 -30.56 14.02 -1.73
N ALA A 55 -31.09 12.88 -2.17
CA ALA A 55 -31.57 11.84 -1.26
C ALA A 55 -30.42 11.17 -0.50
N ARG A 56 -29.34 10.87 -1.21
CA ARG A 56 -28.15 10.26 -0.61
C ARG A 56 -27.54 11.19 0.43
N PHE A 57 -27.76 12.49 0.24
CA PHE A 57 -27.28 13.52 1.17
C PHE A 57 -28.04 13.45 2.50
N ARG A 58 -29.33 13.14 2.43
CA ARG A 58 -30.15 12.96 3.63
C ARG A 58 -30.06 11.50 4.05
N LYS A 59 -28.96 11.11 4.71
CA LYS A 59 -28.74 9.71 5.05
C LYS A 59 -28.08 9.34 6.42
N MET A 60 -26.95 9.90 6.87
CA MET A 60 -26.13 11.00 6.30
C MET A 60 -26.67 12.40 6.61
N PHE A 61 -27.72 12.45 7.42
CA PHE A 61 -28.31 13.70 7.88
C PHE A 61 -28.84 13.51 9.30
CA LEU A 79 -23.91 18.98 10.57
C LEU A 79 -24.14 20.13 9.58
N ILE A 80 -24.55 19.77 8.37
CA ILE A 80 -24.83 20.71 7.26
C ILE A 80 -25.56 22.02 7.64
N THR A 81 -26.52 21.92 8.57
CA THR A 81 -27.30 23.08 9.02
C THR A 81 -26.45 24.11 9.77
N THR A 82 -25.13 23.96 9.70
CA THR A 82 -24.17 24.86 10.34
C THR A 82 -23.14 25.31 9.31
N LEU A 83 -22.86 24.45 8.33
CA LEU A 83 -21.89 24.73 7.27
C LEU A 83 -22.37 25.77 6.27
N LEU A 84 -23.62 25.63 5.82
CA LEU A 84 -24.20 26.54 4.83
C LEU A 84 -24.26 28.00 5.31
N PRO A 85 -24.81 28.27 6.52
CA PRO A 85 -24.83 29.66 7.00
C PRO A 85 -23.44 30.27 7.21
N LYS A 86 -22.48 29.44 7.63
CA LYS A 86 -21.11 29.88 7.82
C LYS A 86 -20.42 30.20 6.50
N MET A 87 -20.78 29.46 5.45
CA MET A 87 -20.21 29.66 4.11
C MET A 87 -20.78 30.92 3.44
N ILE A 88 -22.10 31.09 3.49
CA ILE A 88 -22.77 32.25 2.91
C ILE A 88 -22.25 33.57 3.51
N ALA A 89 -22.06 33.56 4.82
CA ALA A 89 -21.55 34.73 5.55
C ALA A 89 -20.14 35.12 5.09
N ARG A 90 -19.33 34.12 4.78
CA ARG A 90 -17.96 34.33 4.31
C ARG A 90 -17.95 34.94 2.90
N ILE A 91 -18.75 34.37 2.00
CA ILE A 91 -18.84 34.82 0.61
C ILE A 91 -19.21 36.30 0.52
N ASN A 92 -20.18 36.72 1.32
CA ASN A 92 -20.61 38.13 1.37
C ASN A 92 -19.53 39.06 1.93
N ASP A 93 -18.81 38.57 2.95
CA ASP A 93 -17.71 39.33 3.54
C ASP A 93 -16.54 39.47 2.57
N TRP A 94 -16.32 38.41 1.78
CA TRP A 94 -15.25 38.41 0.78
C TRP A 94 -15.51 39.42 -0.35
N PHE A 95 -16.78 39.56 -0.74
CA PHE A 95 -17.15 40.53 -1.77
C PHE A 95 -16.89 41.96 -1.29
N GLU A 96 -17.19 42.23 -0.03
CA GLU A 96 -16.97 43.54 0.59
C GLU A 96 -15.48 43.90 0.67
N GLU A 97 -14.65 42.88 0.90
CA GLU A 97 -13.19 43.05 0.97
C GLU A 97 -12.60 43.36 -0.40
N VAL A 98 -13.11 42.67 -1.42
CA VAL A 98 -12.65 42.83 -2.80
C VAL A 98 -13.07 44.19 -3.39
N LYS A 99 -14.32 44.59 -3.14
CA LYS A 99 -14.85 45.86 -3.62
C LYS A 99 -14.18 47.08 -2.97
N ALA A 100 -13.73 46.91 -1.73
CA ALA A 100 -13.06 48.00 -1.00
C ALA A 100 -11.66 48.28 -1.53
N LYS A 101 -10.96 47.21 -1.93
CA LYS A 101 -9.61 47.31 -2.47
C LYS A 101 -9.59 47.87 -3.89
N ARG A 102 -8.42 48.37 -4.31
CA ARG A 102 -8.25 48.91 -5.65
C ARG A 102 -7.52 47.89 -6.55
N GLY A 103 -7.29 48.27 -7.81
CA GLY A 103 -6.57 47.40 -8.75
C GLY A 103 -7.41 46.26 -9.28
N LYS A 104 -6.75 45.31 -9.93
CA LYS A 104 -7.42 44.15 -10.53
C LYS A 104 -8.04 43.25 -9.47
N ARG A 105 -9.32 42.93 -9.68
CA ARG A 105 -10.06 42.05 -8.79
C ARG A 105 -9.80 40.60 -9.15
N PRO A 106 -9.83 39.68 -8.15
CA PRO A 106 -9.64 38.26 -8.42
C PRO A 106 -10.47 37.77 -9.60
N THR A 107 -9.89 36.93 -10.45
CA THR A 107 -10.55 36.41 -11.64
C THR A 107 -11.89 35.73 -11.31
N ALA A 108 -11.94 35.04 -10.18
CA ALA A 108 -13.14 34.33 -9.74
C ALA A 108 -14.27 35.24 -9.28
N PHE A 109 -13.92 36.42 -8.75
CA PHE A 109 -14.89 37.38 -8.22
C PHE A 109 -16.10 37.69 -9.11
N GLN A 110 -15.84 38.14 -10.34
CA GLN A 110 -16.90 38.52 -11.27
C GLN A 110 -17.75 37.36 -11.78
N PHE A 111 -17.16 36.16 -11.82
CA PHE A 111 -17.88 34.96 -12.24
C PHE A 111 -18.74 34.42 -11.11
N LEU A 112 -18.35 34.73 -9.86
CA LEU A 112 -19.10 34.31 -8.67
C LEU A 112 -20.24 35.26 -8.33
N GLN A 113 -20.32 36.38 -9.05
CA GLN A 113 -21.36 37.38 -8.83
C GLN A 113 -22.52 37.19 -9.82
N GLU A 114 -22.52 36.06 -10.52
CA GLU A 114 -23.57 35.73 -11.48
C GLU A 114 -24.76 35.05 -10.80
N ILE A 115 -24.50 34.35 -9.70
CA ILE A 115 -25.55 33.69 -8.92
C ILE A 115 -25.69 34.37 -7.57
N LYS A 116 -26.82 34.11 -6.90
CA LYS A 116 -27.04 34.60 -5.55
C LYS A 116 -26.10 33.85 -4.60
N PRO A 117 -25.36 34.59 -3.74
CA PRO A 117 -24.38 34.04 -2.79
C PRO A 117 -24.85 32.80 -2.00
N GLU A 118 -26.15 32.69 -1.77
CA GLU A 118 -26.73 31.54 -1.06
C GLU A 118 -26.57 30.25 -1.86
N ALA A 119 -26.80 30.34 -3.17
CA ALA A 119 -26.68 29.18 -4.07
C ALA A 119 -25.21 28.86 -4.37
N VAL A 120 -24.36 29.89 -4.33
CA VAL A 120 -22.92 29.74 -4.57
C VAL A 120 -22.33 28.83 -3.49
N ALA A 121 -22.77 29.02 -2.26
CA ALA A 121 -22.33 28.22 -1.12
C ALA A 121 -22.86 26.79 -1.23
N TYR A 122 -24.13 26.67 -1.62
CA TYR A 122 -24.83 25.39 -1.76
C TYR A 122 -24.11 24.44 -2.71
N ILE A 123 -23.69 24.95 -3.86
CA ILE A 123 -22.98 24.17 -4.87
C ILE A 123 -21.61 23.72 -4.37
N THR A 124 -20.91 24.64 -3.68
CA THR A 124 -19.59 24.37 -3.12
C THR A 124 -19.62 23.19 -2.16
N ILE A 125 -20.68 23.12 -1.32
CA ILE A 125 -20.86 22.01 -0.39
C ILE A 125 -21.16 20.72 -1.16
N LYS A 126 -22.10 20.82 -2.11
CA LYS A 126 -22.51 19.68 -2.93
C LYS A 126 -21.36 19.01 -3.68
N THR A 127 -20.71 19.80 -4.52
CA THR A 127 -19.65 19.31 -5.40
C THR A 127 -18.43 18.77 -4.64
N THR A 128 -18.01 19.47 -3.60
CA THR A 128 -16.87 19.03 -2.78
C THR A 128 -17.16 17.68 -2.13
N LEU A 129 -18.40 17.49 -1.68
CA LEU A 129 -18.84 16.22 -1.10
C LEU A 129 -18.92 15.11 -2.17
N ALA A 130 -19.42 15.47 -3.34
CA ALA A 130 -19.58 14.53 -4.45
C ALA A 130 -18.24 13.99 -4.96
N CYS A 131 -17.22 14.85 -4.97
CA CYS A 131 -15.88 14.48 -5.42
C CYS A 131 -15.14 13.61 -4.41
N LEU A 132 -15.42 13.80 -3.12
CA LEU A 132 -14.72 13.10 -2.05
C LEU A 132 -15.35 11.79 -1.58
N THR A 133 -16.66 11.65 -1.73
CA THR A 133 -17.37 10.46 -1.27
C THR A 133 -17.20 9.28 -2.23
N SER A 134 -17.45 9.52 -3.52
CA SER A 134 -17.37 8.47 -4.53
C SER A 134 -15.98 8.29 -5.15
N ALA A 135 -14.97 8.95 -4.58
CA ALA A 135 -13.60 8.86 -5.07
C ALA A 135 -12.58 8.96 -3.93
N ASP A 136 -11.53 8.15 -4.00
CA ASP A 136 -10.49 8.13 -2.97
C ASP A 136 -9.20 8.82 -3.40
N ASN A 137 -9.21 10.16 -3.39
CA ASN A 137 -8.02 10.96 -3.67
C ASN A 137 -8.00 12.22 -2.77
N THR A 138 -8.38 13.42 -3.24
CA THR A 138 -8.76 13.78 -4.60
C THR A 138 -8.03 15.08 -4.95
N THR A 139 -7.38 15.12 -6.11
CA THR A 139 -6.61 16.31 -6.53
C THR A 139 -7.43 17.60 -6.55
N VAL A 140 -6.79 18.70 -6.16
CA VAL A 140 -7.43 20.02 -6.05
C VAL A 140 -7.96 20.56 -7.39
N GLN A 141 -7.17 20.38 -8.44
CA GLN A 141 -7.53 20.85 -9.78
C GLN A 141 -8.67 20.06 -10.42
N ALA A 142 -9.09 18.98 -9.77
CA ALA A 142 -10.25 18.19 -10.22
C ALA A 142 -11.50 18.66 -9.50
N VAL A 143 -11.37 18.97 -8.22
CA VAL A 143 -12.48 19.46 -7.40
C VAL A 143 -12.84 20.89 -7.83
N ALA A 144 -11.80 21.73 -8.00
CA ALA A 144 -11.97 23.10 -8.44
C ALA A 144 -12.62 23.20 -9.82
N SER A 145 -12.28 22.26 -10.70
CA SER A 145 -12.85 22.20 -12.04
C SER A 145 -14.32 21.80 -11.98
N ALA A 146 -14.63 20.85 -11.09
CA ALA A 146 -15.99 20.36 -10.91
C ALA A 146 -16.92 21.41 -10.30
N ILE A 147 -16.40 22.22 -9.39
CA ILE A 147 -17.16 23.30 -8.76
C ILE A 147 -17.43 24.40 -9.80
N GLY A 148 -16.38 24.80 -10.52
CA GLY A 148 -16.46 25.83 -11.55
C GLY A 148 -17.48 25.54 -12.64
N ARG A 149 -17.55 24.27 -13.05
CA ARG A 149 -18.51 23.82 -14.06
C ARG A 149 -19.94 23.81 -13.49
N ALA A 150 -20.06 23.50 -12.20
CA ALA A 150 -21.36 23.49 -11.53
C ALA A 150 -21.86 24.89 -11.22
N ILE A 151 -20.93 25.81 -10.93
CA ILE A 151 -21.24 27.21 -10.66
C ILE A 151 -21.74 27.86 -11.94
N GLU A 152 -21.13 27.52 -13.07
CA GLU A 152 -21.51 28.07 -14.37
C GLU A 152 -22.89 27.59 -14.83
N ASP A 153 -23.32 26.45 -14.31
CA ASP A 153 -24.55 25.82 -14.76
C ASP A 153 -25.78 26.62 -14.31
N GLU A 154 -25.62 27.37 -13.24
CA GLU A 154 -26.66 28.29 -12.78
C GLU A 154 -26.76 29.50 -13.70
N ALA A 155 -25.74 30.34 -13.68
CA ALA A 155 -25.59 31.40 -14.67
C ALA A 155 -25.50 30.83 -16.09
N ARG A 156 -26.25 29.76 -16.34
CA ARG A 156 -27.24 29.74 -17.40
C ARG A 156 -27.88 28.38 -17.54
N PHE A 157 -28.30 27.80 -16.42
CA PHE A 157 -29.57 27.07 -16.37
C PHE A 157 -30.30 27.34 -15.05
N GLY A 158 -30.45 26.30 -14.24
CA GLY A 158 -30.74 26.46 -12.82
C GLY A 158 -32.16 26.93 -12.57
N ARG A 159 -32.59 26.81 -11.32
CA ARG A 159 -33.96 27.15 -10.96
C ARG A 159 -34.97 26.46 -11.87
N ILE A 160 -34.94 26.81 -13.15
CA ILE A 160 -35.84 26.23 -14.13
C ILE A 160 -36.23 24.80 -13.74
N ARG A 161 -35.28 24.10 -13.12
CA ARG A 161 -35.52 22.72 -12.70
C ARG A 161 -36.71 22.63 -11.75
N ASP A 162 -36.76 23.53 -10.78
CA ASP A 162 -37.84 23.55 -9.81
C ASP A 162 -39.18 23.84 -10.48
N LEU A 163 -39.14 24.51 -11.63
CA LEU A 163 -40.34 24.84 -12.37
C LEU A 163 -40.82 23.67 -13.20
N GLU A 164 -39.97 23.19 -14.09
CA GLU A 164 -40.31 22.06 -14.96
C GLU A 164 -40.54 20.80 -14.13
N ALA A 165 -39.89 20.72 -12.96
CA ALA A 165 -40.03 19.59 -12.05
C ALA A 165 -41.45 19.50 -11.47
N LYS A 166 -42.09 20.66 -11.33
CA LYS A 166 -43.46 20.76 -10.82
C LYS A 166 -44.43 19.88 -11.61
N HIS A 167 -44.25 19.83 -12.93
CA HIS A 167 -45.13 19.07 -13.83
C HIS A 167 -45.29 17.60 -13.49
N PHE A 168 -44.18 16.89 -13.29
CA PHE A 168 -44.24 15.45 -13.02
C PHE A 168 -44.47 15.06 -11.56
N LYS A 169 -44.38 16.02 -10.65
CA LYS A 169 -44.61 15.75 -9.22
C LYS A 169 -45.99 16.22 -8.74
N LYS A 170 -46.86 16.57 -9.69
CA LYS A 170 -48.22 17.03 -9.37
C LYS A 170 -49.13 15.89 -8.91
N ASN A 171 -49.53 15.03 -9.85
CA ASN A 171 -50.41 13.90 -9.52
C ASN A 171 -49.93 12.54 -10.08
N VAL A 172 -48.88 11.96 -9.48
CA VAL A 172 -48.14 12.55 -8.37
C VAL A 172 -46.66 12.70 -8.71
N LYS A 186 -52.69 5.82 -28.73
CA LYS A 186 -52.58 6.23 -30.13
C LYS A 186 -53.63 7.23 -30.68
N ALA A 187 -53.28 7.96 -31.74
CA ALA A 187 -51.98 7.87 -32.41
C ALA A 187 -50.88 8.62 -31.66
N PHE A 188 -49.97 7.86 -31.04
CA PHE A 188 -48.89 8.46 -30.24
C PHE A 188 -47.50 8.25 -30.85
N MET A 189 -47.31 7.13 -31.55
CA MET A 189 -46.01 6.87 -32.21
C MET A 189 -45.90 7.68 -33.51
N GLN A 190 -46.21 8.96 -33.40
CA GLN A 190 -46.21 9.90 -34.52
C GLN A 190 -45.24 11.05 -34.19
N VAL A 191 -44.37 11.35 -35.14
CA VAL A 191 -43.39 12.43 -34.98
C VAL A 191 -44.08 13.80 -35.11
N VAL A 192 -43.78 14.70 -34.18
CA VAL A 192 -44.34 16.04 -34.18
C VAL A 192 -43.80 16.84 -35.37
N GLU A 193 -44.69 17.55 -36.06
CA GLU A 193 -44.32 18.40 -37.19
C GLU A 193 -43.30 19.44 -36.77
N ALA A 194 -42.20 19.52 -37.51
CA ALA A 194 -41.09 20.44 -37.23
C ALA A 194 -41.51 21.91 -37.31
N ASP A 195 -42.39 22.22 -38.25
CA ASP A 195 -42.89 23.59 -38.43
C ASP A 195 -43.87 24.01 -37.33
N MET A 196 -44.51 23.03 -36.70
CA MET A 196 -45.48 23.29 -35.63
C MET A 196 -44.83 23.42 -34.25
N LEU A 197 -43.53 23.14 -34.18
CA LEU A 197 -42.77 23.27 -32.93
C LEU A 197 -42.60 24.73 -32.55
N SER A 198 -42.82 25.02 -31.27
CA SER A 198 -42.66 26.38 -30.74
C SER A 198 -41.19 26.78 -30.73
N LYS A 199 -40.92 28.07 -30.83
CA LYS A 199 -39.56 28.60 -30.85
C LYS A 199 -38.81 28.37 -29.52
N GLY A 200 -39.57 28.03 -28.47
CA GLY A 200 -39.01 27.72 -27.16
C GLY A 200 -38.52 26.29 -27.07
N LEU A 201 -38.28 25.68 -28.23
CA LEU A 201 -37.77 24.31 -28.33
C LEU A 201 -36.66 24.23 -29.35
N LEU A 202 -36.56 25.26 -30.19
CA LEU A 202 -35.57 25.32 -31.28
C LEU A 202 -34.19 25.74 -30.80
N GLY A 203 -34.15 26.59 -29.77
CA GLY A 203 -32.89 27.12 -29.22
C GLY A 203 -31.91 26.07 -28.74
N GLY A 204 -30.65 26.47 -28.60
CA GLY A 204 -29.60 25.54 -28.21
C GLY A 204 -28.70 25.96 -27.06
N GLU A 205 -27.42 26.15 -27.36
CA GLU A 205 -26.41 26.36 -26.32
C GLU A 205 -26.08 25.06 -25.60
N ALA A 206 -25.31 24.20 -26.25
CA ALA A 206 -24.96 22.91 -25.68
C ALA A 206 -23.52 22.92 -25.15
N TRP A 207 -22.90 24.09 -25.17
CA TRP A 207 -21.52 24.23 -24.72
C TRP A 207 -21.43 25.15 -23.51
N SER A 208 -20.35 25.02 -22.74
CA SER A 208 -19.98 26.02 -21.75
C SER A 208 -19.13 27.12 -22.37
N SER A 209 -19.59 28.36 -22.26
CA SER A 209 -18.79 29.51 -22.63
C SER A 209 -17.42 29.47 -21.95
N TRP A 210 -17.42 29.29 -20.62
CA TRP A 210 -16.28 29.66 -19.80
C TRP A 210 -14.99 29.03 -20.32
N HIS A 211 -13.86 29.58 -19.90
CA HIS A 211 -12.56 28.98 -20.19
C HIS A 211 -12.29 27.80 -19.27
N LYS A 212 -11.06 27.29 -19.30
CA LYS A 212 -10.62 26.26 -18.37
C LYS A 212 -9.98 26.89 -17.13
N GLU A 213 -9.18 27.92 -17.35
CA GLU A 213 -8.54 28.65 -16.26
C GLU A 213 -9.59 29.34 -15.39
N ASP A 214 -10.50 30.06 -16.02
CA ASP A 214 -11.56 30.78 -15.30
C ASP A 214 -12.42 29.85 -14.45
N SER A 215 -12.59 28.61 -14.91
CA SER A 215 -13.37 27.60 -14.20
C SER A 215 -12.64 27.12 -12.93
N ILE A 216 -11.31 27.02 -13.01
CA ILE A 216 -10.49 26.62 -11.87
C ILE A 216 -10.47 27.71 -10.81
N HIS A 217 -10.28 28.96 -11.25
CA HIS A 217 -10.29 30.13 -10.36
C HIS A 217 -11.51 30.12 -9.43
N VAL A 218 -12.68 29.91 -10.03
CA VAL A 218 -13.94 29.85 -9.29
C VAL A 218 -13.91 28.75 -8.22
N GLY A 219 -13.49 27.56 -8.63
CA GLY A 219 -13.40 26.42 -7.71
C GLY A 219 -12.42 26.61 -6.57
N VAL A 220 -11.23 27.09 -6.90
CA VAL A 220 -10.17 27.33 -5.90
C VAL A 220 -10.61 28.36 -4.85
N ARG A 221 -11.13 29.50 -5.31
CA ARG A 221 -11.64 30.55 -4.41
C ARG A 221 -12.79 30.05 -3.55
N CYS A 222 -13.62 29.16 -4.11
CA CYS A 222 -14.72 28.55 -3.36
C CYS A 222 -14.20 27.62 -2.28
N ILE A 223 -13.16 26.85 -2.60
CA ILE A 223 -12.50 25.96 -1.64
C ILE A 223 -11.77 26.81 -0.59
N GLU A 224 -11.17 27.91 -1.05
CA GLU A 224 -10.47 28.85 -0.17
C GLU A 224 -11.46 29.43 0.85
N MET A 225 -12.67 29.77 0.39
CA MET A 225 -13.72 30.27 1.26
C MET A 225 -14.39 29.15 2.05
N LEU A 226 -14.23 27.92 1.57
CA LEU A 226 -14.77 26.73 2.23
C LEU A 226 -13.86 26.24 3.36
N ILE A 227 -12.61 26.70 3.36
CA ILE A 227 -11.64 26.30 4.38
C ILE A 227 -11.46 27.37 5.48
N GLU A 228 -12.34 28.37 5.52
CA GLU A 228 -12.18 29.44 6.52
C GLU A 228 -12.65 29.20 7.98
N SER A 229 -13.93 28.95 8.32
CA SER A 229 -15.17 28.78 7.52
C SER A 229 -15.20 27.65 6.49
N THR A 230 -15.11 26.40 6.94
CA THR A 230 -15.03 26.06 8.37
C THR A 230 -13.59 25.86 8.91
N GLY A 231 -12.74 25.10 8.22
CA GLY A 231 -13.03 24.43 6.96
C GLY A 231 -13.53 23.01 7.07
N MET A 232 -14.39 22.64 6.12
CA MET A 232 -14.94 21.30 6.04
C MET A 232 -13.89 20.32 5.53
N VAL A 233 -13.02 20.83 4.65
CA VAL A 233 -11.96 20.01 4.05
C VAL A 233 -10.57 20.59 4.30
N SER A 234 -9.56 19.72 4.25
CA SER A 234 -8.18 20.12 4.46
C SER A 234 -7.34 19.98 3.19
N LEU A 235 -6.41 20.92 3.01
CA LEU A 235 -5.51 20.93 1.87
C LEU A 235 -4.20 20.30 2.31
N HIS A 236 -3.93 19.10 1.81
CA HIS A 236 -2.71 18.37 2.19
C HIS A 236 -1.77 18.12 1.01
N ARG A 237 -0.49 18.38 1.25
CA ARG A 237 0.57 18.20 0.25
C ARG A 237 0.95 16.73 0.13
N GLN A 238 1.11 16.26 -1.11
CA GLN A 238 1.46 14.86 -1.36
C GLN A 238 2.71 14.73 -2.23
N ASN A 239 3.60 13.82 -1.81
CA ASN A 239 4.86 13.51 -2.52
C ASN A 239 5.69 14.73 -2.95
N ALA A 240 5.84 15.68 -2.03
CA ALA A 240 6.58 16.92 -2.29
C ALA A 240 8.05 16.64 -2.62
N GLY A 241 8.41 16.78 -3.89
CA GLY A 241 9.78 16.55 -4.34
C GLY A 241 9.87 15.75 -5.64
N VAL A 242 9.03 14.72 -5.75
CA VAL A 242 9.02 13.85 -6.93
C VAL A 242 8.36 14.57 -8.11
N VAL A 243 9.05 14.57 -9.25
CA VAL A 243 8.59 15.25 -10.47
C VAL A 243 7.26 14.69 -11.00
N GLY A 244 7.12 13.36 -11.02
CA GLY A 244 5.92 12.72 -11.55
C GLY A 244 4.89 12.26 -10.52
N GLN A 245 5.09 12.61 -9.26
CA GLN A 245 4.18 12.18 -8.18
C GLN A 245 3.68 13.30 -7.28
N ASP A 246 4.34 14.46 -7.34
CA ASP A 246 3.95 15.62 -6.51
C ASP A 246 2.60 16.16 -6.94
N SER A 247 1.67 16.24 -5.99
CA SER A 247 0.32 16.74 -6.24
C SER A 247 -0.29 17.38 -5.00
N GLU A 248 -1.32 18.21 -5.23
CA GLU A 248 -2.04 18.87 -4.15
C GLU A 248 -3.43 18.25 -4.09
N THR A 249 -3.69 17.47 -3.05
CA THR A 249 -4.97 16.78 -2.92
C THR A 249 -5.83 17.27 -1.77
N ILE A 250 -7.14 17.31 -2.01
CA ILE A 250 -8.13 17.70 -1.00
C ILE A 250 -8.45 16.49 -0.13
N GLU A 251 -8.32 16.68 1.19
CA GLU A 251 -8.61 15.64 2.16
C GLU A 251 -9.81 16.07 2.99
N LEU A 252 -10.78 15.18 3.14
CA LEU A 252 -11.96 15.45 3.96
C LEU A 252 -11.59 15.33 5.43
N ALA A 253 -12.00 16.32 6.23
CA ALA A 253 -11.71 16.36 7.66
C ALA A 253 -12.22 15.11 8.37
N PRO A 254 -11.39 14.53 9.28
CA PRO A 254 -11.70 13.31 10.02
C PRO A 254 -13.05 13.33 10.75
N GLU A 255 -13.51 14.52 11.14
CA GLU A 255 -14.79 14.69 11.84
C GLU A 255 -15.96 14.35 10.92
N TYR A 256 -15.89 14.82 9.68
CA TYR A 256 -16.94 14.59 8.68
C TYR A 256 -16.91 13.17 8.13
N ALA A 257 -15.71 12.59 8.06
CA ALA A 257 -15.51 11.22 7.55
C ALA A 257 -16.11 10.17 8.48
N GLU A 258 -16.21 10.52 9.77
CA GLU A 258 -16.79 9.64 10.77
C GLU A 258 -18.27 9.97 10.98
N ALA A 259 -18.72 11.05 10.36
CA ALA A 259 -20.11 11.50 10.43
C ALA A 259 -20.84 11.28 9.10
N ILE A 260 -20.25 10.46 8.24
CA ILE A 260 -20.83 10.14 6.93
C ILE A 260 -22.11 9.30 7.03
N ALA A 261 -22.91 9.34 5.98
CA ALA A 261 -24.16 8.57 5.92
C ALA A 261 -24.15 7.56 4.78
N GLY A 269 -21.16 3.86 -12.58
CA GLY A 269 -22.07 4.64 -11.74
C GLY A 269 -23.14 3.77 -11.08
N ILE A 270 -24.18 3.41 -11.83
CA ILE A 270 -24.37 3.80 -13.24
C ILE A 270 -25.86 4.07 -13.38
N SER A 271 -26.32 5.26 -13.79
CA SER A 271 -25.60 6.49 -14.14
C SER A 271 -26.64 7.24 -14.97
N LEU A 272 -27.80 7.44 -14.36
CA LEU A 272 -29.03 7.93 -15.01
C LEU A 272 -28.98 9.31 -15.69
N MET A 273 -27.89 9.59 -16.40
CA MET A 273 -27.78 10.83 -17.17
C MET A 273 -28.43 10.71 -18.54
N PHE A 274 -28.18 9.57 -19.21
CA PHE A 274 -28.74 9.32 -20.53
C PHE A 274 -29.53 8.02 -20.54
N GLN A 275 -30.85 8.16 -20.57
CA GLN A 275 -31.77 7.03 -20.56
C GLN A 275 -32.66 7.08 -21.82
N PRO A 276 -33.40 5.98 -22.10
CA PRO A 276 -34.32 5.99 -23.23
C PRO A 276 -35.47 6.97 -23.05
N CYS A 277 -36.07 7.39 -24.15
CA CYS A 277 -37.20 8.32 -24.11
C CYS A 277 -38.54 7.58 -24.12
N VAL A 278 -39.51 8.11 -23.39
CA VAL A 278 -40.86 7.55 -23.32
C VAL A 278 -41.72 8.19 -24.42
N VAL A 279 -41.21 9.28 -25.00
CA VAL A 279 -41.88 9.99 -26.08
C VAL A 279 -40.90 10.23 -27.24
N PRO A 280 -41.40 10.31 -28.49
CA PRO A 280 -40.55 10.59 -29.66
C PRO A 280 -39.62 11.77 -29.41
N PRO A 281 -38.31 11.59 -29.65
CA PRO A 281 -37.28 12.61 -29.39
C PRO A 281 -37.44 13.85 -30.26
N LYS A 282 -36.95 14.98 -29.75
CA LYS A 282 -37.00 16.25 -30.46
C LYS A 282 -36.16 16.18 -31.74
N PRO A 283 -36.77 16.53 -32.89
CA PRO A 283 -36.07 16.50 -34.18
C PRO A 283 -34.87 17.44 -34.19
N TRP A 284 -33.77 16.97 -34.76
CA TRP A 284 -32.56 17.79 -34.88
C TRP A 284 -32.78 18.88 -35.92
N THR A 285 -32.92 20.12 -35.45
CA THR A 285 -33.12 21.27 -36.30
C THR A 285 -31.78 21.92 -36.63
N GLY A 286 -30.96 22.10 -35.60
CA GLY A 286 -29.63 22.69 -35.74
C GLY A 286 -28.54 21.80 -35.18
N ILE A 287 -27.42 22.41 -34.84
CA ILE A 287 -26.26 21.67 -34.32
C ILE A 287 -26.45 21.14 -32.89
N THR A 288 -27.29 21.82 -32.11
CA THR A 288 -27.54 21.43 -30.72
C THR A 288 -29.01 21.58 -30.31
N GLY A 289 -29.44 20.77 -29.35
CA GLY A 289 -30.80 20.86 -28.82
C GLY A 289 -31.71 19.67 -29.13
N GLY A 290 -31.31 18.86 -30.10
CA GLY A 290 -32.09 17.69 -30.50
C GLY A 290 -32.04 16.54 -29.51
N GLY A 291 -32.88 15.55 -29.75
CA GLY A 291 -32.95 14.36 -28.88
C GLY A 291 -33.83 14.55 -27.67
N TYR A 292 -33.21 14.87 -26.54
CA TYR A 292 -33.93 15.07 -25.28
C TYR A 292 -34.75 16.36 -25.24
N TRP A 293 -35.62 16.47 -24.24
CA TRP A 293 -36.55 17.60 -24.15
C TRP A 293 -36.29 18.63 -23.05
N ALA A 294 -35.89 18.15 -21.87
CA ALA A 294 -35.67 19.02 -20.72
C ALA A 294 -34.65 20.12 -20.97
N ASN A 295 -34.96 21.33 -20.49
CA ASN A 295 -34.07 22.49 -20.62
C ASN A 295 -33.23 22.72 -19.36
N GLY A 296 -33.47 21.90 -18.34
CA GLY A 296 -32.72 21.96 -17.09
C GLY A 296 -31.38 21.26 -17.20
N ARG A 297 -31.17 20.58 -18.32
CA ARG A 297 -29.92 19.86 -18.58
C ARG A 297 -29.16 20.51 -19.74
N ARG A 298 -27.87 20.20 -19.85
CA ARG A 298 -27.06 20.65 -20.97
C ARG A 298 -27.49 19.89 -22.23
N PRO A 299 -27.82 20.63 -23.30
CA PRO A 299 -28.29 20.03 -24.56
C PRO A 299 -27.24 19.14 -25.23
N LEU A 300 -27.69 18.25 -26.11
CA LEU A 300 -26.81 17.35 -26.83
C LEU A 300 -26.24 18.02 -28.07
N ALA A 301 -25.06 17.56 -28.48
CA ALA A 301 -24.43 18.04 -29.71
C ALA A 301 -24.70 17.04 -30.82
N LEU A 302 -25.01 17.55 -32.02
CA LEU A 302 -25.24 16.70 -33.18
C LEU A 302 -24.00 15.91 -33.53
N VAL A 303 -22.85 16.59 -33.41
CA VAL A 303 -21.54 16.01 -33.69
C VAL A 303 -20.70 16.05 -32.41
N ARG A 304 -20.23 14.89 -31.98
CA ARG A 304 -19.39 14.78 -30.78
C ARG A 304 -17.95 15.15 -31.13
N THR A 305 -17.58 16.39 -30.81
CA THR A 305 -16.26 16.92 -31.14
C THR A 305 -15.32 17.01 -29.93
N HIS A 306 -14.06 17.34 -30.18
CA HIS A 306 -13.05 17.47 -29.13
C HIS A 306 -13.05 18.87 -28.50
N SER A 307 -13.63 19.83 -29.21
CA SER A 307 -13.72 21.21 -28.74
C SER A 307 -14.99 21.89 -29.23
N LYS A 308 -15.29 23.07 -28.68
CA LYS A 308 -16.45 23.87 -29.06
C LYS A 308 -16.30 24.38 -30.50
N LYS A 309 -15.10 24.84 -30.84
CA LYS A 309 -14.80 25.37 -32.16
C LYS A 309 -15.09 24.36 -33.27
N ALA A 310 -14.71 23.10 -33.04
CA ALA A 310 -14.92 22.03 -34.01
C ALA A 310 -16.41 21.77 -34.28
N LEU A 311 -17.24 21.99 -33.26
CA LEU A 311 -18.69 21.85 -33.39
C LEU A 311 -19.25 23.06 -34.14
N MET A 312 -18.73 24.24 -33.81
CA MET A 312 -19.19 25.50 -34.42
C MET A 312 -18.96 25.59 -35.93
N ARG A 313 -18.15 24.67 -36.46
CA ARG A 313 -17.92 24.58 -37.91
C ARG A 313 -19.14 24.00 -38.64
N TYR A 314 -20.14 23.59 -37.87
CA TYR A 314 -21.36 22.99 -38.43
C TYR A 314 -22.58 23.91 -38.36
N GLU A 315 -22.48 25.01 -37.61
CA GLU A 315 -23.61 25.93 -37.38
C GLU A 315 -24.36 26.34 -38.65
N ASP A 316 -23.61 26.79 -39.67
CA ASP A 316 -24.18 27.21 -40.94
C ASP A 316 -23.57 26.44 -42.10
N VAL A 317 -23.96 25.17 -42.23
CA VAL A 317 -23.45 24.30 -43.28
C VAL A 317 -24.53 23.93 -44.30
N TYR A 318 -25.71 23.59 -43.79
CA TYR A 318 -26.85 23.14 -44.62
C TYR A 318 -26.59 21.75 -45.19
N MET A 319 -27.06 20.75 -44.46
CA MET A 319 -26.93 19.34 -44.86
C MET A 319 -28.25 18.59 -44.57
N PRO A 320 -29.29 18.87 -45.40
CA PRO A 320 -30.63 18.30 -45.19
C PRO A 320 -30.68 16.77 -45.15
N GLU A 321 -29.87 16.13 -45.97
CA GLU A 321 -29.82 14.66 -46.03
C GLU A 321 -29.25 14.03 -44.77
N VAL A 322 -28.39 14.79 -44.08
CA VAL A 322 -27.77 14.33 -42.84
C VAL A 322 -28.76 14.45 -41.68
N TYR A 323 -29.41 15.62 -41.57
CA TYR A 323 -30.41 15.86 -40.53
C TYR A 323 -31.61 14.93 -40.67
N LYS A 324 -32.03 14.69 -41.91
CA LYS A 324 -33.17 13.83 -42.21
C LYS A 324 -32.91 12.38 -41.80
N ALA A 325 -31.71 11.89 -42.10
CA ALA A 325 -31.33 10.51 -41.77
C ALA A 325 -31.31 10.24 -40.27
N ILE A 326 -30.74 11.19 -39.51
CA ILE A 326 -30.65 11.07 -38.05
C ILE A 326 -32.05 11.07 -37.43
N ASN A 327 -32.91 11.97 -37.90
CA ASN A 327 -34.27 12.10 -37.38
C ASN A 327 -35.19 10.91 -37.63
N ILE A 328 -35.02 10.25 -38.77
CA ILE A 328 -35.80 9.05 -39.10
C ILE A 328 -35.38 7.88 -38.21
N ALA A 329 -34.06 7.73 -38.05
CA ALA A 329 -33.48 6.69 -37.20
C ALA A 329 -33.81 6.92 -35.73
N GLN A 330 -33.90 8.19 -35.37
CA GLN A 330 -34.20 8.63 -34.01
C GLN A 330 -35.67 8.38 -33.66
N ASN A 331 -36.53 8.50 -34.67
CA ASN A 331 -37.97 8.35 -34.50
C ASN A 331 -38.44 6.89 -34.43
N THR A 332 -37.49 5.95 -34.52
CA THR A 332 -37.79 4.53 -34.47
C THR A 332 -38.34 4.13 -33.09
N ALA A 333 -39.56 3.60 -33.09
CA ALA A 333 -40.22 3.19 -31.85
C ALA A 333 -39.83 1.76 -31.45
N TRP A 334 -39.21 1.64 -30.28
CA TRP A 334 -38.78 0.36 -29.74
C TRP A 334 -39.63 -0.04 -28.53
N LYS A 335 -39.47 -1.27 -28.09
CA LYS A 335 -40.12 -1.77 -26.89
C LYS A 335 -39.35 -2.95 -26.29
N ILE A 336 -39.51 -3.17 -24.99
CA ILE A 336 -38.80 -4.25 -24.30
C ILE A 336 -39.45 -5.60 -24.61
N ASN A 337 -38.63 -6.55 -25.03
CA ASN A 337 -39.08 -7.91 -25.31
C ASN A 337 -39.34 -8.64 -24.00
N LYS A 338 -40.61 -8.67 -23.60
CA LYS A 338 -41.05 -9.26 -22.32
C LYS A 338 -40.62 -10.71 -22.13
N LYS A 339 -40.81 -11.54 -23.16
CA LYS A 339 -40.47 -12.96 -23.10
C LYS A 339 -38.99 -13.22 -22.86
N VAL A 340 -38.12 -12.45 -23.51
CA VAL A 340 -36.68 -12.58 -23.36
C VAL A 340 -36.24 -12.06 -21.99
N LEU A 341 -36.93 -11.01 -21.52
CA LEU A 341 -36.63 -10.40 -20.22
C LEU A 341 -36.93 -11.38 -19.08
N ALA A 342 -38.00 -12.14 -19.25
CA ALA A 342 -38.42 -13.13 -18.26
C ALA A 342 -37.40 -14.25 -18.09
N VAL A 343 -36.66 -14.53 -19.15
CA VAL A 343 -35.62 -15.56 -19.13
C VAL A 343 -34.32 -14.99 -18.59
N ALA A 344 -33.95 -13.80 -19.07
CA ALA A 344 -32.73 -13.12 -18.67
C ALA A 344 -32.65 -12.85 -17.16
N ASN A 345 -33.80 -12.58 -16.54
CA ASN A 345 -33.88 -12.34 -15.10
C ASN A 345 -33.64 -13.58 -14.24
N VAL A 346 -33.85 -14.75 -14.82
CA VAL A 346 -33.72 -16.01 -14.09
C VAL A 346 -32.37 -16.70 -14.32
N ILE A 347 -31.96 -16.80 -15.59
CA ILE A 347 -30.74 -17.54 -15.96
C ILE A 347 -29.43 -16.89 -15.50
N THR A 348 -29.38 -15.56 -15.52
CA THR A 348 -28.19 -14.81 -15.11
C THR A 348 -27.96 -14.92 -13.59
N LYS A 349 -29.03 -15.26 -12.86
CA LYS A 349 -28.97 -15.44 -11.42
C LYS A 349 -28.34 -16.78 -11.03
N TRP A 350 -28.29 -17.72 -11.98
CA TRP A 350 -27.74 -19.05 -11.70
C TRP A 350 -26.23 -19.04 -11.49
N LYS A 351 -25.76 -19.97 -10.65
CA LYS A 351 -24.34 -20.10 -10.32
C LYS A 351 -23.54 -20.67 -11.49
N HIS A 352 -24.20 -21.55 -12.26
CA HIS A 352 -23.58 -22.17 -13.44
C HIS A 352 -24.51 -21.96 -14.65
N CYS A 353 -24.44 -20.77 -15.22
CA CYS A 353 -25.29 -20.36 -16.34
C CYS A 353 -24.93 -21.07 -17.65
N PRO A 354 -25.95 -21.51 -18.39
CA PRO A 354 -25.73 -22.21 -19.66
C PRO A 354 -24.97 -21.35 -20.66
N VAL A 355 -25.41 -20.10 -20.85
CA VAL A 355 -24.76 -19.19 -21.77
C VAL A 355 -23.33 -18.89 -21.34
N GLU A 356 -22.46 -18.67 -22.33
CA GLU A 356 -21.05 -18.38 -22.06
C GLU A 356 -20.87 -16.92 -21.63
N ASP A 357 -21.66 -16.04 -22.23
CA ASP A 357 -21.58 -14.61 -21.92
C ASP A 357 -21.82 -14.36 -20.44
N ILE A 358 -23.02 -14.68 -19.97
CA ILE A 358 -23.37 -14.49 -18.57
C ILE A 358 -22.19 -14.81 -17.66
N PRO A 359 -22.00 -13.98 -16.64
CA PRO A 359 -20.90 -14.16 -15.69
C PRO A 359 -21.33 -14.06 -14.22
N ALA A 360 -20.36 -14.23 -13.32
CA ALA A 360 -20.56 -14.11 -11.88
C ALA A 360 -20.92 -12.66 -11.52
N ILE A 361 -21.58 -12.37 -10.38
CA ILE A 361 -21.95 -13.24 -9.23
C ILE A 361 -20.79 -13.68 -8.32
N GLU A 362 -20.55 -14.98 -8.18
CA GLU A 362 -19.46 -15.49 -7.33
C GLU A 362 -18.10 -14.91 -7.72
N ARG A 363 -17.59 -14.02 -6.87
CA ARG A 363 -16.31 -13.30 -7.10
C ARG A 363 -15.18 -14.14 -7.66
N GLU A 364 -15.08 -15.38 -7.18
CA GLU A 364 -14.03 -16.35 -7.59
C GLU A 364 -12.65 -15.93 -7.08
N GLU A 365 -12.19 -16.63 -6.03
CA GLU A 365 -10.94 -16.32 -5.34
C GLU A 365 -9.67 -16.64 -6.14
N LEU A 366 -8.52 -16.30 -5.55
CA LEU A 366 -7.20 -16.52 -6.17
C LEU A 366 -6.59 -17.84 -5.71
N PRO A 367 -6.53 -18.85 -6.61
CA PRO A 367 -5.93 -20.13 -6.27
C PRO A 367 -4.44 -20.22 -6.63
N MET A 368 -3.58 -20.68 -5.71
CA MET A 368 -3.97 -21.08 -4.35
C MET A 368 -2.79 -20.98 -3.38
N LYS A 369 -1.59 -20.92 -3.94
CA LYS A 369 -0.31 -20.91 -3.19
C LYS A 369 -0.15 -22.26 -2.47
N PRO A 370 0.49 -23.23 -3.14
CA PRO A 370 0.65 -24.59 -2.59
C PRO A 370 1.78 -24.68 -1.55
N GLU A 371 1.72 -23.82 -0.54
CA GLU A 371 2.73 -23.73 0.55
C GLU A 371 4.19 -23.92 0.10
N ASP A 372 4.48 -23.52 -1.13
CA ASP A 372 5.82 -23.66 -1.69
C ASP A 372 6.57 -22.34 -1.81
N ILE A 373 7.41 -22.05 -0.81
CA ILE A 373 8.29 -20.88 -0.81
C ILE A 373 9.64 -21.22 -0.15
N ASP A 374 10.63 -21.75 -0.90
CA ASP A 374 10.61 -22.08 -2.34
C ASP A 374 10.72 -20.89 -3.30
N MET A 375 11.58 -20.96 -4.33
CA MET A 375 12.46 -22.10 -4.67
C MET A 375 11.77 -23.11 -5.62
N ASN A 376 11.83 -22.87 -6.93
CA ASN A 376 12.47 -21.68 -7.52
C ASN A 376 11.80 -21.36 -8.88
N PRO A 377 11.99 -22.21 -9.91
CA PRO A 377 11.23 -22.00 -11.14
C PRO A 377 9.88 -22.73 -11.07
N GLU A 378 9.63 -23.37 -9.93
CA GLU A 378 8.42 -24.13 -9.69
C GLU A 378 7.44 -23.27 -8.89
N ALA A 379 7.97 -22.51 -7.94
CA ALA A 379 7.19 -21.67 -7.03
C ALA A 379 6.61 -20.41 -7.68
N LEU A 380 7.45 -19.69 -8.41
CA LEU A 380 7.02 -18.44 -9.05
C LEU A 380 7.15 -18.52 -10.57
N THR A 381 6.04 -18.88 -11.22
CA THR A 381 5.96 -18.97 -12.69
C THR A 381 4.55 -18.67 -13.25
N ALA A 382 3.47 -19.40 -12.92
CA ALA A 382 3.33 -20.59 -12.03
C ALA A 382 3.85 -20.49 -10.58
N TRP A 383 2.99 -20.05 -9.65
CA TRP A 383 1.58 -19.79 -9.91
C TRP A 383 1.31 -18.35 -10.37
N LYS A 384 2.38 -17.58 -10.55
CA LYS A 384 2.31 -16.18 -10.99
C LYS A 384 1.47 -15.99 -12.25
N ARG A 385 1.66 -16.85 -13.24
CA ARG A 385 0.90 -16.80 -14.49
C ARG A 385 -0.55 -17.24 -14.28
N ALA A 386 -0.75 -18.23 -13.41
CA ALA A 386 -2.07 -18.75 -13.09
C ALA A 386 -2.90 -17.70 -12.35
N ALA A 387 -2.25 -16.95 -11.47
CA ALA A 387 -2.90 -15.88 -10.70
C ALA A 387 -3.18 -14.66 -11.57
N ALA A 388 -2.31 -14.42 -12.55
CA ALA A 388 -2.46 -13.31 -13.49
C ALA A 388 -3.65 -13.53 -14.42
N ALA A 389 -3.94 -14.80 -14.69
CA ALA A 389 -5.09 -15.18 -15.51
C ALA A 389 -6.40 -14.96 -14.76
N VAL A 390 -6.34 -15.07 -13.43
CA VAL A 390 -7.53 -14.87 -12.58
C VAL A 390 -7.89 -13.40 -12.47
N TYR A 391 -6.88 -12.54 -12.32
CA TYR A 391 -7.09 -11.08 -12.24
C TYR A 391 -7.80 -10.52 -13.46
N ARG A 392 -7.41 -11.00 -14.66
CA ARG A 392 -8.05 -10.56 -15.90
C ARG A 392 -9.43 -11.20 -16.10
N LYS A 393 -9.59 -12.41 -15.58
CA LYS A 393 -10.89 -13.11 -15.61
C LYS A 393 -11.93 -12.35 -14.82
N ASP A 394 -11.55 -11.94 -13.61
CA ASP A 394 -12.42 -11.21 -12.69
C ASP A 394 -12.71 -9.79 -13.18
N LYS A 395 -11.71 -9.16 -13.79
CA LYS A 395 -11.84 -7.79 -14.31
C LYS A 395 -12.83 -7.73 -15.48
N ALA A 396 -12.68 -8.67 -16.42
CA ALA A 396 -13.58 -8.77 -17.57
C ALA A 396 -14.99 -9.14 -17.12
N ARG A 397 -15.06 -9.98 -16.08
CA ARG A 397 -16.31 -10.41 -15.46
C ARG A 397 -17.08 -9.23 -14.87
N LYS A 398 -16.38 -8.38 -14.11
CA LYS A 398 -16.98 -7.20 -13.49
C LYS A 398 -17.64 -6.25 -14.49
N SER A 399 -16.89 -5.90 -15.54
CA SER A 399 -17.40 -5.00 -16.58
C SER A 399 -18.60 -5.59 -17.31
N ARG A 400 -18.58 -6.91 -17.53
CA ARG A 400 -19.68 -7.59 -18.20
C ARG A 400 -20.89 -7.78 -17.29
N ARG A 401 -20.65 -7.82 -15.98
CA ARG A 401 -21.73 -7.95 -15.00
C ARG A 401 -22.41 -6.60 -14.77
N ILE A 402 -21.61 -5.55 -14.63
CA ILE A 402 -22.10 -4.18 -14.45
C ILE A 402 -23.01 -3.77 -15.61
N SER A 403 -22.63 -4.17 -16.82
CA SER A 403 -23.44 -3.93 -18.01
C SER A 403 -24.77 -4.69 -17.90
N LEU A 404 -24.67 -5.97 -17.53
CA LEU A 404 -25.83 -6.84 -17.35
C LEU A 404 -26.83 -6.25 -16.34
N GLU A 405 -26.30 -5.75 -15.22
CA GLU A 405 -27.12 -5.13 -14.18
C GLU A 405 -27.90 -3.93 -14.71
N PHE A 406 -27.23 -3.11 -15.52
CA PHE A 406 -27.82 -1.91 -16.09
C PHE A 406 -28.89 -2.20 -17.14
N MET A 407 -28.65 -3.23 -17.95
CA MET A 407 -29.60 -3.62 -19.00
C MET A 407 -30.92 -4.11 -18.39
N LEU A 408 -30.84 -4.81 -17.26
CA LEU A 408 -32.02 -5.31 -16.56
C LEU A 408 -32.78 -4.22 -15.83
N GLU A 409 -32.04 -3.31 -15.19
CA GLU A 409 -32.64 -2.17 -14.48
C GLU A 409 -33.40 -1.26 -15.43
N GLN A 410 -32.89 -1.14 -16.65
CA GLN A 410 -33.50 -0.31 -17.67
C GLN A 410 -34.77 -0.99 -18.22
N ALA A 411 -34.69 -2.31 -18.40
CA ALA A 411 -35.83 -3.10 -18.89
C ALA A 411 -36.97 -3.12 -17.88
N ASN A 412 -36.62 -3.12 -16.60
CA ASN A 412 -37.61 -3.10 -15.51
C ASN A 412 -38.34 -1.76 -15.41
N LYS A 413 -37.61 -0.67 -15.69
CA LYS A 413 -38.19 0.67 -15.65
C LYS A 413 -39.29 0.86 -16.70
N PHE A 414 -38.99 0.48 -17.94
CA PHE A 414 -39.95 0.62 -19.03
C PHE A 414 -40.43 -0.76 -19.52
N ALA A 415 -40.24 -1.78 -18.70
CA ALA A 415 -40.64 -3.13 -19.05
C ALA A 415 -41.89 -3.11 -19.94
N ASN A 416 -43.02 -2.74 -19.36
CA ASN A 416 -44.27 -2.68 -20.10
C ASN A 416 -44.64 -1.27 -20.51
N HIS A 417 -43.97 -0.76 -21.54
CA HIS A 417 -44.21 0.59 -22.04
C HIS A 417 -44.62 0.58 -23.51
N LYS A 418 -45.92 0.60 -23.76
CA LYS A 418 -46.44 0.60 -25.13
C LYS A 418 -45.31 0.80 -26.13
N ALA A 419 -44.55 1.87 -25.97
CA ALA A 419 -43.44 2.18 -26.86
C ALA A 419 -42.39 3.04 -26.18
N ILE A 420 -41.12 2.72 -26.45
CA ILE A 420 -39.98 3.50 -25.95
C ILE A 420 -39.11 3.97 -27.11
N TRP A 421 -38.45 5.11 -26.93
CA TRP A 421 -37.60 5.68 -27.97
C TRP A 421 -36.17 5.91 -27.50
N PHE A 422 -35.26 6.06 -28.46
CA PHE A 422 -33.86 6.32 -28.18
C PHE A 422 -33.38 7.51 -29.02
N PRO A 423 -32.92 8.59 -28.35
CA PRO A 423 -32.36 9.74 -29.06
C PRO A 423 -31.06 9.35 -29.76
N TYR A 424 -30.76 9.98 -30.89
CA TYR A 424 -29.56 9.64 -31.66
C TYR A 424 -28.58 10.79 -31.89
N ASN A 425 -27.30 10.45 -31.74
CA ASN A 425 -26.19 11.37 -31.97
C ASN A 425 -25.25 10.83 -33.05
N MET A 426 -24.18 11.58 -33.30
CA MET A 426 -23.14 11.18 -34.22
C MET A 426 -21.80 11.59 -33.62
N ASP A 427 -20.76 10.81 -33.90
CA ASP A 427 -19.41 11.19 -33.48
C ASP A 427 -18.91 12.28 -34.45
N TRP A 428 -17.66 12.72 -34.31
CA TRP A 428 -17.14 13.78 -35.18
C TRP A 428 -17.10 13.37 -36.67
N ARG A 429 -17.49 12.13 -36.92
CA ARG A 429 -17.58 11.59 -38.27
C ARG A 429 -19.06 11.30 -38.57
N GLY A 430 -19.33 10.45 -39.55
CA GLY A 430 -20.71 10.15 -39.92
C GLY A 430 -21.50 9.24 -38.99
N ARG A 431 -20.80 8.27 -38.39
CA ARG A 431 -21.43 7.21 -37.58
C ARG A 431 -22.47 7.62 -36.55
N VAL A 432 -23.63 6.95 -36.58
CA VAL A 432 -24.78 7.25 -35.73
C VAL A 432 -24.78 6.43 -34.44
N TYR A 433 -24.99 7.12 -33.30
CA TYR A 433 -24.98 6.49 -31.99
C TYR A 433 -26.25 6.78 -31.18
N ALA A 434 -26.70 5.79 -30.40
CA ALA A 434 -27.84 5.96 -29.52
C ALA A 434 -27.33 6.57 -28.21
N VAL A 435 -27.96 7.68 -27.80
CA VAL A 435 -27.51 8.45 -26.64
C VAL A 435 -27.61 7.72 -25.29
N SER A 436 -28.71 7.00 -25.06
CA SER A 436 -28.92 6.29 -23.81
C SER A 436 -27.92 5.13 -23.61
N MET A 437 -27.82 4.66 -22.37
CA MET A 437 -26.91 3.55 -22.04
C MET A 437 -27.49 2.23 -22.57
N PHE A 438 -28.78 2.01 -22.30
CA PHE A 438 -29.50 0.84 -22.76
C PHE A 438 -29.87 1.08 -24.23
N ASN A 439 -29.25 0.29 -25.11
CA ASN A 439 -29.38 0.50 -26.56
C ASN A 439 -29.73 -0.75 -27.37
N PRO A 440 -30.36 -0.55 -28.55
CA PRO A 440 -30.53 -1.65 -29.50
C PRO A 440 -29.20 -1.96 -30.18
N GLN A 441 -28.17 -1.19 -29.84
CA GLN A 441 -26.82 -1.35 -30.39
C GLN A 441 -25.90 -2.11 -29.42
N GLY A 442 -26.45 -2.55 -28.30
CA GLY A 442 -25.68 -3.28 -27.29
C GLY A 442 -25.36 -4.72 -27.67
N ASN A 443 -25.04 -5.53 -26.67
CA ASN A 443 -24.71 -6.94 -26.88
C ASN A 443 -25.93 -7.84 -27.11
N ASP A 444 -25.69 -9.14 -27.23
CA ASP A 444 -26.71 -10.16 -27.48
C ASP A 444 -27.95 -10.04 -26.57
N MET A 445 -27.71 -9.98 -25.26
CA MET A 445 -28.79 -9.89 -24.28
C MET A 445 -29.59 -8.59 -24.43
N THR A 446 -28.87 -7.47 -24.50
CA THR A 446 -29.49 -6.15 -24.61
C THR A 446 -30.33 -6.02 -25.88
N LYS A 447 -29.82 -6.56 -27.00
CA LYS A 447 -30.55 -6.56 -28.26
C LYS A 447 -31.75 -7.49 -28.21
N GLY A 448 -31.59 -8.62 -27.50
CA GLY A 448 -32.66 -9.61 -27.34
C GLY A 448 -33.81 -9.10 -26.49
N LEU A 449 -33.47 -8.26 -25.51
CA LEU A 449 -34.48 -7.67 -24.61
C LEU A 449 -35.31 -6.61 -25.31
N LEU A 450 -34.87 -6.17 -26.49
CA LEU A 450 -35.56 -5.15 -27.27
C LEU A 450 -36.20 -5.67 -28.56
N THR A 451 -37.30 -5.04 -28.94
CA THR A 451 -38.02 -5.34 -30.17
C THR A 451 -38.81 -4.11 -30.62
N LEU A 452 -39.17 -4.06 -31.89
CA LEU A 452 -39.91 -2.92 -32.44
C LEU A 452 -41.36 -2.92 -31.97
N ALA A 453 -41.93 -1.73 -31.83
CA ALA A 453 -43.30 -1.57 -31.32
C ALA A 453 -44.39 -1.80 -32.37
N LYS A 454 -44.32 -1.03 -33.47
CA LYS A 454 -45.30 -1.13 -34.54
C LYS A 454 -44.92 -2.18 -35.59
N GLY A 455 -45.79 -3.18 -35.74
CA GLY A 455 -45.57 -4.27 -36.68
C GLY A 455 -46.47 -4.20 -37.91
N LYS A 456 -45.99 -4.81 -39.00
CA LYS A 456 -46.72 -4.84 -40.25
C LYS A 456 -46.94 -6.31 -40.63
N PRO A 457 -48.20 -6.68 -40.92
CA PRO A 457 -48.52 -8.07 -41.22
C PRO A 457 -48.42 -8.46 -42.72
N ILE A 458 -47.51 -9.35 -43.12
CA ILE A 458 -46.47 -10.01 -42.27
C ILE A 458 -45.85 -11.25 -42.96
N GLY A 459 -46.66 -12.27 -43.17
CA GLY A 459 -46.19 -13.57 -43.65
C GLY A 459 -45.80 -13.72 -45.10
N LYS A 460 -45.48 -14.98 -45.45
CA LYS A 460 -45.06 -15.38 -46.80
C LYS A 460 -43.72 -14.77 -47.21
N GLU A 461 -43.71 -13.45 -47.42
CA GLU A 461 -42.50 -12.72 -47.79
C GLU A 461 -41.62 -12.50 -46.56
N GLY A 462 -42.25 -12.09 -45.46
CA GLY A 462 -41.54 -11.82 -44.21
C GLY A 462 -41.12 -13.09 -43.46
N TYR A 463 -41.96 -14.12 -43.52
CA TYR A 463 -41.68 -15.40 -42.86
C TYR A 463 -40.42 -16.09 -43.41
N TYR A 464 -40.10 -15.78 -44.68
CA TYR A 464 -38.90 -16.31 -45.33
C TYR A 464 -37.64 -15.75 -44.67
N TRP A 465 -37.55 -14.42 -44.59
CA TRP A 465 -36.42 -13.74 -43.97
C TRP A 465 -36.40 -13.83 -42.44
N LEU A 466 -37.53 -14.19 -41.84
CA LEU A 466 -37.61 -14.41 -40.40
C LEU A 466 -36.78 -15.63 -40.04
N LYS A 467 -36.84 -16.66 -40.88
CA LYS A 467 -36.06 -17.87 -40.71
C LYS A 467 -34.59 -17.64 -41.03
N ILE A 468 -34.32 -16.69 -41.94
CA ILE A 468 -32.96 -16.31 -42.30
C ILE A 468 -32.28 -15.63 -41.10
N HIS A 469 -33.03 -14.75 -40.43
CA HIS A 469 -32.56 -14.08 -39.22
C HIS A 469 -32.32 -15.07 -38.09
N GLY A 470 -33.19 -16.09 -38.01
CA GLY A 470 -33.06 -17.16 -37.02
C GLY A 470 -31.79 -17.94 -37.20
N ALA A 471 -31.46 -18.22 -38.46
CA ALA A 471 -30.22 -18.92 -38.81
C ALA A 471 -29.00 -18.07 -38.47
N ASN A 472 -29.10 -16.78 -38.77
CA ASN A 472 -28.02 -15.81 -38.50
C ASN A 472 -27.69 -15.68 -37.02
N CYS A 473 -28.71 -15.79 -36.16
CA CYS A 473 -28.52 -15.76 -34.72
C CYS A 473 -27.74 -16.98 -34.24
N ALA A 474 -27.94 -18.11 -34.93
CA ALA A 474 -27.20 -19.33 -34.67
C ALA A 474 -25.88 -19.28 -35.43
N GLY A 475 -25.03 -20.28 -35.24
CA GLY A 475 -23.73 -20.34 -35.92
C GLY A 475 -23.83 -20.73 -37.39
N VAL A 476 -24.85 -20.19 -38.07
CA VAL A 476 -25.10 -20.48 -39.48
C VAL A 476 -25.37 -19.17 -40.24
N ASP A 477 -24.30 -18.56 -40.75
CA ASP A 477 -24.42 -17.30 -41.49
C ASP A 477 -23.45 -17.17 -42.68
N LYS A 478 -22.71 -18.24 -42.95
CA LYS A 478 -21.77 -18.27 -44.08
C LYS A 478 -22.12 -19.39 -45.08
N VAL A 479 -23.42 -19.57 -45.30
CA VAL A 479 -23.92 -20.62 -46.20
C VAL A 479 -25.20 -20.12 -46.92
N PRO A 480 -25.39 -20.52 -48.21
CA PRO A 480 -26.57 -20.15 -49.00
C PRO A 480 -27.91 -20.15 -48.27
N PHE A 481 -28.79 -19.22 -48.65
CA PHE A 481 -30.11 -19.05 -48.03
C PHE A 481 -30.99 -20.29 -48.00
N PRO A 482 -31.09 -21.04 -49.14
CA PRO A 482 -31.90 -22.27 -49.12
C PRO A 482 -31.43 -23.27 -48.06
N GLU A 483 -30.14 -23.28 -47.76
CA GLU A 483 -29.58 -24.17 -46.74
C GLU A 483 -29.84 -23.61 -45.34
N ARG A 484 -29.93 -22.28 -45.23
CA ARG A 484 -30.27 -21.63 -43.97
C ARG A 484 -31.71 -21.94 -43.58
N ILE A 485 -32.58 -21.92 -44.59
CA ILE A 485 -33.99 -22.28 -44.43
C ILE A 485 -34.08 -23.76 -44.01
N LYS A 486 -33.23 -24.59 -44.63
CA LYS A 486 -33.18 -26.02 -44.34
C LYS A 486 -32.79 -26.28 -42.88
N PHE A 487 -31.83 -25.50 -42.38
CA PHE A 487 -31.36 -25.62 -40.98
C PHE A 487 -32.49 -25.36 -39.98
N ILE A 488 -33.32 -24.37 -40.27
CA ILE A 488 -34.47 -24.02 -39.42
C ILE A 488 -35.56 -25.10 -39.49
N GLU A 489 -35.86 -25.54 -40.71
CA GLU A 489 -36.90 -26.55 -40.94
C GLU A 489 -36.52 -27.93 -40.39
N GLU A 490 -35.21 -28.18 -40.23
CA GLU A 490 -34.73 -29.43 -39.64
C GLU A 490 -34.91 -29.42 -38.12
N ASN A 491 -34.65 -28.26 -37.51
CA ASN A 491 -34.75 -28.11 -36.06
C ASN A 491 -36.10 -27.57 -35.59
N HIS A 492 -37.16 -27.95 -36.29
CA HIS A 492 -38.52 -27.53 -35.95
C HIS A 492 -38.95 -28.12 -34.59
N GLU A 493 -38.35 -29.24 -34.21
CA GLU A 493 -38.58 -29.87 -32.91
C GLU A 493 -37.74 -29.22 -31.82
N ASN A 494 -36.53 -28.78 -32.19
CA ASN A 494 -35.65 -28.07 -31.28
C ASN A 494 -36.22 -26.68 -30.96
N ILE A 495 -36.70 -26.01 -32.00
CA ILE A 495 -37.45 -24.76 -31.84
C ILE A 495 -38.87 -25.20 -31.41
N MET A 496 -39.74 -24.27 -31.09
CA MET A 496 -41.09 -24.56 -30.59
C MET A 496 -41.02 -25.07 -29.14
N ALA A 497 -40.10 -26.01 -28.89
CA ALA A 497 -39.85 -26.55 -27.56
C ALA A 497 -39.11 -25.53 -26.69
N CYS A 498 -38.25 -24.74 -27.32
CA CYS A 498 -37.52 -23.67 -26.61
C CYS A 498 -38.46 -22.51 -26.31
N ALA A 499 -39.51 -22.37 -27.14
CA ALA A 499 -40.53 -21.36 -26.93
C ALA A 499 -41.56 -21.86 -25.92
N LYS A 500 -41.70 -23.18 -25.84
CA LYS A 500 -42.60 -23.85 -24.90
C LYS A 500 -42.12 -23.62 -23.47
N SER A 501 -40.89 -24.07 -23.19
CA SER A 501 -40.26 -23.91 -21.88
C SER A 501 -38.77 -23.59 -22.04
N PRO A 502 -38.44 -22.29 -22.16
CA PRO A 502 -37.05 -21.84 -22.32
C PRO A 502 -36.16 -22.11 -21.11
N LEU A 503 -36.77 -22.15 -19.92
CA LEU A 503 -36.04 -22.42 -18.68
C LEU A 503 -35.72 -23.91 -18.56
N GLU A 504 -36.55 -24.74 -19.17
CA GLU A 504 -36.38 -26.19 -19.15
C GLU A 504 -35.51 -26.65 -20.32
N ASN A 505 -35.71 -26.05 -21.49
CA ASN A 505 -34.95 -26.38 -22.70
C ASN A 505 -33.91 -25.29 -23.00
N THR A 506 -32.64 -25.63 -22.82
CA THR A 506 -31.55 -24.66 -22.99
C THR A 506 -30.69 -24.89 -24.25
N TRP A 507 -31.35 -25.24 -25.37
CA TRP A 507 -30.64 -25.44 -26.63
C TRP A 507 -30.28 -24.12 -27.30
N TRP A 508 -31.16 -23.13 -27.13
CA TRP A 508 -30.96 -21.79 -27.68
C TRP A 508 -29.77 -21.08 -27.04
N ALA A 509 -29.44 -21.47 -25.81
CA ALA A 509 -28.33 -20.92 -25.05
C ALA A 509 -26.98 -21.30 -25.65
N GLU A 510 -26.95 -22.45 -26.32
CA GLU A 510 -25.74 -22.98 -26.96
C GLU A 510 -25.41 -22.26 -28.27
N GLN A 511 -26.39 -21.53 -28.81
CA GLN A 511 -26.24 -20.85 -30.10
C GLN A 511 -25.33 -19.63 -30.05
N ASP A 512 -24.91 -19.17 -31.23
CA ASP A 512 -23.99 -18.04 -31.40
C ASP A 512 -24.50 -16.77 -30.71
N SER A 513 -25.78 -16.48 -30.87
CA SER A 513 -26.44 -15.34 -30.22
C SER A 513 -27.62 -15.86 -29.39
N PRO A 514 -27.35 -16.28 -28.13
CA PRO A 514 -28.33 -16.89 -27.22
C PRO A 514 -29.70 -16.19 -27.14
N PHE A 515 -29.73 -14.98 -26.58
CA PHE A 515 -30.98 -14.24 -26.37
C PHE A 515 -31.66 -13.79 -27.67
N CYS A 516 -30.86 -13.45 -28.68
CA CYS A 516 -31.40 -13.03 -29.98
C CYS A 516 -32.06 -14.19 -30.72
N PHE A 517 -31.51 -15.39 -30.54
CA PHE A 517 -32.08 -16.60 -31.13
C PHE A 517 -33.35 -16.98 -30.37
N LEU A 518 -33.36 -16.71 -29.07
CA LEU A 518 -34.52 -16.96 -28.22
C LEU A 518 -35.68 -16.05 -28.62
N ALA A 519 -35.35 -14.81 -28.97
CA ALA A 519 -36.34 -13.83 -29.44
C ALA A 519 -36.99 -14.29 -30.73
N PHE A 520 -36.21 -15.00 -31.54
CA PHE A 520 -36.69 -15.60 -32.79
C PHE A 520 -37.58 -16.81 -32.49
N CYS A 521 -37.20 -17.60 -31.50
CA CYS A 521 -37.93 -18.82 -31.11
C CYS A 521 -39.37 -18.55 -30.66
N PHE A 522 -39.56 -17.51 -29.84
CA PHE A 522 -40.90 -17.11 -29.40
C PHE A 522 -41.70 -16.56 -30.56
N GLU A 523 -41.01 -15.91 -31.49
CA GLU A 523 -41.64 -15.31 -32.66
C GLU A 523 -41.97 -16.32 -33.75
N TYR A 524 -41.12 -17.36 -33.85
CA TYR A 524 -41.32 -18.43 -34.83
C TYR A 524 -42.51 -19.30 -34.42
N ALA A 525 -42.68 -19.49 -33.12
CA ALA A 525 -43.79 -20.27 -32.57
C ALA A 525 -45.11 -19.54 -32.74
N GLY A 526 -45.06 -18.20 -32.72
CA GLY A 526 -46.23 -17.36 -32.89
C GLY A 526 -46.84 -17.48 -34.28
N VAL A 527 -45.98 -17.69 -35.28
CA VAL A 527 -46.42 -17.86 -36.67
C VAL A 527 -47.08 -19.23 -36.85
N GLN A 528 -46.52 -20.25 -36.20
CA GLN A 528 -47.01 -21.62 -36.31
C GLN A 528 -48.40 -21.83 -35.68
N HIS A 529 -48.76 -20.98 -34.72
CA HIS A 529 -50.05 -21.10 -34.04
C HIS A 529 -51.14 -20.17 -34.57
N HIS A 530 -50.75 -19.00 -35.04
CA HIS A 530 -51.71 -18.00 -35.56
C HIS A 530 -51.80 -18.02 -37.09
N GLY A 531 -50.72 -18.39 -37.76
CA GLY A 531 -50.67 -18.45 -39.21
C GLY A 531 -49.80 -17.37 -39.83
N LEU A 532 -50.00 -17.12 -41.12
CA LEU A 532 -49.24 -16.09 -41.85
C LEU A 532 -49.87 -14.69 -41.71
N SER A 533 -50.84 -14.58 -40.81
CA SER A 533 -51.49 -13.30 -40.51
C SER A 533 -50.97 -12.77 -39.17
N TYR A 534 -50.26 -13.62 -38.44
CA TYR A 534 -49.65 -13.28 -37.15
C TYR A 534 -48.69 -12.10 -37.29
N ASN A 535 -49.13 -10.94 -36.80
CA ASN A 535 -48.32 -9.71 -36.86
C ASN A 535 -47.02 -9.85 -36.08
N CYS A 536 -45.92 -9.50 -36.74
CA CYS A 536 -44.58 -9.59 -36.15
C CYS A 536 -43.83 -8.27 -36.26
N SER A 537 -43.00 -7.98 -35.27
CA SER A 537 -42.22 -6.75 -35.23
C SER A 537 -40.76 -6.97 -34.80
N LEU A 538 -40.25 -8.17 -35.04
CA LEU A 538 -38.87 -8.51 -34.71
C LEU A 538 -37.92 -7.93 -35.75
N PRO A 539 -36.90 -7.17 -35.30
CA PRO A 539 -35.93 -6.60 -36.24
C PRO A 539 -35.03 -7.66 -36.86
N LEU A 540 -34.99 -7.68 -38.19
CA LEU A 540 -34.16 -8.65 -38.92
C LEU A 540 -32.90 -7.97 -39.43
N ALA A 541 -31.79 -8.24 -38.76
CA ALA A 541 -30.50 -7.59 -39.06
C ALA A 541 -29.84 -8.05 -40.35
N PHE A 542 -29.27 -7.10 -41.08
CA PHE A 542 -28.53 -7.37 -42.31
C PHE A 542 -27.15 -6.69 -42.22
N ASP A 543 -26.13 -7.50 -41.97
CA ASP A 543 -24.76 -7.00 -41.74
C ASP A 543 -23.88 -7.12 -42.97
N GLY A 544 -23.09 -6.09 -43.24
CA GLY A 544 -22.11 -6.12 -44.32
C GLY A 544 -21.00 -7.10 -43.95
N SER A 545 -20.59 -7.92 -44.91
CA SER A 545 -19.56 -8.94 -44.70
C SER A 545 -18.33 -8.39 -44.01
N CYS A 546 -17.77 -7.31 -44.56
CA CYS A 546 -16.60 -6.66 -43.99
C CYS A 546 -16.63 -5.17 -44.31
N SER A 547 -17.43 -4.42 -43.56
CA SER A 547 -17.58 -2.98 -43.72
C SER A 547 -16.22 -2.29 -43.60
N GLY A 548 -15.70 -1.88 -44.76
CA GLY A 548 -14.37 -1.27 -44.85
C GLY A 548 -13.73 -1.74 -46.13
N ILE A 549 -13.49 -3.05 -46.22
CA ILE A 549 -12.96 -3.67 -47.44
C ILE A 549 -14.06 -3.63 -48.50
N GLN A 550 -15.31 -3.70 -48.08
CA GLN A 550 -16.46 -3.57 -48.97
C GLN A 550 -16.46 -2.18 -49.60
N HIS A 551 -16.27 -1.16 -48.76
CA HIS A 551 -16.25 0.24 -49.21
C HIS A 551 -15.00 0.56 -50.03
N PHE A 552 -13.83 0.07 -49.61
CA PHE A 552 -12.59 0.24 -50.37
C PHE A 552 -12.70 -0.43 -51.74
N SER A 553 -13.41 -1.55 -51.80
CA SER A 553 -13.64 -2.27 -53.05
C SER A 553 -14.67 -1.55 -53.91
N ALA A 554 -15.55 -0.78 -53.27
CA ALA A 554 -16.59 -0.04 -53.99
C ALA A 554 -16.06 1.29 -54.53
N MET A 555 -15.28 1.99 -53.71
CA MET A 555 -14.71 3.29 -54.09
C MET A 555 -13.61 3.17 -55.14
N LEU A 556 -12.93 2.03 -55.18
CA LEU A 556 -11.88 1.77 -56.16
C LEU A 556 -12.32 0.76 -57.20
N ARG A 557 -13.48 0.13 -56.95
CA ARG A 557 -14.05 -0.89 -57.85
C ARG A 557 -13.09 -2.06 -58.05
N ASP A 558 -12.72 -2.70 -56.95
CA ASP A 558 -11.83 -3.86 -57.00
C ASP A 558 -12.56 -5.09 -57.53
N GLU A 559 -11.80 -6.15 -57.78
CA GLU A 559 -12.37 -7.39 -58.30
C GLU A 559 -12.33 -8.56 -57.31
N VAL A 560 -11.19 -8.74 -56.66
CA VAL A 560 -10.04 -7.88 -56.86
C VAL A 560 -10.24 -6.51 -56.23
N GLY A 561 -10.83 -6.50 -55.03
CA GLY A 561 -11.26 -7.72 -54.39
C GLY A 561 -12.54 -7.55 -53.58
N GLY A 562 -13.14 -8.67 -53.20
CA GLY A 562 -14.37 -8.64 -52.43
C GLY A 562 -15.53 -8.06 -53.21
N ARG A 563 -16.24 -8.91 -53.94
CA ARG A 563 -15.92 -10.33 -53.99
C ARG A 563 -15.64 -10.88 -52.59
N ALA A 564 -14.36 -11.05 -52.28
CA ALA A 564 -13.95 -11.57 -50.96
C ALA A 564 -14.82 -11.15 -49.77
N VAL A 565 -15.31 -9.92 -49.77
CA VAL A 565 -16.15 -9.41 -48.68
C VAL A 565 -17.65 -9.39 -49.04
N ASN A 566 -18.04 -10.32 -49.92
CA ASN A 566 -19.44 -10.55 -50.32
C ASN A 566 -20.22 -9.40 -50.98
N LEU A 567 -19.52 -8.45 -51.59
CA LEU A 567 -20.19 -7.34 -52.29
C LEU A 567 -20.86 -7.74 -53.60
N LEU A 568 -20.35 -8.79 -54.24
CA LEU A 568 -20.92 -9.29 -55.49
C LEU A 568 -21.82 -10.50 -55.24
N PRO A 569 -22.92 -10.61 -56.02
CA PRO A 569 -23.83 -11.76 -55.90
C PRO A 569 -23.17 -13.08 -56.29
N SER A 570 -23.07 -13.99 -55.34
CA SER A 570 -22.47 -15.31 -55.56
C SER A 570 -23.30 -16.39 -54.90
N GLU A 571 -23.24 -17.61 -55.45
CA GLU A 571 -23.97 -18.74 -54.90
C GLU A 571 -23.31 -19.22 -53.61
N THR A 572 -21.98 -19.09 -53.55
CA THR A 572 -21.21 -19.47 -52.37
C THR A 572 -20.82 -18.23 -51.54
N VAL A 573 -20.66 -18.42 -50.24
CA VAL A 573 -20.30 -17.33 -49.34
C VAL A 573 -18.78 -17.12 -49.36
N GLN A 574 -18.38 -15.91 -49.75
CA GLN A 574 -16.96 -15.56 -49.84
C GLN A 574 -16.41 -15.25 -48.44
N ASP A 575 -15.61 -16.17 -47.93
CA ASP A 575 -15.01 -16.02 -46.61
C ASP A 575 -13.57 -15.54 -46.74
N ILE A 576 -13.38 -14.21 -46.68
CA ILE A 576 -12.07 -13.58 -46.82
C ILE A 576 -11.06 -14.08 -45.77
N TYR A 577 -11.55 -14.42 -44.59
CA TYR A 577 -10.72 -14.92 -43.50
C TYR A 577 -10.24 -16.33 -43.78
N GLY A 578 -11.04 -17.07 -44.54
CA GLY A 578 -10.71 -18.45 -44.95
C GLY A 578 -9.79 -18.49 -46.16
N ILE A 579 -9.89 -17.48 -47.02
CA ILE A 579 -9.05 -17.36 -48.22
C ILE A 579 -7.60 -17.04 -47.83
N VAL A 580 -7.44 -16.18 -46.83
CA VAL A 580 -6.12 -15.82 -46.32
C VAL A 580 -5.47 -17.02 -45.62
N ALA A 581 -6.26 -17.71 -44.77
CA ALA A 581 -5.80 -18.90 -44.06
C ALA A 581 -5.36 -20.00 -45.02
N LYS A 582 -6.02 -20.06 -46.18
CA LYS A 582 -5.67 -21.01 -47.24
C LYS A 582 -4.28 -20.70 -47.78
N LYS A 583 -3.97 -19.41 -47.91
CA LYS A 583 -2.66 -18.96 -48.39
C LYS A 583 -1.61 -19.11 -47.28
N VAL A 584 -2.05 -18.97 -46.03
CA VAL A 584 -1.17 -19.14 -44.86
C VAL A 584 -0.73 -20.60 -44.77
N ASN A 585 -1.69 -21.53 -44.85
CA ASN A 585 -1.43 -22.97 -44.81
C ASN A 585 -0.56 -23.44 -45.98
N GLU A 586 -0.61 -22.69 -47.08
CA GLU A 586 0.18 -22.99 -48.27
C GLU A 586 1.66 -22.68 -48.02
N ILE A 587 1.92 -21.60 -47.31
CA ILE A 587 3.29 -21.19 -46.96
C ILE A 587 3.76 -22.01 -45.75
N LEU A 588 2.82 -22.37 -44.88
CA LEU A 588 3.09 -23.15 -43.67
C LEU A 588 3.60 -24.55 -44.00
N GLN A 589 3.07 -25.14 -45.07
CA GLN A 589 3.49 -26.46 -45.53
C GLN A 589 4.87 -26.41 -46.21
N ALA A 590 5.18 -25.27 -46.81
CA ALA A 590 6.46 -25.07 -47.49
C ALA A 590 7.63 -25.01 -46.52
N ASP A 591 7.39 -24.44 -45.34
CA ASP A 591 8.40 -24.31 -44.29
C ASP A 591 8.57 -25.60 -43.47
N ALA A 592 7.56 -26.46 -43.54
CA ALA A 592 7.56 -27.72 -42.79
C ALA A 592 8.65 -28.69 -43.22
N ILE A 593 8.90 -28.76 -44.53
CA ILE A 593 9.92 -29.67 -45.07
C ILE A 593 11.20 -28.93 -45.46
N ASN A 594 11.06 -27.67 -45.86
CA ASN A 594 12.21 -26.85 -46.28
C ASN A 594 12.18 -25.48 -45.61
N GLY A 595 12.95 -25.34 -44.52
CA GLY A 595 13.02 -24.09 -43.77
C GLY A 595 14.27 -23.93 -42.92
N THR A 596 14.15 -23.09 -41.89
CA THR A 596 15.28 -22.78 -41.01
C THR A 596 15.32 -23.71 -39.80
N ASP A 597 16.53 -24.02 -39.35
CA ASP A 597 16.75 -24.87 -38.18
C ASP A 597 16.85 -24.02 -36.90
N ASN A 598 16.80 -24.67 -35.75
CA ASN A 598 16.86 -24.00 -34.45
C ASN A 598 18.23 -23.42 -34.13
N GLU A 599 18.26 -22.17 -33.67
CA GLU A 599 19.49 -21.47 -33.33
C GLU A 599 19.55 -21.12 -31.84
N VAL A 600 20.75 -20.76 -31.38
CA VAL A 600 20.97 -20.32 -30.00
C VAL A 600 21.60 -18.92 -30.01
N VAL A 601 20.76 -17.91 -29.76
CA VAL A 601 21.19 -16.50 -29.79
C VAL A 601 22.10 -16.10 -28.63
N THR A 602 22.07 -16.88 -27.55
CA THR A 602 22.87 -16.65 -26.32
C THR A 602 23.09 -15.18 -25.96
N VAL A 603 22.04 -14.55 -25.45
CA VAL A 603 22.08 -13.14 -25.05
C VAL A 603 22.15 -13.01 -23.53
N THR A 604 23.23 -12.39 -23.05
CA THR A 604 23.45 -12.18 -21.62
C THR A 604 23.92 -10.76 -21.31
N ILE A 611 23.92 -19.80 -18.98
CA ILE A 611 23.08 -18.64 -18.72
C ILE A 611 23.85 -17.31 -18.85
N SER A 612 23.25 -16.31 -19.50
CA SER A 612 21.91 -16.41 -20.08
C SER A 612 21.94 -16.78 -21.56
N GLU A 613 21.22 -17.84 -21.91
CA GLU A 613 21.13 -18.33 -23.29
C GLU A 613 19.76 -18.94 -23.56
N LYS A 614 19.18 -18.62 -24.72
CA LYS A 614 17.88 -19.16 -25.11
C LYS A 614 17.88 -19.69 -26.55
N VAL A 615 16.95 -20.59 -26.83
CA VAL A 615 16.83 -21.22 -28.14
C VAL A 615 15.84 -20.48 -29.04
N LYS A 616 16.32 -20.01 -30.19
CA LYS A 616 15.48 -19.35 -31.18
C LYS A 616 15.07 -20.39 -32.23
N LEU A 617 13.79 -20.73 -32.23
CA LEU A 617 13.24 -21.73 -33.14
C LEU A 617 13.24 -21.29 -34.59
N GLY A 618 13.63 -22.20 -35.49
CA GLY A 618 13.66 -21.92 -36.92
C GLY A 618 12.29 -22.09 -37.53
N THR A 619 12.14 -21.64 -38.79
CA THR A 619 10.85 -21.71 -39.49
C THR A 619 10.25 -23.11 -39.60
N LYS A 620 11.09 -24.14 -39.54
CA LYS A 620 10.64 -25.52 -39.54
C LYS A 620 9.92 -25.87 -38.24
N ALA A 621 10.46 -25.39 -37.13
CA ALA A 621 9.91 -25.65 -35.81
C ALA A 621 8.53 -25.02 -35.61
N LEU A 622 8.40 -23.74 -35.96
CA LEU A 622 7.12 -23.04 -35.83
C LEU A 622 6.06 -23.57 -36.79
N ALA A 623 6.49 -23.97 -37.99
CA ALA A 623 5.59 -24.54 -38.99
C ALA A 623 4.91 -25.81 -38.49
N GLY A 624 5.69 -26.65 -37.80
CA GLY A 624 5.19 -27.89 -37.23
C GLY A 624 4.23 -27.65 -36.06
N GLN A 625 4.52 -26.61 -35.27
CA GLN A 625 3.69 -26.26 -34.11
C GLN A 625 2.31 -25.75 -34.53
N TRP A 626 2.26 -24.98 -35.63
CA TRP A 626 1.01 -24.45 -36.15
C TRP A 626 0.17 -25.50 -36.88
N LEU A 627 0.85 -26.43 -37.57
CA LEU A 627 0.17 -27.53 -38.27
C LEU A 627 -0.41 -28.54 -37.27
N ALA A 628 0.19 -28.61 -36.08
CA ALA A 628 -0.28 -29.49 -35.02
C ALA A 628 -1.38 -28.81 -34.18
N TYR A 629 -1.79 -27.62 -34.61
CA TYR A 629 -2.83 -26.86 -33.95
C TYR A 629 -4.02 -26.63 -34.88
N GLY A 630 -3.71 -26.39 -36.16
CA GLY A 630 -4.74 -26.13 -37.16
C GLY A 630 -5.05 -24.66 -37.31
N VAL A 631 -4.42 -24.03 -38.30
CA VAL A 631 -4.63 -22.61 -38.58
C VAL A 631 -5.86 -22.42 -39.45
N THR A 632 -6.95 -22.01 -38.81
CA THR A 632 -8.23 -21.80 -39.50
C THR A 632 -8.51 -20.32 -39.74
N ARG A 633 -9.77 -20.00 -40.02
CA ARG A 633 -10.20 -18.62 -40.30
C ARG A 633 -10.15 -17.72 -39.06
N SER A 634 -10.31 -18.33 -37.88
CA SER A 634 -10.32 -17.59 -36.61
C SER A 634 -8.96 -17.03 -36.22
N VAL A 635 -7.89 -17.67 -36.69
CA VAL A 635 -6.52 -17.26 -36.39
C VAL A 635 -6.18 -15.94 -37.12
N THR A 636 -6.66 -15.82 -38.35
CA THR A 636 -6.41 -14.64 -39.18
C THR A 636 -7.58 -13.64 -39.16
N LYS A 637 -8.66 -14.02 -38.49
CA LYS A 637 -9.89 -13.22 -38.43
C LYS A 637 -9.66 -11.74 -38.10
N ARG A 638 -9.08 -11.48 -36.92
CA ARG A 638 -8.87 -10.10 -36.47
C ARG A 638 -7.71 -9.44 -37.24
N SER A 639 -6.74 -10.25 -37.66
CA SER A 639 -5.55 -9.76 -38.39
C SER A 639 -5.89 -9.16 -39.75
N VAL A 640 -6.83 -9.78 -40.47
CA VAL A 640 -7.27 -9.29 -41.79
C VAL A 640 -8.05 -7.98 -41.64
N MET A 641 -8.83 -7.87 -40.57
CA MET A 641 -9.62 -6.68 -40.30
C MET A 641 -8.76 -5.49 -39.90
N THR A 642 -7.89 -5.69 -38.90
CA THR A 642 -7.04 -4.63 -38.35
C THR A 642 -6.12 -3.96 -39.39
N LEU A 643 -5.68 -4.74 -40.38
CA LEU A 643 -4.84 -4.20 -41.46
C LEU A 643 -5.62 -3.10 -42.20
N ALA A 644 -6.91 -3.36 -42.44
CA ALA A 644 -7.80 -2.40 -43.10
C ALA A 644 -8.03 -1.14 -42.25
N TYR A 645 -7.34 -1.08 -41.12
CA TYR A 645 -7.39 0.07 -40.23
C TYR A 645 -5.98 0.61 -39.98
N GLY A 646 -5.07 0.36 -40.94
CA GLY A 646 -3.69 0.84 -40.88
C GLY A 646 -2.83 0.20 -39.80
N SER A 647 -2.76 -1.12 -39.81
CA SER A 647 -1.96 -1.87 -38.84
C SER A 647 -0.62 -2.33 -39.44
N LYS A 648 0.31 -2.74 -38.57
CA LYS A 648 1.62 -3.22 -39.00
C LYS A 648 1.94 -4.62 -38.48
N GLU A 649 3.02 -5.20 -38.99
CA GLU A 649 3.45 -6.57 -38.65
C GLU A 649 3.59 -6.81 -37.15
N PHE A 650 4.26 -5.89 -36.46
CA PHE A 650 4.47 -5.99 -35.00
C PHE A 650 3.14 -6.02 -34.27
N GLY A 651 2.16 -5.27 -34.79
CA GLY A 651 0.82 -5.22 -34.23
C GLY A 651 0.06 -6.53 -34.31
N PHE A 652 0.30 -7.28 -35.38
CA PHE A 652 -0.33 -8.59 -35.57
C PHE A 652 0.17 -9.62 -34.56
N ARG A 653 1.45 -9.53 -34.21
CA ARG A 653 2.05 -10.43 -33.22
C ARG A 653 1.29 -10.37 -31.90
N GLN A 654 0.94 -9.16 -31.47
CA GLN A 654 0.20 -8.94 -30.24
C GLN A 654 -1.22 -9.51 -30.31
N GLN A 655 -1.82 -9.44 -31.50
CA GLN A 655 -3.19 -9.93 -31.72
C GLN A 655 -3.26 -11.46 -31.64
N VAL A 656 -2.43 -12.13 -32.44
CA VAL A 656 -2.40 -13.60 -32.51
C VAL A 656 -2.04 -14.20 -31.13
N LEU A 657 -1.16 -13.53 -30.40
CA LEU A 657 -0.75 -13.97 -29.07
C LEU A 657 -1.92 -13.91 -28.08
N GLU A 658 -2.71 -12.83 -28.16
CA GLU A 658 -3.86 -12.62 -27.27
C GLU A 658 -5.08 -13.44 -27.68
N ASP A 659 -5.32 -13.56 -28.97
CA ASP A 659 -6.51 -14.23 -29.50
C ASP A 659 -6.36 -15.72 -29.76
N THR A 660 -5.13 -16.18 -30.02
CA THR A 660 -4.90 -17.59 -30.36
C THR A 660 -3.95 -18.34 -29.41
N ILE A 661 -2.73 -17.84 -29.25
CA ILE A 661 -1.71 -18.52 -28.43
C ILE A 661 -2.07 -18.63 -26.94
N GLN A 662 -2.18 -17.49 -26.26
CA GLN A 662 -2.43 -17.47 -24.81
C GLN A 662 -3.67 -18.28 -24.36
N PRO A 663 -4.83 -18.09 -25.03
CA PRO A 663 -6.01 -18.88 -24.63
C PRO A 663 -5.84 -20.40 -24.85
N ALA A 664 -4.99 -20.77 -25.80
CA ALA A 664 -4.71 -22.19 -26.08
C ALA A 664 -3.89 -22.82 -24.94
N ILE A 665 -2.91 -22.07 -24.42
CA ILE A 665 -2.12 -22.51 -23.27
C ILE A 665 -3.01 -22.59 -22.03
N ASP A 666 -3.88 -21.59 -21.87
CA ASP A 666 -4.81 -21.51 -20.75
C ASP A 666 -5.85 -22.63 -20.78
N SER A 667 -6.20 -23.08 -21.98
CA SER A 667 -7.18 -24.15 -22.15
C SER A 667 -6.51 -25.54 -22.10
N GLY A 668 -5.19 -25.55 -22.01
CA GLY A 668 -4.42 -26.79 -21.98
C GLY A 668 -4.34 -27.48 -23.33
N LYS A 669 -4.44 -26.67 -24.39
CA LYS A 669 -4.40 -27.17 -25.76
C LYS A 669 -3.36 -26.40 -26.57
N GLY A 670 -2.44 -25.72 -25.87
CA GLY A 670 -1.38 -24.95 -26.50
C GLY A 670 0.01 -25.41 -26.10
N LEU A 671 0.16 -26.73 -25.91
CA LEU A 671 1.44 -27.32 -25.53
C LEU A 671 2.44 -27.36 -26.67
N MET A 672 1.99 -26.99 -27.87
CA MET A 672 2.86 -26.92 -29.06
C MET A 672 3.80 -25.72 -28.93
N PHE A 673 3.22 -24.57 -28.60
CA PHE A 673 3.96 -23.32 -28.50
C PHE A 673 4.94 -23.31 -27.31
N THR A 674 6.14 -23.81 -27.55
CA THR A 674 7.20 -23.83 -26.54
C THR A 674 7.75 -22.41 -26.35
N GLN A 675 7.79 -21.65 -27.44
CA GLN A 675 8.21 -20.26 -27.42
C GLN A 675 7.04 -19.45 -27.98
N PRO A 676 6.07 -19.09 -27.12
CA PRO A 676 4.81 -18.44 -27.50
C PRO A 676 4.93 -17.14 -28.30
N ASN A 677 5.87 -16.28 -27.92
CA ASN A 677 6.03 -14.98 -28.57
C ASN A 677 6.75 -15.04 -29.90
N GLN A 678 7.64 -16.02 -30.03
CA GLN A 678 8.37 -16.25 -31.26
C GLN A 678 7.42 -16.93 -32.25
N ALA A 679 6.47 -17.70 -31.72
CA ALA A 679 5.45 -18.37 -32.52
C ALA A 679 4.41 -17.37 -33.02
N ALA A 680 4.14 -16.35 -32.21
CA ALA A 680 3.20 -15.29 -32.57
C ALA A 680 3.81 -14.38 -33.65
N GLY A 681 5.12 -14.18 -33.58
CA GLY A 681 5.85 -13.36 -34.55
C GLY A 681 5.93 -14.02 -35.92
N TYR A 682 6.11 -15.34 -35.92
CA TYR A 682 6.17 -16.12 -37.16
C TYR A 682 4.85 -16.10 -37.91
N MET A 683 3.74 -16.25 -37.17
CA MET A 683 2.41 -16.24 -37.77
C MET A 683 2.06 -14.84 -38.27
N ALA A 684 2.52 -13.82 -37.54
CA ALA A 684 2.31 -12.42 -37.93
C ALA A 684 3.01 -12.10 -39.26
N LYS A 685 4.13 -12.78 -39.50
CA LYS A 685 4.90 -12.62 -40.73
C LYS A 685 4.18 -13.30 -41.90
N LEU A 686 3.58 -14.46 -41.64
CA LEU A 686 2.84 -15.20 -42.66
C LEU A 686 1.60 -14.47 -43.13
N ILE A 687 0.87 -13.87 -42.19
CA ILE A 687 -0.35 -13.11 -42.50
C ILE A 687 0.02 -11.86 -43.31
N TRP A 688 0.97 -11.08 -42.81
CA TRP A 688 1.46 -9.87 -43.47
C TRP A 688 1.75 -10.09 -44.96
N GLU A 689 2.34 -11.25 -45.28
CA GLU A 689 2.68 -11.61 -46.65
C GLU A 689 1.44 -12.05 -47.45
N SER A 690 0.65 -12.97 -46.87
CA SER A 690 -0.51 -13.55 -47.53
C SER A 690 -1.68 -12.58 -47.75
N VAL A 691 -1.95 -11.75 -46.76
CA VAL A 691 -3.06 -10.79 -46.85
C VAL A 691 -2.75 -9.61 -47.80
N SER A 692 -1.45 -9.32 -47.96
CA SER A 692 -0.98 -8.22 -48.82
C SER A 692 -1.43 -8.32 -50.27
N VAL A 693 -1.48 -9.56 -50.78
CA VAL A 693 -1.90 -9.81 -52.17
C VAL A 693 -3.40 -10.07 -52.31
N THR A 694 -4.16 -9.74 -51.26
CA THR A 694 -5.62 -9.93 -51.25
C THR A 694 -6.34 -8.59 -51.16
N VAL A 695 -5.78 -7.65 -50.40
CA VAL A 695 -6.37 -6.34 -50.24
C VAL A 695 -5.43 -5.24 -50.75
N VAL A 696 -5.05 -5.35 -52.02
CA VAL A 696 -4.15 -4.37 -52.63
C VAL A 696 -4.88 -3.07 -52.92
N ALA A 697 -5.43 -2.96 -54.12
CA ALA A 697 -6.16 -1.76 -54.53
C ALA A 697 -6.43 -0.85 -53.33
N ALA A 698 -7.37 -1.25 -52.49
CA ALA A 698 -7.73 -0.47 -51.31
C ALA A 698 -6.51 0.24 -50.74
N VAL A 699 -5.42 -0.49 -50.58
CA VAL A 699 -4.18 0.09 -50.04
C VAL A 699 -3.89 1.44 -50.67
N GLU A 700 -3.48 1.43 -51.93
CA GLU A 700 -3.16 2.65 -52.65
C GLU A 700 -4.05 3.81 -52.20
N ALA A 701 -5.36 3.57 -52.23
CA ALA A 701 -6.33 4.60 -51.83
C ALA A 701 -5.98 5.16 -50.45
N MET A 702 -5.65 4.27 -49.52
CA MET A 702 -5.25 4.65 -48.17
C MET A 702 -3.92 5.39 -48.19
N ASN A 703 -2.97 4.88 -48.96
CA ASN A 703 -1.65 5.50 -49.12
C ASN A 703 -1.75 6.89 -49.72
N TRP A 704 -2.78 7.12 -50.54
CA TRP A 704 -3.05 8.43 -51.14
C TRP A 704 -3.60 9.36 -50.07
N LEU A 705 -4.42 8.82 -49.17
CA LEU A 705 -5.00 9.57 -48.07
C LEU A 705 -3.96 9.86 -47.00
N LYS A 706 -3.12 8.86 -46.70
CA LYS A 706 -2.04 8.99 -45.72
C LYS A 706 -1.03 10.06 -46.11
N SER A 707 -0.67 10.07 -47.40
CA SER A 707 0.28 11.05 -47.93
C SER A 707 -0.29 12.45 -47.93
N ALA A 708 -1.60 12.55 -48.17
CA ALA A 708 -2.30 13.84 -48.18
C ALA A 708 -2.29 14.48 -46.80
N ALA A 709 -2.65 13.71 -45.78
CA ALA A 709 -2.72 14.18 -44.41
C ALA A 709 -1.32 14.39 -43.79
N LYS A 710 -0.35 13.60 -44.24
CA LYS A 710 1.03 13.71 -43.76
C LYS A 710 1.61 15.07 -44.12
N LEU A 711 1.41 15.48 -45.37
CA LEU A 711 1.95 16.74 -45.88
C LEU A 711 1.12 17.96 -45.46
N LEU A 712 -0.12 17.74 -45.06
CA LEU A 712 -0.97 18.83 -44.57
C LEU A 712 -0.63 19.17 -43.12
N ALA A 713 -0.31 18.15 -42.33
CA ALA A 713 0.04 18.33 -40.93
C ALA A 713 1.52 18.68 -40.73
N ALA A 714 2.27 18.68 -41.83
CA ALA A 714 3.70 19.00 -41.79
C ALA A 714 3.95 20.50 -41.74
N GLU A 715 4.94 20.90 -40.95
CA GLU A 715 5.34 22.29 -40.85
C GLU A 715 6.46 22.57 -41.86
N VAL A 716 6.38 23.71 -42.53
CA VAL A 716 7.33 24.09 -43.58
C VAL A 716 8.75 24.33 -43.04
N LYS A 717 9.73 24.19 -43.93
CA LYS A 717 11.14 24.43 -43.60
C LYS A 717 11.79 25.23 -44.75
N ASP A 718 12.83 25.99 -44.42
CA ASP A 718 13.53 26.81 -45.40
C ASP A 718 15.06 26.70 -45.24
N LYS A 719 15.79 27.17 -46.25
CA LYS A 719 17.26 27.14 -46.25
C LYS A 719 17.83 28.01 -45.13
N LYS A 720 18.10 27.36 -44.00
CA LYS A 720 18.64 28.02 -42.78
C LYS A 720 17.74 29.08 -42.14
N THR A 721 16.86 29.68 -42.95
CA THR A 721 15.90 30.68 -42.47
C THR A 721 14.73 29.97 -41.82
N GLY A 722 14.24 30.51 -40.70
CA GLY A 722 13.08 29.96 -40.00
C GLY A 722 11.79 30.54 -40.56
N GLU A 723 11.70 30.57 -41.88
CA GLU A 723 10.55 31.14 -42.59
C GLU A 723 9.32 30.24 -42.46
N ILE A 724 8.23 30.82 -41.94
CA ILE A 724 6.97 30.10 -41.76
C ILE A 724 6.10 30.34 -43.00
N LEU A 725 6.48 29.69 -44.10
CA LEU A 725 5.78 29.78 -45.38
C LEU A 725 4.36 29.21 -45.27
N ARG A 726 4.23 28.13 -44.51
CA ARG A 726 2.94 27.47 -44.28
C ARG A 726 2.95 26.72 -42.95
N LYS A 727 1.89 26.93 -42.15
CA LYS A 727 1.74 26.27 -40.87
C LYS A 727 1.12 24.88 -41.03
N ARG A 728 0.94 24.18 -39.92
CA ARG A 728 0.30 22.85 -39.91
C ARG A 728 -1.20 23.02 -40.14
N CYS A 729 -1.75 22.21 -41.03
CA CYS A 729 -3.16 22.32 -41.40
C CYS A 729 -4.03 21.13 -40.98
N ALA A 730 -5.27 21.44 -40.61
CA ALA A 730 -6.26 20.42 -40.27
C ALA A 730 -6.84 19.86 -41.56
N VAL A 731 -6.99 18.55 -41.61
CA VAL A 731 -7.54 17.88 -42.79
C VAL A 731 -9.07 18.02 -42.81
N HIS A 732 -9.60 18.56 -43.91
CA HIS A 732 -11.04 18.81 -44.03
C HIS A 732 -11.64 18.28 -45.34
N TRP A 733 -12.84 17.71 -45.22
CA TRP A 733 -13.60 17.23 -46.38
C TRP A 733 -15.10 17.21 -46.05
N VAL A 734 -15.92 17.28 -47.08
CA VAL A 734 -17.38 17.27 -46.93
C VAL A 734 -17.96 15.97 -47.50
N THR A 735 -18.72 15.27 -46.68
CA THR A 735 -19.34 14.00 -47.07
C THR A 735 -20.63 14.25 -47.88
N PRO A 736 -20.92 13.41 -48.89
CA PRO A 736 -22.06 13.48 -49.82
C PRO A 736 -23.33 14.22 -49.35
N ASP A 737 -23.88 13.84 -48.20
CA ASP A 737 -25.14 14.45 -47.73
C ASP A 737 -24.98 15.86 -47.15
N GLY A 738 -23.76 16.39 -47.16
CA GLY A 738 -23.49 17.75 -46.72
C GLY A 738 -22.83 17.94 -45.36
N PHE A 739 -22.53 16.83 -44.68
CA PHE A 739 -21.90 16.88 -43.38
C PHE A 739 -20.39 17.18 -43.51
N PRO A 740 -19.93 18.29 -42.89
CA PRO A 740 -18.51 18.62 -42.91
C PRO A 740 -17.75 17.97 -41.75
N VAL A 741 -16.53 17.51 -42.02
CA VAL A 741 -15.72 16.86 -41.00
C VAL A 741 -14.27 17.36 -41.02
N TRP A 742 -13.85 17.92 -39.88
CA TRP A 742 -12.48 18.41 -39.71
C TRP A 742 -11.66 17.44 -38.88
N GLN A 743 -10.53 17.01 -39.42
CA GLN A 743 -9.65 16.09 -38.72
C GLN A 743 -8.32 16.76 -38.36
N GLU A 744 -8.40 17.97 -37.83
CA GLU A 744 -7.21 18.72 -37.44
C GLU A 744 -6.68 18.26 -36.09
N TYR A 745 -5.61 18.92 -35.63
CA TYR A 745 -5.00 18.59 -34.35
C TYR A 745 -3.92 19.60 -33.98
N LYS A 746 -4.24 20.47 -33.03
CA LYS A 746 -3.30 21.48 -32.58
C LYS A 746 -2.34 20.92 -31.52
N LYS A 747 -1.40 21.74 -31.08
CA LYS A 747 -0.43 21.32 -30.07
C LYS A 747 -0.98 21.45 -28.64
N PRO A 748 -0.97 20.34 -27.88
CA PRO A 748 -1.41 20.36 -26.49
C PRO A 748 -0.42 21.14 -25.63
N ILE A 749 -0.91 22.22 -25.02
CA ILE A 749 -0.07 23.06 -24.16
C ILE A 749 -0.56 23.09 -22.72
N GLN A 750 0.35 23.34 -21.79
CA GLN A 750 0.02 23.39 -20.36
C GLN A 750 0.38 24.76 -19.77
N THR A 751 -0.59 25.35 -19.07
CA THR A 751 -0.40 26.64 -18.41
C THR A 751 -0.51 26.48 -16.89
N ARG A 752 0.02 27.44 -16.15
CA ARG A 752 -0.05 27.43 -14.69
C ARG A 752 -0.70 28.70 -14.14
N LEU A 753 -1.57 28.51 -13.16
CA LEU A 753 -2.25 29.65 -12.51
C LEU A 753 -1.49 30.05 -11.25
N ASN A 754 -1.58 31.32 -10.90
CA ASN A 754 -0.92 31.84 -9.70
C ASN A 754 -1.94 32.35 -8.70
N LEU A 755 -2.27 31.50 -7.73
CA LEU A 755 -3.33 31.78 -6.76
C LEU A 755 -2.83 31.86 -5.32
N MET A 756 -3.03 33.02 -4.68
CA MET A 756 -2.65 33.20 -3.28
C MET A 756 -3.69 32.51 -2.39
N PHE A 757 -3.47 31.22 -2.15
CA PHE A 757 -4.39 30.39 -1.38
C PHE A 757 -4.33 30.69 0.12
N LEU A 758 -5.46 31.14 0.67
CA LEU A 758 -5.62 31.47 2.09
C LEU A 758 -4.60 32.48 2.65
N GLY A 759 -3.93 33.20 1.76
CA GLY A 759 -2.91 34.18 2.13
C GLY A 759 -1.68 33.57 2.77
N GLN A 760 -1.53 32.26 2.64
CA GLN A 760 -0.40 31.53 3.22
C GLN A 760 0.65 31.19 2.17
N PHE A 761 0.19 30.63 1.05
CA PHE A 761 1.09 30.22 -0.04
C PHE A 761 0.48 30.50 -1.42
N ARG A 762 1.26 30.20 -2.47
CA ARG A 762 0.83 30.37 -3.84
C ARG A 762 0.51 29.02 -4.50
N LEU A 763 -0.78 28.71 -4.58
CA LEU A 763 -1.26 27.49 -5.23
C LEU A 763 -1.11 27.63 -6.74
N GLN A 764 -0.18 26.86 -7.31
CA GLN A 764 0.11 26.91 -8.73
C GLN A 764 -0.12 25.57 -9.43
N PRO A 765 -1.34 25.33 -9.91
CA PRO A 765 -1.67 24.07 -10.57
C PRO A 765 -1.40 24.10 -12.08
N THR A 766 -0.65 23.13 -12.56
CA THR A 766 -0.38 22.99 -13.99
C THR A 766 -1.65 22.39 -14.58
N ILE A 767 -2.31 23.14 -15.46
CA ILE A 767 -3.57 22.69 -16.06
C ILE A 767 -3.49 22.59 -17.58
N ASN A 768 -4.29 21.69 -18.16
CA ASN A 768 -4.35 21.56 -19.60
C ASN A 768 -5.17 22.67 -20.22
N THR A 769 -4.48 23.48 -21.01
CA THR A 769 -5.02 24.69 -21.60
C THR A 769 -6.04 24.42 -22.70
N ASN A 770 -7.23 25.03 -22.55
CA ASN A 770 -8.27 24.97 -23.57
C ASN A 770 -8.04 26.00 -24.68
N LYS A 771 -7.22 27.00 -24.37
CA LYS A 771 -6.84 28.04 -25.33
C LYS A 771 -6.03 27.44 -26.48
N ASP A 772 -6.45 27.74 -27.69
CA ASP A 772 -5.79 27.22 -28.90
C ASP A 772 -4.38 27.75 -29.07
N SER A 773 -3.53 26.97 -29.73
CA SER A 773 -2.13 27.32 -29.93
C SER A 773 -1.70 27.12 -31.40
N GLU A 774 -0.62 26.37 -31.59
CA GLU A 774 -0.07 26.09 -32.91
C GLU A 774 -0.58 24.73 -33.42
N ILE A 775 -0.75 24.61 -34.73
CA ILE A 775 -1.22 23.39 -35.36
C ILE A 775 -0.19 22.26 -35.24
N ASP A 776 -0.59 21.16 -34.62
CA ASP A 776 0.27 19.99 -34.44
C ASP A 776 0.48 19.29 -35.78
N ALA A 777 1.64 19.53 -36.38
CA ALA A 777 1.99 19.00 -37.70
C ALA A 777 2.18 17.49 -37.73
N HIS A 778 2.56 16.91 -36.60
CA HIS A 778 2.80 15.47 -36.51
C HIS A 778 1.49 14.69 -36.51
N LYS A 779 1.03 14.31 -35.32
CA LYS A 779 -0.20 13.55 -35.18
C LYS A 779 -1.05 13.63 -36.45
N GLN A 780 -1.69 12.52 -36.79
CA GLN A 780 -2.54 12.47 -37.99
C GLN A 780 -1.85 11.71 -39.11
N GLU A 781 -1.10 10.67 -38.75
CA GLU A 781 -0.39 9.86 -39.74
C GLU A 781 -0.76 8.39 -39.61
N SER A 782 -0.88 7.93 -38.37
CA SER A 782 -1.23 6.53 -38.10
C SER A 782 -2.74 6.36 -37.99
N GLY A 783 -3.44 7.45 -37.73
CA GLY A 783 -4.89 7.42 -37.60
C GLY A 783 -5.55 8.59 -38.28
N ILE A 784 -5.47 8.63 -39.60
CA ILE A 784 -6.07 9.71 -40.38
C ILE A 784 -6.72 9.17 -41.65
N ALA A 785 -6.43 7.92 -41.97
CA ALA A 785 -6.97 7.29 -43.17
C ALA A 785 -8.42 6.87 -42.96
N PRO A 786 -8.61 5.65 -42.46
CA PRO A 786 -9.95 5.13 -42.20
C PRO A 786 -10.89 6.22 -41.68
N ASN A 787 -10.85 6.47 -40.39
CA ASN A 787 -11.68 7.50 -39.79
C ASN A 787 -12.54 8.19 -40.85
N PHE A 788 -11.93 8.50 -41.98
CA PHE A 788 -12.64 9.10 -43.11
C PHE A 788 -13.51 8.05 -43.78
N VAL A 789 -13.05 6.81 -43.75
CA VAL A 789 -13.80 5.70 -44.32
C VAL A 789 -14.95 5.31 -43.40
N HIS A 790 -14.68 5.29 -42.10
CA HIS A 790 -15.70 4.98 -41.11
C HIS A 790 -16.95 5.81 -41.37
N SER A 791 -16.76 7.09 -41.62
CA SER A 791 -17.87 7.98 -41.94
C SER A 791 -18.48 7.60 -43.27
N GLN A 792 -17.63 7.15 -44.20
CA GLN A 792 -18.10 6.70 -45.51
C GLN A 792 -19.21 5.67 -45.38
N ASP A 793 -19.09 4.78 -44.40
CA ASP A 793 -20.13 3.79 -44.14
C ASP A 793 -21.29 4.41 -43.36
N GLY A 794 -20.98 5.50 -42.66
CA GLY A 794 -21.98 6.24 -41.89
C GLY A 794 -22.96 6.95 -42.79
N SER A 795 -22.47 7.50 -43.91
CA SER A 795 -23.32 8.18 -44.89
C SER A 795 -24.17 7.15 -45.63
N HIS A 796 -23.56 6.02 -45.96
CA HIS A 796 -24.27 4.91 -46.61
C HIS A 796 -25.45 4.46 -45.76
N LEU A 797 -25.24 4.40 -44.45
CA LEU A 797 -26.30 4.02 -43.50
C LEU A 797 -27.41 5.07 -43.47
N ARG A 798 -27.03 6.35 -43.44
CA ARG A 798 -28.00 7.44 -43.41
C ARG A 798 -28.79 7.54 -44.71
N LYS A 799 -28.12 7.31 -45.84
CA LYS A 799 -28.77 7.33 -47.15
C LYS A 799 -29.69 6.13 -47.33
N THR A 800 -29.40 5.04 -46.62
CA THR A 800 -30.24 3.84 -46.64
C THR A 800 -31.57 4.14 -45.95
N VAL A 801 -31.48 4.74 -44.76
CA VAL A 801 -32.65 5.11 -43.96
C VAL A 801 -33.61 6.00 -44.74
N VAL A 802 -33.07 7.04 -45.36
CA VAL A 802 -33.85 7.99 -46.17
C VAL A 802 -34.52 7.31 -47.36
N TRP A 803 -33.73 6.54 -48.12
CA TRP A 803 -34.23 5.83 -49.31
C TRP A 803 -35.27 4.77 -48.96
N ALA A 804 -35.09 4.11 -47.83
CA ALA A 804 -36.03 3.08 -47.36
C ALA A 804 -37.31 3.68 -46.81
N HIS A 805 -37.21 4.89 -46.26
CA HIS A 805 -38.37 5.59 -45.68
C HIS A 805 -39.18 6.35 -46.72
N GLU A 806 -38.52 6.83 -47.77
CA GLU A 806 -39.19 7.64 -48.80
C GLU A 806 -39.72 6.85 -50.00
N LYS A 807 -38.86 5.99 -50.57
CA LYS A 807 -39.25 5.17 -51.73
C LYS A 807 -40.15 4.01 -51.27
N TYR A 808 -39.87 3.47 -50.09
CA TYR A 808 -40.65 2.39 -49.50
C TYR A 808 -41.35 2.90 -48.24
N GLY A 809 -42.22 2.07 -47.65
CA GLY A 809 -42.98 2.47 -46.46
C GLY A 809 -42.36 2.07 -45.13
N ILE A 810 -41.03 1.96 -45.10
CA ILE A 810 -40.30 1.55 -43.90
C ILE A 810 -40.20 2.71 -42.89
N GLU A 811 -40.78 2.49 -41.71
CA GLU A 811 -40.80 3.51 -40.65
C GLU A 811 -39.82 3.20 -39.52
N SER A 812 -39.70 1.92 -39.16
CA SER A 812 -38.83 1.48 -38.08
C SER A 812 -37.48 1.00 -38.59
N PHE A 813 -36.41 1.33 -37.85
CA PHE A 813 -35.06 0.94 -38.21
C PHE A 813 -34.24 0.45 -37.00
N ALA A 814 -33.39 -0.55 -37.25
CA ALA A 814 -32.47 -1.06 -36.25
C ALA A 814 -31.07 -0.94 -36.84
N LEU A 815 -30.33 0.06 -36.40
CA LEU A 815 -29.02 0.38 -36.98
C LEU A 815 -27.84 0.16 -36.04
N ILE A 816 -26.88 -0.64 -36.49
CA ILE A 816 -25.66 -0.88 -35.73
C ILE A 816 -24.45 -0.63 -36.66
N HIS A 817 -24.35 0.61 -37.12
CA HIS A 817 -23.25 1.10 -37.98
C HIS A 817 -23.20 0.51 -39.39
N ASP A 818 -23.20 -0.83 -39.48
CA ASP A 818 -23.21 -1.52 -40.76
C ASP A 818 -24.29 -2.61 -40.80
N SER A 819 -25.06 -2.69 -39.73
CA SER A 819 -26.17 -3.63 -39.62
C SER A 819 -27.48 -2.89 -39.85
N PHE A 820 -28.38 -3.52 -40.61
CA PHE A 820 -29.67 -2.91 -40.94
C PHE A 820 -30.82 -3.84 -40.59
N GLY A 821 -31.66 -3.41 -39.65
CA GLY A 821 -32.79 -4.22 -39.18
C GLY A 821 -34.13 -3.53 -39.26
N THR A 822 -35.15 -4.30 -39.61
CA THR A 822 -36.53 -3.82 -39.72
C THR A 822 -37.48 -5.01 -39.54
N ILE A 823 -38.78 -4.71 -39.48
CA ILE A 823 -39.84 -5.71 -39.38
C ILE A 823 -39.81 -6.65 -40.60
N PRO A 824 -40.16 -7.95 -40.40
CA PRO A 824 -40.13 -8.95 -41.47
C PRO A 824 -40.83 -8.54 -42.77
N ALA A 825 -41.96 -7.86 -42.66
CA ALA A 825 -42.72 -7.40 -43.83
C ALA A 825 -41.93 -6.40 -44.68
N ASP A 826 -41.15 -5.56 -44.02
CA ASP A 826 -40.33 -4.55 -44.70
C ASP A 826 -38.88 -5.01 -44.93
N ALA A 827 -38.56 -6.22 -44.48
CA ALA A 827 -37.23 -6.78 -44.62
C ALA A 827 -36.79 -6.93 -46.07
N ALA A 828 -37.72 -7.37 -46.93
CA ALA A 828 -37.47 -7.56 -48.36
C ALA A 828 -37.05 -6.26 -49.05
N ASN A 829 -37.69 -5.16 -48.66
CA ASN A 829 -37.37 -3.84 -49.21
C ASN A 829 -36.05 -3.29 -48.69
N LEU A 830 -35.76 -3.52 -47.41
CA LEU A 830 -34.51 -3.09 -46.79
C LEU A 830 -33.32 -3.86 -47.39
N PHE A 831 -33.52 -5.16 -47.61
CA PHE A 831 -32.54 -6.05 -48.22
C PHE A 831 -32.19 -5.54 -49.62
N LYS A 832 -33.13 -4.83 -50.24
CA LYS A 832 -32.97 -4.24 -51.56
C LYS A 832 -32.48 -2.79 -51.48
N ALA A 833 -32.94 -2.08 -50.45
CA ALA A 833 -32.60 -0.67 -50.24
C ALA A 833 -31.11 -0.45 -49.97
N VAL A 834 -30.52 -1.31 -49.14
CA VAL A 834 -29.10 -1.25 -48.79
C VAL A 834 -28.20 -1.36 -50.03
N ARG A 835 -28.66 -2.13 -51.01
CA ARG A 835 -27.95 -2.36 -52.26
C ARG A 835 -28.05 -1.12 -53.14
N GLU A 836 -29.28 -0.68 -53.40
CA GLU A 836 -29.56 0.47 -54.25
C GLU A 836 -28.82 1.74 -53.84
N THR A 837 -28.79 2.01 -52.55
CA THR A 837 -28.14 3.21 -52.02
C THR A 837 -26.61 3.21 -52.15
N MET A 838 -26.01 2.02 -52.08
CA MET A 838 -24.56 1.89 -52.22
C MET A 838 -24.17 1.95 -53.70
N VAL A 839 -25.03 1.40 -54.55
CA VAL A 839 -24.84 1.45 -56.00
C VAL A 839 -25.15 2.86 -56.50
N ASP A 840 -25.88 3.63 -55.69
CA ASP A 840 -26.22 5.00 -56.04
C ASP A 840 -25.06 5.97 -55.76
N THR A 841 -24.32 5.71 -54.69
CA THR A 841 -23.19 6.56 -54.32
C THR A 841 -21.98 6.27 -55.22
N TYR A 842 -21.99 5.12 -55.87
CA TYR A 842 -20.90 4.73 -56.76
C TYR A 842 -21.39 3.77 -57.85
N GLU A 843 -21.37 4.25 -59.08
CA GLU A 843 -20.90 5.59 -59.39
C GLU A 843 -22.06 6.58 -59.41
N SER A 844 -21.90 7.69 -58.69
CA SER A 844 -22.93 8.73 -58.63
C SER A 844 -22.40 9.99 -57.99
N CYS A 845 -21.24 9.88 -57.32
CA CYS A 845 -20.63 11.01 -56.65
C CYS A 845 -19.29 10.62 -56.03
N ASP A 846 -18.29 10.42 -56.89
CA ASP A 846 -16.96 10.02 -56.43
C ASP A 846 -16.56 10.75 -55.15
N VAL A 847 -15.93 10.02 -54.23
CA VAL A 847 -15.47 10.60 -52.96
C VAL A 847 -14.00 11.02 -52.91
N LEU A 848 -13.11 10.23 -53.53
CA LEU A 848 -11.68 10.58 -53.56
C LEU A 848 -11.42 11.79 -54.46
N ALA A 849 -12.17 11.87 -55.57
CA ALA A 849 -12.07 13.01 -56.48
C ALA A 849 -12.67 14.26 -55.83
N ASP A 850 -13.78 14.08 -55.12
CA ASP A 850 -14.44 15.17 -54.40
C ASP A 850 -13.58 15.66 -53.25
N PHE A 851 -12.92 14.73 -52.56
CA PHE A 851 -12.01 15.05 -51.46
C PHE A 851 -10.77 15.77 -51.99
N TYR A 852 -10.30 15.35 -53.17
CA TYR A 852 -9.15 15.98 -53.83
C TYR A 852 -9.44 17.44 -54.18
N ASP A 853 -10.67 17.72 -54.59
CA ASP A 853 -11.09 19.07 -54.97
C ASP A 853 -11.13 20.03 -53.78
N GLN A 854 -11.32 19.48 -52.58
CA GLN A 854 -11.37 20.28 -51.35
C GLN A 854 -10.04 20.93 -51.01
N PHE A 855 -8.95 20.16 -51.16
CA PHE A 855 -7.61 20.68 -50.91
C PHE A 855 -6.82 20.85 -52.21
N ALA A 856 -7.54 21.00 -53.32
CA ALA A 856 -6.94 21.02 -54.67
C ALA A 856 -5.42 21.32 -54.78
N ASP A 857 -4.91 22.55 -54.59
CA ASP A 857 -5.55 23.87 -54.29
C ASP A 857 -5.09 24.43 -52.95
N GLN A 858 -5.26 23.65 -51.88
CA GLN A 858 -4.76 24.02 -50.56
C GLN A 858 -3.28 23.69 -50.42
N LEU A 859 -2.78 22.84 -51.32
CA LEU A 859 -1.36 22.49 -51.37
C LEU A 859 -0.55 23.71 -51.81
N HIS A 860 0.63 23.86 -51.21
CA HIS A 860 1.50 25.01 -51.47
C HIS A 860 2.16 24.96 -52.85
N GLU A 861 3.30 24.29 -52.91
CA GLU A 861 4.18 24.20 -54.09
C GLU A 861 5.38 23.44 -53.57
N SER A 862 6.04 22.70 -54.46
CA SER A 862 7.15 21.80 -54.06
C SER A 862 6.63 20.82 -53.00
N GLN A 863 5.35 20.50 -53.12
CA GLN A 863 4.65 19.64 -52.19
C GLN A 863 3.84 18.62 -53.01
N LEU A 864 3.35 19.08 -54.16
CA LEU A 864 2.60 18.24 -55.10
C LEU A 864 3.46 17.16 -55.78
N ASP A 865 4.77 17.34 -55.72
CA ASP A 865 5.71 16.35 -56.24
C ASP A 865 5.84 15.18 -55.26
N LYS A 866 5.36 15.39 -54.04
CA LYS A 866 5.39 14.39 -52.97
C LYS A 866 3.97 13.88 -52.68
N MET A 867 3.02 14.24 -53.54
CA MET A 867 1.62 13.89 -53.31
C MET A 867 0.99 13.09 -54.47
N PRO A 868 1.28 11.78 -54.54
CA PRO A 868 0.62 10.90 -55.51
C PRO A 868 -0.56 10.15 -54.86
N ALA A 869 -1.74 10.08 -55.49
CA ALA A 869 -2.10 10.61 -56.81
C ALA A 869 -1.75 9.67 -57.97
N LEU A 870 -2.69 8.82 -58.37
CA LEU A 870 -4.03 8.71 -57.76
C LEU A 870 -4.54 7.28 -57.97
N PRO A 871 -5.11 6.65 -56.91
CA PRO A 871 -5.62 5.28 -57.01
C PRO A 871 -6.53 5.06 -58.21
N ALA A 872 -6.13 4.15 -59.10
CA ALA A 872 -6.89 3.85 -60.32
C ALA A 872 -8.09 2.95 -60.05
N LYS A 873 -9.15 3.16 -60.82
CA LYS A 873 -10.38 2.36 -60.70
C LYS A 873 -10.24 0.99 -61.35
N GLY A 874 -10.79 -0.02 -60.70
CA GLY A 874 -10.74 -1.39 -61.19
C GLY A 874 -11.85 -1.75 -62.16
N ASN A 875 -12.33 -2.99 -62.07
CA ASN A 875 -13.35 -3.50 -62.97
C ASN A 875 -14.59 -4.07 -62.24
N LEU A 876 -14.97 -3.43 -61.15
CA LEU A 876 -16.13 -3.87 -60.37
C LEU A 876 -17.41 -3.21 -60.88
N ASN A 877 -18.42 -4.03 -61.15
CA ASN A 877 -19.73 -3.55 -61.54
C ASN A 877 -20.53 -3.26 -60.26
N LEU A 878 -20.83 -1.98 -60.06
CA LEU A 878 -21.53 -1.52 -58.85
C LEU A 878 -22.94 -2.08 -58.72
N ARG A 879 -23.56 -2.43 -59.84
CA ARG A 879 -24.90 -3.00 -59.87
C ARG A 879 -24.97 -4.42 -59.30
N ASP A 880 -23.82 -5.11 -59.29
CA ASP A 880 -23.72 -6.49 -58.80
C ASP A 880 -24.02 -6.63 -57.31
N ILE A 881 -23.90 -5.53 -56.57
CA ILE A 881 -24.19 -5.51 -55.14
C ILE A 881 -25.66 -5.83 -54.89
N LEU A 882 -26.54 -5.30 -55.74
CA LEU A 882 -27.98 -5.55 -55.66
C LEU A 882 -28.30 -7.03 -55.77
N GLU A 883 -27.44 -7.76 -56.49
CA GLU A 883 -27.62 -9.21 -56.68
C GLU A 883 -26.82 -10.02 -55.66
N SER A 884 -25.91 -9.35 -54.94
CA SER A 884 -25.09 -10.00 -53.91
C SER A 884 -25.91 -10.28 -52.65
N ASP A 885 -26.02 -11.56 -52.31
CA ASP A 885 -26.83 -12.02 -51.19
C ASP A 885 -26.19 -11.85 -49.81
N PHE A 886 -24.88 -12.07 -49.73
CA PHE A 886 -24.18 -12.08 -48.44
C PHE A 886 -23.51 -10.77 -48.03
N ALA A 887 -23.82 -9.69 -48.75
CA ALA A 887 -23.35 -8.36 -48.41
C ALA A 887 -24.52 -7.62 -47.76
N PHE A 888 -24.87 -8.04 -46.54
CA PHE A 888 -26.03 -7.49 -45.81
C PHE A 888 -26.08 -5.96 -45.77
N ALA A 889 -24.93 -5.32 -45.92
CA ALA A 889 -24.85 -3.85 -45.94
C ALA A 889 -23.83 -3.37 -46.96
N LYS D 14 -22.05 14.16 38.61
CA LYS D 14 -21.33 13.27 37.71
C LYS D 14 -20.16 12.59 38.41
N ASN D 15 -19.05 12.47 37.70
CA ASN D 15 -17.85 11.84 38.26
C ASN D 15 -17.24 12.65 39.39
N ASP D 16 -16.01 13.10 39.18
CA ASP D 16 -15.31 13.90 40.19
C ASP D 16 -13.95 13.29 40.53
N PHE D 17 -13.15 14.03 41.28
CA PHE D 17 -11.83 13.55 41.68
C PHE D 17 -10.81 13.71 40.56
N SER D 18 -9.63 14.22 40.90
CA SER D 18 -8.59 14.44 39.92
C SER D 18 -8.48 13.26 38.96
N ASP D 19 -8.24 13.56 37.68
CA ASP D 19 -8.12 12.53 36.65
C ASP D 19 -8.77 12.99 35.35
N ILE D 20 -9.83 13.77 35.46
CA ILE D 20 -10.56 14.27 34.29
C ILE D 20 -9.60 15.13 33.45
N GLU D 21 -8.88 16.02 34.12
CA GLU D 21 -7.94 16.95 33.47
C GLU D 21 -6.69 16.23 32.93
N LEU D 22 -6.12 15.33 33.73
CA LEU D 22 -4.92 14.59 33.33
C LEU D 22 -5.13 13.68 32.13
N ALA D 23 -6.39 13.37 31.84
CA ALA D 23 -6.74 12.54 30.69
C ALA D 23 -7.09 13.40 29.47
N ALA D 24 -7.48 14.65 29.73
CA ALA D 24 -7.87 15.59 28.68
C ALA D 24 -6.73 16.45 28.14
N ILE D 25 -5.86 16.91 29.04
CA ILE D 25 -4.71 17.76 28.66
C ILE D 25 -3.80 17.18 27.55
N PRO D 26 -3.38 15.90 27.67
CA PRO D 26 -2.54 15.32 26.61
C PRO D 26 -3.24 15.32 25.25
N PHE D 27 -4.51 14.93 25.23
CA PHE D 27 -5.30 14.91 24.00
C PHE D 27 -5.44 16.31 23.39
N ASN D 28 -5.87 17.27 24.22
CA ASN D 28 -6.08 18.65 23.78
C ASN D 28 -4.85 19.32 23.17
N THR D 29 -3.72 19.25 23.88
CA THR D 29 -2.46 19.82 23.39
C THR D 29 -1.97 19.10 22.14
N LEU D 30 -2.27 17.82 22.04
CA LEU D 30 -1.88 17.00 20.91
C LEU D 30 -2.82 17.23 19.73
N ALA D 31 -4.02 17.71 20.01
CA ALA D 31 -5.04 17.99 18.99
C ALA D 31 -4.98 19.44 18.48
N ASP D 32 -4.22 20.28 19.17
CA ASP D 32 -4.07 21.68 18.78
C ASP D 32 -2.92 21.87 17.79
N HIS D 33 -1.81 21.18 18.04
CA HIS D 33 -0.62 21.27 17.21
C HIS D 33 -0.67 20.38 15.98
N TYR D 34 -1.21 19.17 16.16
CA TYR D 34 -1.21 18.16 15.10
C TYR D 34 -2.60 17.77 14.60
N GLY D 35 -3.62 18.27 15.28
CA GLY D 35 -5.01 17.95 14.94
C GLY D 35 -5.49 16.74 15.71
N GLU D 36 -6.82 16.60 15.82
CA GLU D 36 -7.43 15.47 16.53
C GLU D 36 -7.30 14.16 15.75
N ARG D 37 -6.63 14.23 14.60
CA ARG D 37 -6.38 13.09 13.73
C ARG D 37 -5.42 12.08 14.36
N LEU D 38 -4.16 12.50 14.48
CA LEU D 38 -3.10 11.64 15.01
C LEU D 38 -3.07 11.65 16.53
N ALA D 39 -3.69 12.68 17.12
CA ALA D 39 -3.80 12.79 18.58
C ALA D 39 -4.68 11.64 19.11
N ARG D 40 -5.55 11.17 18.25
CA ARG D 40 -6.44 10.05 18.52
C ARG D 40 -5.64 8.75 18.38
N GLU D 41 -4.86 8.66 17.30
CA GLU D 41 -4.06 7.48 16.99
C GLU D 41 -2.90 7.27 17.96
N GLN D 42 -2.27 8.37 18.39
CA GLN D 42 -1.14 8.32 19.32
C GLN D 42 -1.53 7.68 20.66
N LEU D 43 -2.63 8.15 21.25
CA LEU D 43 -3.14 7.63 22.52
C LEU D 43 -3.55 6.17 22.39
N ALA D 44 -4.21 5.84 21.29
CA ALA D 44 -4.66 4.47 21.00
C ALA D 44 -3.47 3.52 20.88
N LEU D 45 -2.38 4.03 20.32
CA LEU D 45 -1.17 3.25 20.09
C LEU D 45 -0.43 2.99 21.41
N GLU D 46 -0.49 3.95 22.32
CA GLU D 46 0.13 3.81 23.64
C GLU D 46 -0.72 2.96 24.59
N HIS D 47 -1.85 3.60 24.82
CA HIS D 47 -2.80 2.84 25.63
C HIS D 47 -3.00 1.42 25.09
N GLU D 48 -2.44 1.15 23.92
CA GLU D 48 -2.54 -0.16 23.27
C GLU D 48 -1.66 -1.17 24.00
N SER D 49 -1.62 -1.09 25.33
CA SER D 49 -0.74 -1.95 26.12
C SER D 49 -1.15 -3.44 26.21
N TYR D 50 -2.25 -3.86 26.85
CA TYR D 50 -3.33 -3.16 27.62
C TYR D 50 -4.70 -3.09 26.94
N GLU D 51 -4.85 -2.21 25.94
CA GLU D 51 -6.11 -2.13 25.21
C GLU D 51 -6.30 -3.44 24.43
N MET D 52 -5.17 -4.00 23.99
CA MET D 52 -5.14 -5.31 23.38
C MET D 52 -5.14 -6.37 24.46
N GLY D 53 -4.57 -6.04 25.62
CA GLY D 53 -4.54 -6.93 26.79
C GLY D 53 -5.95 -7.22 27.30
N GLU D 54 -6.79 -6.19 27.26
CA GLU D 54 -8.21 -6.33 27.63
C GLU D 54 -8.91 -7.12 26.53
N ALA D 55 -8.55 -6.84 25.28
CA ALA D 55 -9.09 -7.55 24.12
C ALA D 55 -8.65 -9.01 24.14
N ARG D 56 -7.47 -9.26 24.70
CA ARG D 56 -6.96 -10.62 24.87
C ARG D 56 -7.70 -11.32 25.99
N PHE D 57 -8.19 -10.55 26.96
CA PHE D 57 -8.93 -11.10 28.09
C PHE D 57 -10.35 -11.51 27.71
N ARG D 58 -11.03 -10.66 26.93
CA ARG D 58 -12.37 -10.98 26.43
C ARG D 58 -12.16 -11.83 25.17
N LYS D 59 -11.62 -13.03 25.33
CA LYS D 59 -11.16 -13.78 24.16
C LYS D 59 -11.32 -15.33 24.02
N MET D 60 -11.06 -16.22 24.99
CA MET D 60 -10.67 -16.06 26.42
C MET D 60 -11.82 -15.88 27.41
N PHE D 61 -12.73 -14.97 27.10
CA PHE D 61 -13.86 -14.66 27.98
C PHE D 61 -15.09 -15.45 27.59
CA LEU D 79 -19.44 -18.84 31.91
C LEU D 79 -19.34 -17.58 32.78
N ILE D 80 -18.45 -16.69 32.40
CA ILE D 80 -18.17 -15.41 33.10
C ILE D 80 -19.41 -14.66 33.63
N THR D 81 -20.49 -14.67 32.86
CA THR D 81 -21.73 -13.98 33.24
C THR D 81 -22.41 -14.59 34.48
N THR D 82 -21.69 -15.46 35.17
CA THR D 82 -22.16 -16.13 36.38
C THR D 82 -21.12 -15.95 37.49
N LEU D 83 -19.86 -15.85 37.11
CA LEU D 83 -18.74 -15.69 38.05
C LEU D 83 -18.69 -14.31 38.69
N LEU D 84 -18.85 -13.28 37.87
CA LEU D 84 -18.80 -11.89 38.34
C LEU D 84 -19.87 -11.55 39.39
N PRO D 85 -21.16 -11.87 39.12
CA PRO D 85 -22.19 -11.60 40.13
C PRO D 85 -22.00 -12.38 41.44
N LYS D 86 -21.51 -13.62 41.33
CA LYS D 86 -21.23 -14.46 42.49
C LYS D 86 -20.07 -13.92 43.32
N MET D 87 -19.09 -13.31 42.65
CA MET D 87 -17.92 -12.74 43.31
C MET D 87 -18.26 -11.44 44.03
N ILE D 88 -18.97 -10.54 43.35
CA ILE D 88 -19.38 -9.25 43.93
C ILE D 88 -20.21 -9.45 45.20
N ALA D 89 -21.13 -10.41 45.14
CA ALA D 89 -22.00 -10.74 46.29
C ALA D 89 -21.20 -11.19 47.50
N ARG D 90 -20.12 -11.94 47.26
CA ARG D 90 -19.24 -12.43 48.33
C ARG D 90 -18.45 -11.28 48.98
N ILE D 91 -17.88 -10.42 48.14
CA ILE D 91 -17.08 -9.29 48.60
C ILE D 91 -17.87 -8.39 49.56
N ASN D 92 -19.12 -8.10 49.19
CA ASN D 92 -20.01 -7.28 50.03
C ASN D 92 -20.39 -7.97 51.34
N ASP D 93 -20.60 -9.28 51.29
CA ASP D 93 -20.91 -10.07 52.48
C ASP D 93 -19.71 -10.15 53.41
N TRP D 94 -18.51 -10.20 52.83
CA TRP D 94 -17.27 -10.26 53.59
C TRP D 94 -17.01 -8.97 54.36
N PHE D 95 -17.35 -7.83 53.75
CA PHE D 95 -17.20 -6.53 54.40
C PHE D 95 -18.12 -6.42 55.62
N GLU D 96 -19.33 -6.94 55.49
CA GLU D 96 -20.33 -6.94 56.58
C GLU D 96 -19.88 -7.81 57.75
N GLU D 97 -19.20 -8.92 57.45
CA GLU D 97 -18.68 -9.83 58.46
C GLU D 97 -17.51 -9.21 59.22
N VAL D 98 -16.65 -8.51 58.49
CA VAL D 98 -15.47 -7.86 59.07
C VAL D 98 -15.85 -6.66 59.95
N LYS D 99 -16.80 -5.85 59.47
CA LYS D 99 -17.28 -4.67 60.20
C LYS D 99 -18.04 -5.02 61.48
N ALA D 100 -18.69 -6.18 61.48
CA ALA D 100 -19.46 -6.63 62.65
C ALA D 100 -18.54 -7.10 63.79
N LYS D 101 -17.42 -7.73 63.43
CA LYS D 101 -16.45 -8.22 64.41
C LYS D 101 -15.64 -7.09 65.03
N ARG D 102 -15.02 -7.38 66.18
CA ARG D 102 -14.17 -6.41 66.87
C ARG D 102 -12.69 -6.73 66.62
N GLY D 103 -11.81 -5.92 67.21
CA GLY D 103 -10.37 -6.12 67.09
C GLY D 103 -9.81 -5.70 65.74
N LYS D 104 -8.57 -6.12 65.48
CA LYS D 104 -7.87 -5.77 64.25
C LYS D 104 -8.54 -6.40 63.02
N ARG D 105 -8.80 -5.57 62.02
CA ARG D 105 -9.40 -6.01 60.77
C ARG D 105 -8.32 -6.55 59.83
N PRO D 106 -8.66 -7.54 58.98
CA PRO D 106 -7.69 -8.08 58.01
C PRO D 106 -6.95 -6.97 57.27
N THR D 107 -5.65 -7.16 57.07
CA THR D 107 -4.80 -6.17 56.40
C THR D 107 -5.34 -5.78 55.01
N ALA D 108 -5.89 -6.77 54.31
CA ALA D 108 -6.43 -6.56 52.96
C ALA D 108 -7.72 -5.74 52.93
N PHE D 109 -8.50 -5.82 54.00
CA PHE D 109 -9.82 -5.15 54.10
C PHE D 109 -9.83 -3.66 53.71
N GLN D 110 -8.99 -2.87 54.36
CA GLN D 110 -8.96 -1.41 54.12
C GLN D 110 -8.40 -1.01 52.76
N PHE D 111 -7.53 -1.86 52.20
CA PHE D 111 -6.98 -1.62 50.86
C PHE D 111 -7.98 -2.00 49.77
N LEU D 112 -8.89 -2.92 50.10
CA LEU D 112 -9.93 -3.37 49.18
C LEU D 112 -11.16 -2.46 49.18
N GLN D 113 -11.16 -1.49 50.09
CA GLN D 113 -12.28 -0.55 50.21
C GLN D 113 -11.97 0.76 49.48
N GLU D 114 -10.90 0.75 48.68
CA GLU D 114 -10.49 1.91 47.89
C GLU D 114 -11.23 1.97 46.55
N ILE D 115 -11.61 0.81 46.02
CA ILE D 115 -12.36 0.72 44.77
C ILE D 115 -13.77 0.23 45.06
N LYS D 116 -14.67 0.42 44.08
CA LYS D 116 -16.03 -0.10 44.17
C LYS D 116 -15.95 -1.62 44.04
N PRO D 117 -16.63 -2.35 44.96
CA PRO D 117 -16.65 -3.83 45.02
C PRO D 117 -16.87 -4.54 43.68
N GLU D 118 -17.59 -3.89 42.77
CA GLU D 118 -17.84 -4.43 41.43
C GLU D 118 -16.56 -4.55 40.61
N ALA D 119 -15.70 -3.52 40.69
CA ALA D 119 -14.43 -3.50 39.97
C ALA D 119 -13.39 -4.39 40.64
N VAL D 120 -13.50 -4.54 41.97
CA VAL D 120 -12.62 -5.39 42.77
C VAL D 120 -12.72 -6.83 42.28
N ALA D 121 -13.96 -7.26 42.02
CA ALA D 121 -14.24 -8.61 41.51
C ALA D 121 -13.72 -8.76 40.09
N TYR D 122 -13.94 -7.74 39.27
CA TYR D 122 -13.55 -7.73 37.86
C TYR D 122 -12.05 -7.97 37.66
N ILE D 123 -11.24 -7.28 38.46
CA ILE D 123 -9.78 -7.42 38.41
C ILE D 123 -9.34 -8.82 38.84
N THR D 124 -9.97 -9.34 39.89
CA THR D 124 -9.66 -10.67 40.42
C THR D 124 -9.86 -11.74 39.36
N ILE D 125 -10.93 -11.62 38.57
CA ILE D 125 -11.20 -12.56 37.48
C ILE D 125 -10.15 -12.39 36.37
N LYS D 126 -9.89 -11.14 35.99
CA LYS D 126 -8.93 -10.80 34.94
C LYS D 126 -7.53 -11.34 35.22
N THR D 127 -6.97 -10.90 36.34
CA THR D 127 -5.58 -11.22 36.71
C THR D 127 -5.36 -12.73 36.92
N THR D 128 -6.28 -13.39 37.62
CA THR D 128 -6.19 -14.84 37.87
C THR D 128 -6.17 -15.61 36.54
N LEU D 129 -6.98 -15.17 35.59
CA LEU D 129 -7.01 -15.77 34.26
C LEU D 129 -5.74 -15.49 33.47
N ALA D 130 -5.23 -14.26 33.59
CA ALA D 130 -4.02 -13.84 32.88
C ALA D 130 -2.78 -14.59 33.35
N CYS D 131 -2.72 -14.91 34.64
CA CYS D 131 -1.59 -15.63 35.23
C CYS D 131 -1.60 -17.12 34.88
N LEU D 132 -2.81 -17.68 34.70
CA LEU D 132 -2.97 -19.12 34.45
C LEU D 132 -2.99 -19.54 32.98
N THR D 133 -3.41 -18.64 32.10
CA THR D 133 -3.51 -18.97 30.67
C THR D 133 -2.15 -18.94 29.96
N SER D 134 -1.40 -17.85 30.16
CA SER D 134 -0.11 -17.69 29.51
C SER D 134 1.08 -18.25 30.29
N ALA D 135 0.79 -19.02 31.36
CA ALA D 135 1.83 -19.64 32.19
C ALA D 135 1.38 -20.98 32.74
N ASP D 136 2.29 -21.95 32.76
CA ASP D 136 1.98 -23.29 33.26
C ASP D 136 2.57 -23.57 34.65
N ASN D 137 1.93 -23.03 35.68
CA ASN D 137 2.30 -23.29 37.07
C ASN D 137 1.03 -23.37 37.95
N THR D 138 0.65 -22.34 38.73
CA THR D 138 1.33 -21.06 38.94
C THR D 138 1.32 -20.79 40.44
N THR D 139 2.47 -20.44 41.02
CA THR D 139 2.58 -20.20 42.46
C THR D 139 1.62 -19.12 42.97
N VAL D 140 1.08 -19.34 44.18
CA VAL D 140 0.09 -18.45 44.80
C VAL D 140 0.62 -17.04 45.06
N GLN D 141 1.86 -16.96 45.53
CA GLN D 141 2.49 -15.67 45.85
C GLN D 141 2.83 -14.83 44.61
N ALA D 142 2.65 -15.42 43.43
CA ALA D 142 2.85 -14.70 42.17
C ALA D 142 1.51 -14.16 41.66
N VAL D 143 0.46 -14.94 41.84
CA VAL D 143 -0.90 -14.55 41.45
C VAL D 143 -1.41 -13.46 42.40
N ALA D 144 -1.20 -13.67 43.70
CA ALA D 144 -1.60 -12.72 44.74
C ALA D 144 -0.89 -11.37 44.58
N SER D 145 0.37 -11.41 44.16
CA SER D 145 1.15 -10.21 43.92
C SER D 145 0.63 -9.46 42.70
N ALA D 146 0.26 -10.21 41.67
CA ALA D 146 -0.26 -9.64 40.42
C ALA D 146 -1.63 -9.00 40.60
N ILE D 147 -2.47 -9.61 41.44
CA ILE D 147 -3.79 -9.05 41.75
C ILE D 147 -3.65 -7.78 42.58
N GLY D 148 -2.81 -7.84 43.62
CA GLY D 148 -2.56 -6.69 44.50
C GLY D 148 -2.06 -5.46 43.78
N ARG D 149 -1.18 -5.67 42.79
CA ARG D 149 -0.64 -4.58 41.97
C ARG D 149 -1.71 -4.02 41.02
N ALA D 150 -2.60 -4.88 40.56
CA ALA D 150 -3.68 -4.49 39.66
C ALA D 150 -4.82 -3.79 40.43
N ILE D 151 -5.05 -4.21 41.67
CA ILE D 151 -6.09 -3.64 42.50
C ILE D 151 -5.58 -2.42 43.26
N GLU D 152 -4.39 -1.94 42.87
CA GLU D 152 -3.79 -0.78 43.51
C GLU D 152 -3.96 0.46 42.64
N ASP D 153 -4.01 0.26 41.33
CA ASP D 153 -4.18 1.37 40.39
C ASP D 153 -5.20 1.03 39.32
N GLU D 154 -6.48 1.07 39.69
CA GLU D 154 -6.88 1.39 41.06
C GLU D 154 -6.58 2.84 41.41
N ALA D 155 -6.19 3.07 42.66
CA ALA D 155 -5.89 4.42 43.14
C ALA D 155 -6.41 5.47 42.16
N ARG D 156 -5.63 5.74 41.11
CA ARG D 156 -4.35 5.09 40.89
C ARG D 156 -3.92 5.20 39.43
N PHE D 157 -4.42 4.29 38.60
CA PHE D 157 -4.11 4.28 37.18
C PHE D 157 -5.14 3.47 36.41
N GLY D 158 -5.81 2.55 37.10
CA GLY D 158 -6.83 1.73 36.48
C GLY D 158 -8.12 2.49 36.24
N ARG D 159 -8.76 2.91 37.34
CA ARG D 159 -10.00 3.67 37.25
C ARG D 159 -9.91 4.72 36.14
N ILE D 160 -8.71 5.25 35.94
CA ILE D 160 -8.47 6.25 34.91
C ILE D 160 -8.47 5.62 33.52
N ARG D 161 -7.96 4.39 33.44
CA ARG D 161 -7.91 3.66 32.19
C ARG D 161 -9.27 3.67 31.50
N ASP D 162 -10.31 3.33 32.26
CA ASP D 162 -11.67 3.32 31.74
C ASP D 162 -12.10 4.67 31.17
N LEU D 163 -11.80 5.73 31.91
CA LEU D 163 -12.15 7.10 31.50
C LEU D 163 -11.28 7.60 30.35
N GLU D 164 -10.02 7.17 30.32
CA GLU D 164 -9.09 7.55 29.27
C GLU D 164 -9.32 6.74 28.00
N ALA D 165 -9.83 5.52 28.18
CA ALA D 165 -10.13 4.62 27.06
C ALA D 165 -11.26 5.16 26.19
N LYS D 166 -12.16 5.92 26.81
CA LYS D 166 -13.29 6.54 26.12
C LYS D 166 -12.85 7.40 24.94
N HIS D 167 -11.73 8.12 25.11
CA HIS D 167 -11.20 9.03 24.09
C HIS D 167 -10.94 8.40 22.73
N PHE D 168 -10.23 7.27 22.70
CA PHE D 168 -9.88 6.62 21.43
C PHE D 168 -10.94 5.69 20.84
N LYS D 169 -11.98 5.38 21.61
CA LYS D 169 -13.05 4.51 21.13
C LYS D 169 -14.33 5.30 20.76
N LYS D 170 -14.20 6.63 20.68
CA LYS D 170 -15.33 7.49 20.32
C LYS D 170 -15.68 7.41 18.83
N ASN D 171 -14.83 7.99 17.97
CA ASN D 171 -15.07 7.96 16.53
C ASN D 171 -13.85 7.52 15.69
N VAL D 172 -13.53 6.23 15.70
CA VAL D 172 -14.22 5.21 16.49
C VAL D 172 -13.25 4.49 17.44
N LYS D 186 1.53 19.11 10.27
CA LYS D 186 2.49 20.09 10.80
C LYS D 186 1.96 21.50 11.13
N ALA D 187 2.65 22.22 12.03
CA ALA D 187 3.86 21.74 12.70
C ALA D 187 3.55 20.77 13.84
N PHE D 188 3.87 19.50 13.64
CA PHE D 188 3.57 18.47 14.65
C PHE D 188 4.83 17.84 15.25
N MET D 189 5.91 17.77 14.48
CA MET D 189 7.17 17.24 15.01
C MET D 189 7.89 18.29 15.87
N GLN D 190 7.12 18.89 16.77
CA GLN D 190 7.58 19.93 17.67
C GLN D 190 7.38 19.48 19.11
N VAL D 191 8.43 19.61 19.92
CA VAL D 191 8.37 19.22 21.34
C VAL D 191 7.56 20.26 22.14
N VAL D 192 6.64 19.77 22.97
CA VAL D 192 5.80 20.62 23.81
C VAL D 192 6.66 21.32 24.87
N GLU D 193 6.43 22.62 25.06
CA GLU D 193 7.12 23.39 26.08
C GLU D 193 6.91 22.80 27.47
N ALA D 194 8.00 22.56 28.18
CA ALA D 194 7.99 21.97 29.51
C ALA D 194 7.24 22.82 30.54
N ASP D 195 7.37 24.13 30.42
CA ASP D 195 6.69 25.06 31.32
C ASP D 195 5.19 25.17 31.07
N MET D 196 4.78 24.84 29.84
CA MET D 196 3.37 24.90 29.45
C MET D 196 2.61 23.61 29.78
N LEU D 197 3.33 22.58 30.22
CA LEU D 197 2.74 21.31 30.62
C LEU D 197 1.94 21.46 31.91
N SER D 198 0.74 20.87 31.91
CA SER D 198 -0.13 20.90 33.10
C SER D 198 0.47 20.04 34.21
N LYS D 199 0.14 20.40 35.45
CA LYS D 199 0.64 19.67 36.62
C LYS D 199 0.12 18.23 36.71
N GLY D 200 -0.92 17.95 35.93
CA GLY D 200 -1.50 16.60 35.85
C GLY D 200 -0.74 15.70 34.88
N LEU D 201 0.51 16.07 34.61
CA LEU D 201 1.40 15.31 33.73
C LEU D 201 2.80 15.20 34.35
N LEU D 202 3.06 16.05 35.34
CA LEU D 202 4.35 16.11 36.01
C LEU D 202 4.53 15.01 37.05
N GLY D 203 3.44 14.62 37.70
CA GLY D 203 3.44 13.60 38.76
C GLY D 203 4.02 12.25 38.36
N GLY D 204 4.39 11.46 39.35
CA GLY D 204 5.02 10.17 39.10
C GLY D 204 4.44 8.97 39.83
N GLU D 205 5.28 8.37 40.67
CA GLU D 205 4.97 7.11 41.38
C GLU D 205 5.08 5.95 40.39
N ALA D 206 6.32 5.58 40.08
CA ALA D 206 6.63 4.51 39.13
C ALA D 206 6.92 3.18 39.84
N TRP D 207 6.77 3.18 41.16
CA TRP D 207 7.01 1.98 41.95
C TRP D 207 5.77 1.43 42.64
N SER D 208 5.70 0.12 42.76
CA SER D 208 4.56 -0.53 43.40
C SER D 208 4.41 -0.08 44.85
N SER D 209 3.54 0.90 45.07
CA SER D 209 3.31 1.43 46.41
C SER D 209 2.97 0.30 47.39
N TRP D 210 2.48 0.68 48.58
CA TRP D 210 2.13 -0.29 49.60
C TRP D 210 3.34 -1.15 50.00
N HIS D 211 3.13 -2.05 50.95
CA HIS D 211 4.18 -2.94 51.41
C HIS D 211 4.08 -4.31 50.74
N LYS D 212 5.06 -4.63 49.92
CA LYS D 212 5.06 -5.91 49.22
C LYS D 212 4.12 -6.88 49.93
N GLU D 213 4.15 -6.81 51.26
CA GLU D 213 3.28 -7.63 52.13
C GLU D 213 1.82 -7.28 51.92
N ASP D 214 1.52 -5.97 51.99
CA ASP D 214 0.16 -5.45 51.81
C ASP D 214 -0.43 -5.82 50.46
N SER D 215 0.42 -5.92 49.44
CA SER D 215 0.01 -6.29 48.09
C SER D 215 -0.40 -7.76 48.01
N ILE D 216 0.31 -8.62 48.75
CA ILE D 216 0.01 -10.06 48.80
C ILE D 216 -1.30 -10.30 49.55
N HIS D 217 -1.47 -9.64 50.69
CA HIS D 217 -2.69 -9.72 51.49
C HIS D 217 -3.94 -9.53 50.63
N VAL D 218 -3.92 -8.47 49.82
CA VAL D 218 -5.02 -8.15 48.91
C VAL D 218 -5.30 -9.29 47.95
N GLY D 219 -4.25 -9.81 47.31
CA GLY D 219 -4.37 -10.91 46.35
C GLY D 219 -4.87 -12.19 46.98
N VAL D 220 -4.31 -12.57 48.12
CA VAL D 220 -4.70 -13.79 48.84
C VAL D 220 -6.17 -13.77 49.24
N ARG D 221 -6.60 -12.67 49.87
CA ARG D 221 -8.00 -12.49 50.27
C ARG D 221 -8.95 -12.49 49.07
N CYS D 222 -8.48 -11.96 47.93
CA CYS D 222 -9.26 -11.97 46.70
C CYS D 222 -9.40 -13.39 46.16
N ILE D 223 -8.33 -14.17 46.23
CA ILE D 223 -8.34 -15.57 45.82
C ILE D 223 -9.19 -16.38 46.81
N GLU D 224 -9.09 -16.03 48.08
CA GLU D 224 -9.89 -16.65 49.14
C GLU D 224 -11.38 -16.44 48.87
N MET D 225 -11.73 -15.22 48.46
CA MET D 225 -13.11 -14.89 48.10
C MET D 225 -13.48 -15.41 46.71
N LEU D 226 -12.46 -15.72 45.91
CA LEU D 226 -12.65 -16.27 44.56
C LEU D 226 -12.86 -17.79 44.60
N ILE D 227 -12.51 -18.42 45.73
CA ILE D 227 -12.66 -19.87 45.89
C ILE D 227 -13.91 -20.24 46.70
N GLU D 228 -14.81 -19.29 46.95
CA GLU D 228 -16.01 -19.60 47.75
C GLU D 228 -17.21 -20.33 47.10
N SER D 229 -17.92 -19.83 46.08
CA SER D 229 -17.80 -18.57 45.29
C SER D 229 -16.50 -18.35 44.52
N THR D 230 -16.22 -19.20 43.54
CA THR D 230 -17.10 -20.31 43.15
C THR D 230 -16.76 -21.67 43.81
N GLY D 231 -15.50 -22.11 43.82
CA GLY D 231 -14.37 -21.37 43.27
C GLY D 231 -14.01 -21.70 41.83
N MET D 232 -13.50 -20.69 41.13
CA MET D 232 -13.05 -20.81 39.76
C MET D 232 -11.73 -21.57 39.70
N VAL D 233 -10.91 -21.37 40.73
CA VAL D 233 -9.58 -21.99 40.81
C VAL D 233 -9.42 -22.83 42.08
N SER D 234 -8.53 -23.81 42.02
CA SER D 234 -8.25 -24.69 43.16
C SER D 234 -6.84 -24.46 43.72
N LEU D 235 -6.73 -24.57 45.04
CA LEU D 235 -5.46 -24.42 45.74
C LEU D 235 -4.90 -25.81 46.00
N HIS D 236 -3.83 -26.16 45.28
CA HIS D 236 -3.22 -27.49 45.41
C HIS D 236 -1.80 -27.44 45.93
N ARG D 237 -1.51 -28.32 46.89
CA ARG D 237 -0.19 -28.43 47.52
C ARG D 237 0.77 -29.21 46.60
N GLN D 238 1.99 -28.71 46.49
CA GLN D 238 3.01 -29.34 45.63
C GLN D 238 4.30 -29.66 46.40
N ASN D 239 4.81 -30.87 46.19
CA ASN D 239 6.06 -31.35 46.80
C ASN D 239 6.18 -31.14 48.30
N ALA D 240 5.10 -31.41 49.03
CA ALA D 240 5.05 -31.24 50.48
C ALA D 240 6.10 -32.11 51.20
N GLY D 241 7.15 -31.46 51.69
CA GLY D 241 8.23 -32.14 52.40
C GLY D 241 9.62 -31.70 51.99
N VAL D 242 9.82 -31.51 50.69
CA VAL D 242 11.11 -31.09 50.14
C VAL D 242 11.38 -29.62 50.44
N VAL D 243 12.55 -29.34 51.00
CA VAL D 243 12.94 -27.97 51.39
C VAL D 243 13.00 -27.00 50.21
N GLY D 244 13.58 -27.44 49.09
CA GLY D 244 13.74 -26.58 47.92
C GLY D 244 12.72 -26.75 46.80
N GLN D 245 11.68 -27.56 47.05
CA GLN D 245 10.67 -27.82 46.02
C GLN D 245 9.22 -27.63 46.49
N ASP D 246 9.02 -27.54 47.80
CA ASP D 246 7.67 -27.36 48.37
C ASP D 246 7.13 -25.97 48.03
N SER D 247 5.95 -25.96 47.41
CA SER D 247 5.30 -24.72 46.99
C SER D 247 3.78 -24.84 46.98
N GLU D 248 3.10 -23.71 47.03
CA GLU D 248 1.65 -23.66 46.98
C GLU D 248 1.26 -23.04 45.64
N THR D 249 0.72 -23.86 44.74
CA THR D 249 0.38 -23.38 43.40
C THR D 249 -1.13 -23.36 43.12
N ILE D 250 -1.55 -22.34 42.38
CA ILE D 250 -2.94 -22.19 41.96
C ILE D 250 -3.19 -23.03 40.71
N GLU D 251 -4.20 -23.88 40.78
CA GLU D 251 -4.58 -24.74 39.67
C GLU D 251 -5.97 -24.33 39.18
N LEU D 252 -6.09 -24.15 37.86
CA LEU D 252 -7.37 -23.80 37.25
C LEU D 252 -8.27 -25.03 37.20
N ALA D 253 -9.51 -24.87 37.63
CA ALA D 253 -10.49 -25.96 37.66
C ALA D 253 -10.67 -26.60 36.29
N PRO D 254 -10.71 -27.96 36.24
CA PRO D 254 -10.84 -28.73 34.99
C PRO D 254 -12.01 -28.32 34.11
N GLU D 255 -13.07 -27.79 34.71
CA GLU D 255 -14.25 -27.32 33.98
C GLU D 255 -13.93 -26.12 33.11
N TYR D 256 -13.18 -25.18 33.66
CA TYR D 256 -12.80 -23.95 32.96
C TYR D 256 -11.69 -24.18 31.95
N ALA D 257 -10.82 -25.16 32.23
CA ALA D 257 -9.71 -25.51 31.35
C ALA D 257 -10.19 -26.16 30.04
N GLU D 258 -11.37 -26.77 30.09
CA GLU D 258 -11.98 -27.40 28.92
C GLU D 258 -12.96 -26.43 28.25
N ALA D 259 -13.21 -25.30 28.90
CA ALA D 259 -14.10 -24.27 28.39
C ALA D 259 -13.32 -23.03 27.94
N ILE D 260 -12.02 -23.19 27.75
CA ILE D 260 -11.13 -22.10 27.31
C ILE D 260 -11.39 -21.69 25.87
N ALA D 261 -10.98 -20.47 25.53
CA ALA D 261 -11.14 -19.94 24.18
C ALA D 261 -9.79 -19.62 23.52
N GLY D 269 5.19 -11.77 24.66
CA GLY D 269 3.81 -11.30 24.56
C GLY D 269 3.29 -11.32 23.14
N ILE D 270 3.65 -10.31 22.33
CA ILE D 270 4.50 -9.20 22.73
C ILE D 270 3.92 -7.98 22.03
N SER D 271 3.51 -6.90 22.73
CA SER D 271 3.48 -6.66 24.18
C SER D 271 3.39 -5.14 24.25
N LEU D 272 2.36 -4.62 23.59
CA LEU D 272 2.18 -3.18 23.31
C LEU D 272 2.10 -2.22 24.51
N MET D 273 2.94 -2.43 25.52
CA MET D 273 3.02 -1.53 26.65
C MET D 273 3.91 -0.33 26.35
N PHE D 274 5.06 -0.60 25.74
CA PHE D 274 6.02 0.45 25.41
C PHE D 274 6.33 0.44 23.90
N GLN D 275 5.78 1.42 23.21
CA GLN D 275 5.94 1.57 21.76
C GLN D 275 6.57 2.93 21.44
N PRO D 276 7.02 3.13 20.18
CA PRO D 276 7.57 4.44 19.79
C PRO D 276 6.51 5.53 19.82
N CYS D 277 6.95 6.78 19.93
CA CYS D 277 6.05 7.94 19.95
C CYS D 277 5.89 8.53 18.55
N VAL D 278 4.68 8.99 18.25
CA VAL D 278 4.36 9.63 16.99
C VAL D 278 4.61 11.14 17.11
N VAL D 279 4.76 11.61 18.35
CA VAL D 279 5.03 13.01 18.66
C VAL D 279 6.21 13.12 19.62
N PRO D 280 6.98 14.24 19.56
CA PRO D 280 8.10 14.45 20.48
C PRO D 280 7.71 14.18 21.94
N PRO D 281 8.50 13.33 22.64
CA PRO D 281 8.21 12.92 24.01
C PRO D 281 8.26 14.08 25.01
N LYS D 282 7.51 13.93 26.11
CA LYS D 282 7.46 14.93 27.18
C LYS D 282 8.85 15.09 27.82
N PRO D 283 9.35 16.33 27.89
CA PRO D 283 10.66 16.58 28.49
C PRO D 283 10.70 16.19 29.97
N TRP D 284 11.80 15.55 30.37
CA TRP D 284 11.97 15.16 31.77
C TRP D 284 12.21 16.38 32.64
N THR D 285 11.20 16.73 33.43
CA THR D 285 11.27 17.88 34.33
C THR D 285 11.74 17.43 35.70
N GLY D 286 11.15 16.33 36.19
CA GLY D 286 11.50 15.77 37.48
C GLY D 286 11.91 14.31 37.39
N ILE D 287 11.77 13.59 38.50
CA ILE D 287 12.16 12.18 38.57
C ILE D 287 11.21 11.24 37.83
N THR D 288 9.94 11.65 37.70
CA THR D 288 8.93 10.83 37.04
C THR D 288 7.96 11.67 36.20
N GLY D 289 7.41 11.05 35.16
CA GLY D 289 6.42 11.71 34.30
C GLY D 289 6.87 12.00 32.87
N GLY D 290 8.17 11.95 32.64
CA GLY D 290 8.73 12.23 31.31
C GLY D 290 8.51 11.10 30.31
N GLY D 291 8.82 11.39 29.05
CA GLY D 291 8.67 10.41 27.97
C GLY D 291 7.27 10.39 27.39
N TYR D 292 6.46 9.44 27.85
CA TYR D 292 5.09 9.28 27.36
C TYR D 292 4.14 10.38 27.84
N TRP D 293 2.96 10.43 27.24
CA TRP D 293 2.00 11.50 27.52
C TRP D 293 0.75 11.12 28.31
N ALA D 294 0.18 9.95 28.02
CA ALA D 294 -1.05 9.48 28.65
C ALA D 294 -0.97 9.42 30.18
N ASN D 295 -2.04 9.87 30.83
CA ASN D 295 -2.13 9.84 32.30
C ASN D 295 -2.91 8.63 32.80
N GLY D 296 -3.43 7.83 31.86
CA GLY D 296 -4.16 6.61 32.19
C GLY D 296 -3.23 5.45 32.48
N ARG D 297 -1.93 5.66 32.26
CA ARG D 297 -0.92 4.66 32.52
C ARG D 297 0.00 5.10 33.66
N ARG D 298 0.73 4.14 34.23
CA ARG D 298 1.72 4.44 35.26
C ARG D 298 2.92 5.14 34.59
N PRO D 299 3.30 6.33 35.11
CA PRO D 299 4.40 7.13 34.56
C PRO D 299 5.75 6.42 34.63
N LEU D 300 6.68 6.87 33.80
CA LEU D 300 8.02 6.30 33.76
C LEU D 300 8.92 6.93 34.81
N ALA D 301 9.92 6.16 35.25
CA ALA D 301 10.91 6.65 36.19
C ALA D 301 12.16 7.06 35.42
N LEU D 302 12.74 8.19 35.80
CA LEU D 302 13.98 8.68 35.17
C LEU D 302 15.11 7.68 35.40
N VAL D 303 15.14 7.12 36.61
CA VAL D 303 16.13 6.14 37.01
C VAL D 303 15.43 4.83 37.37
N ARG D 304 15.81 3.75 36.69
CA ARG D 304 15.24 2.42 36.94
C ARG D 304 15.90 1.81 38.17
N THR D 305 15.21 1.89 39.30
CA THR D 305 15.73 1.41 40.59
C THR D 305 15.09 0.10 41.04
N HIS D 306 15.64 -0.47 42.12
CA HIS D 306 15.14 -1.73 42.68
C HIS D 306 13.98 -1.49 43.66
N SER D 307 13.86 -0.26 44.16
CA SER D 307 12.81 0.11 45.10
C SER D 307 12.38 1.57 44.92
N LYS D 308 11.28 1.95 45.56
CA LYS D 308 10.77 3.31 45.51
C LYS D 308 11.72 4.28 46.22
N LYS D 309 12.24 3.85 47.37
CA LYS D 309 13.17 4.66 48.18
C LYS D 309 14.41 5.07 47.38
N ALA D 310 14.96 4.14 46.60
CA ALA D 310 16.15 4.37 45.79
C ALA D 310 15.90 5.45 44.71
N LEU D 311 14.67 5.52 44.22
CA LEU D 311 14.28 6.51 43.23
C LEU D 311 14.09 7.87 43.93
N MET D 312 13.48 7.83 45.12
CA MET D 312 13.20 9.03 45.90
C MET D 312 14.44 9.81 46.33
N ARG D 313 15.61 9.18 46.20
CA ARG D 313 16.89 9.83 46.50
C ARG D 313 17.27 10.84 45.42
N TYR D 314 16.46 10.89 44.36
CA TYR D 314 16.71 11.80 43.24
C TYR D 314 15.76 13.00 43.19
N GLU D 315 14.68 12.96 43.97
CA GLU D 315 13.63 13.99 43.96
C GLU D 315 14.17 15.43 44.00
N ASP D 316 15.04 15.70 44.96
CA ASP D 316 15.63 17.03 45.13
C ASP D 316 17.16 16.96 45.10
N VAL D 317 17.70 16.75 43.90
CA VAL D 317 19.15 16.66 43.70
C VAL D 317 19.70 17.84 42.91
N TYR D 318 19.00 18.20 41.83
CA TYR D 318 19.42 19.26 40.90
C TYR D 318 20.64 18.82 40.09
N MET D 319 20.34 18.29 38.90
CA MET D 319 21.37 17.83 37.95
C MET D 319 20.98 18.24 36.52
N PRO D 320 21.09 19.55 36.21
CA PRO D 320 20.67 20.11 34.92
C PRO D 320 21.34 19.46 33.71
N GLU D 321 22.62 19.11 33.82
CA GLU D 321 23.37 18.48 32.73
C GLU D 321 22.88 17.07 32.42
N VAL D 322 22.31 16.41 33.42
CA VAL D 322 21.78 15.06 33.26
C VAL D 322 20.42 15.10 32.56
N TYR D 323 19.54 15.98 33.05
CA TYR D 323 18.21 16.17 32.46
C TYR D 323 18.28 16.66 31.02
N LYS D 324 19.21 17.59 30.77
CA LYS D 324 19.42 18.17 29.45
C LYS D 324 19.87 17.13 28.43
N ALA D 325 20.79 16.26 28.83
CA ALA D 325 21.33 15.22 27.95
C ALA D 325 20.27 14.20 27.53
N ILE D 326 19.45 13.78 28.49
CA ILE D 326 18.38 12.82 28.23
C ILE D 326 17.34 13.40 27.28
N ASN D 327 16.97 14.66 27.51
CA ASN D 327 15.97 15.34 26.71
C ASN D 327 16.35 15.60 25.25
N ILE D 328 17.64 15.87 25.01
CA ILE D 328 18.15 16.10 23.66
C ILE D 328 18.16 14.77 22.89
N ALA D 329 18.62 13.71 23.55
CA ALA D 329 18.66 12.36 22.97
C ALA D 329 17.25 11.82 22.73
N GLN D 330 16.33 12.22 23.60
CA GLN D 330 14.93 11.81 23.54
C GLN D 330 14.21 12.51 22.39
N ASN D 331 14.62 13.75 22.12
CA ASN D 331 13.99 14.57 21.08
C ASN D 331 14.44 14.23 19.65
N THR D 332 15.31 13.23 19.53
CA THR D 332 15.82 12.78 18.23
C THR D 332 14.71 12.18 17.38
N ALA D 333 14.47 12.79 16.22
CA ALA D 333 13.43 12.34 15.30
C ALA D 333 13.93 11.22 14.38
N TRP D 334 13.29 10.05 14.49
CA TRP D 334 13.63 8.88 13.68
C TRP D 334 12.53 8.59 12.67
N LYS D 335 12.81 7.69 11.75
CA LYS D 335 11.84 7.21 10.77
C LYS D 335 12.22 5.82 10.25
N ILE D 336 11.22 5.07 9.79
CA ILE D 336 11.46 3.72 9.28
C ILE D 336 12.07 3.77 7.89
N ASN D 337 13.18 3.03 7.73
CA ASN D 337 13.87 2.94 6.44
C ASN D 337 13.06 2.02 5.51
N LYS D 338 12.26 2.64 4.65
CA LYS D 338 11.36 1.94 3.73
C LYS D 338 12.04 0.90 2.84
N LYS D 339 13.18 1.29 2.25
CA LYS D 339 13.92 0.42 1.34
C LYS D 339 14.44 -0.86 2.02
N VAL D 340 14.92 -0.72 3.24
CA VAL D 340 15.43 -1.87 4.02
C VAL D 340 14.26 -2.75 4.49
N LEU D 341 13.14 -2.11 4.80
CA LEU D 341 11.93 -2.81 5.26
C LEU D 341 11.37 -3.69 4.14
N ALA D 342 11.43 -3.20 2.90
CA ALA D 342 10.95 -3.91 1.73
C ALA D 342 11.73 -5.20 1.48
N VAL D 343 13.00 -5.21 1.88
CA VAL D 343 13.87 -6.36 1.72
C VAL D 343 13.67 -7.34 2.88
N ALA D 344 13.64 -6.79 4.10
CA ALA D 344 13.47 -7.58 5.33
C ALA D 344 12.19 -8.38 5.36
N ASN D 345 11.13 -7.86 4.74
CA ASN D 345 9.83 -8.54 4.68
C ASN D 345 9.82 -9.74 3.74
N VAL D 346 10.75 -9.77 2.78
CA VAL D 346 10.80 -10.83 1.79
C VAL D 346 11.84 -11.91 2.12
N ILE D 347 13.05 -11.49 2.48
CA ILE D 347 14.15 -12.42 2.72
C ILE D 347 13.99 -13.31 3.96
N THR D 348 13.41 -12.77 5.03
CA THR D 348 13.21 -13.50 6.28
C THR D 348 12.14 -14.60 6.10
N LYS D 349 11.31 -14.43 5.09
CA LYS D 349 10.27 -15.40 4.75
C LYS D 349 10.82 -16.65 4.04
N TRP D 350 12.03 -16.52 3.49
CA TRP D 350 12.65 -17.63 2.77
C TRP D 350 13.06 -18.79 3.67
N LYS D 351 13.01 -20.01 3.11
CA LYS D 351 13.37 -21.23 3.84
C LYS D 351 14.88 -21.32 4.07
N HIS D 352 15.64 -20.81 3.11
CA HIS D 352 17.10 -20.80 3.18
C HIS D 352 17.60 -19.37 2.95
N CYS D 353 17.55 -18.56 4.00
CA CYS D 353 18.00 -17.17 3.92
C CYS D 353 19.51 -17.09 3.71
N PRO D 354 19.94 -16.05 3.00
CA PRO D 354 21.37 -15.85 2.72
C PRO D 354 22.13 -15.42 3.98
N VAL D 355 21.41 -14.84 4.94
CA VAL D 355 22.02 -14.39 6.19
C VAL D 355 22.41 -15.57 7.07
N GLU D 356 23.71 -15.68 7.35
CA GLU D 356 24.23 -16.77 8.18
C GLU D 356 23.43 -16.89 9.48
N ASP D 357 23.65 -15.94 10.40
CA ASP D 357 22.96 -15.94 11.68
C ASP D 357 21.52 -16.44 11.53
N ILE D 358 21.00 -16.36 10.31
CA ILE D 358 19.63 -16.80 10.05
C ILE D 358 19.50 -18.31 10.16
N PRO D 359 18.95 -18.77 11.27
CA PRO D 359 18.77 -20.21 11.51
C PRO D 359 17.43 -20.70 11.00
N ALA D 360 17.20 -22.00 11.07
CA ALA D 360 15.95 -22.59 10.61
C ALA D 360 14.75 -21.96 11.30
N ILE D 361 13.55 -22.27 10.81
CA ILE D 361 13.41 -23.16 9.67
C ILE D 361 13.83 -24.58 10.02
N GLU D 362 14.18 -25.37 9.01
CA GLU D 362 14.61 -26.75 9.22
C GLU D 362 14.69 -27.07 10.71
N ARG D 363 13.67 -27.75 11.22
CA ARG D 363 13.62 -28.14 12.63
C ARG D 363 14.72 -29.14 12.96
N GLU D 364 14.93 -30.10 12.07
CA GLU D 364 15.95 -31.14 12.27
C GLU D 364 15.54 -32.13 13.37
N GLU D 365 15.11 -33.32 12.95
CA GLU D 365 14.58 -34.36 13.84
C GLU D 365 15.64 -35.03 14.72
N LEU D 366 15.16 -35.92 15.60
CA LEU D 366 16.02 -36.67 16.53
C LEU D 366 16.43 -38.03 15.96
N PRO D 367 17.71 -38.18 15.59
CA PRO D 367 18.21 -39.45 15.06
C PRO D 367 18.81 -40.36 16.14
N MET D 368 18.42 -41.64 16.18
CA MET D 368 17.44 -42.24 15.28
C MET D 368 16.78 -43.47 15.90
N LYS D 369 17.42 -44.01 16.94
CA LYS D 369 17.00 -45.24 17.62
C LYS D 369 17.13 -46.43 16.64
N PRO D 370 18.32 -47.07 16.63
CA PRO D 370 18.59 -48.17 15.69
C PRO D 370 17.97 -49.51 16.14
N GLU D 371 16.66 -49.49 16.40
CA GLU D 371 15.88 -50.65 16.85
C GLU D 371 16.59 -51.57 17.87
N ASP D 372 17.46 -50.97 18.68
CA ASP D 372 18.23 -51.70 19.68
C ASP D 372 17.76 -51.45 21.11
N ILE D 373 16.94 -52.37 21.60
CA ILE D 373 16.46 -52.36 22.99
C ILE D 373 16.32 -53.79 23.54
N ASP D 374 17.39 -54.41 24.08
CA ASP D 374 18.77 -53.89 24.25
C ASP D 374 18.96 -52.86 25.37
N MET D 375 20.00 -53.01 26.21
CA MET D 375 21.04 -54.06 26.15
C MET D 375 22.23 -53.66 25.28
N ASN D 376 23.21 -52.96 25.83
CA ASN D 376 23.20 -52.48 27.23
C ASN D 376 24.03 -51.20 27.34
N PRO D 377 25.38 -51.29 27.19
CA PRO D 377 26.15 -50.06 27.14
C PRO D 377 26.26 -49.55 25.69
N GLU D 378 25.61 -50.27 24.78
CA GLU D 378 25.60 -49.94 23.36
C GLU D 378 24.32 -49.17 23.02
N ALA D 379 23.22 -49.60 23.66
CA ALA D 379 21.89 -49.04 23.40
C ALA D 379 21.66 -47.66 24.02
N LEU D 380 22.03 -47.50 25.28
CA LEU D 380 21.84 -46.23 25.98
C LEU D 380 23.17 -45.62 26.44
N THR D 381 23.72 -44.74 25.60
CA THR D 381 24.97 -44.03 25.88
C THR D 381 25.04 -42.62 25.25
N ALA D 382 24.97 -42.41 23.92
CA ALA D 382 24.83 -43.39 22.79
C ALA D 382 23.65 -44.38 22.83
N TRP D 383 22.50 -44.01 22.26
CA TRP D 383 22.34 -42.75 21.52
C TRP D 383 21.92 -41.57 22.41
N LYS D 384 21.86 -41.82 23.72
CA LYS D 384 21.47 -40.81 24.71
C LYS D 384 22.28 -39.51 24.61
N ARG D 385 23.59 -39.64 24.43
CA ARG D 385 24.47 -38.48 24.28
C ARG D 385 24.28 -37.81 22.92
N ALA D 386 24.05 -38.62 21.89
CA ALA D 386 23.82 -38.13 20.54
C ALA D 386 22.51 -37.34 20.44
N ALA D 387 21.49 -37.82 21.16
CA ALA D 387 20.19 -37.16 21.20
C ALA D 387 20.23 -35.90 22.05
N ALA D 388 21.07 -35.91 23.09
CA ALA D 388 21.25 -34.76 23.98
C ALA D 388 21.92 -33.60 23.24
N ALA D 389 22.76 -33.94 22.27
CA ALA D 389 23.47 -32.96 21.45
C ALA D 389 22.49 -32.29 20.47
N VAL D 390 21.45 -33.02 20.08
CA VAL D 390 20.43 -32.50 19.16
C VAL D 390 19.50 -31.51 19.84
N TYR D 391 19.11 -31.83 21.08
CA TYR D 391 18.25 -30.94 21.87
C TYR D 391 18.85 -29.55 22.09
N ARG D 392 20.15 -29.50 22.37
CA ARG D 392 20.86 -28.23 22.56
C ARG D 392 21.12 -27.53 21.22
N LYS D 393 21.30 -28.32 20.15
CA LYS D 393 21.47 -27.77 18.79
C LYS D 393 20.22 -27.02 18.36
N ASP D 394 19.08 -27.64 18.57
CA ASP D 394 17.78 -27.08 18.19
C ASP D 394 17.40 -25.89 19.06
N LYS D 395 17.74 -25.95 20.35
CA LYS D 395 17.44 -24.88 21.30
C LYS D 395 18.21 -23.60 20.97
N ALA D 396 19.51 -23.75 20.71
CA ALA D 396 20.38 -22.64 20.34
C ALA D 396 19.95 -22.07 18.97
N ARG D 397 19.28 -22.86 18.19
CA ARG D 397 18.53 -22.46 17.00
C ARG D 397 17.16 -21.88 17.36
N LYS D 398 16.44 -22.57 18.25
CA LYS D 398 15.11 -22.14 18.69
C LYS D 398 15.11 -20.75 19.32
N SER D 399 16.02 -20.54 20.27
CA SER D 399 16.14 -19.25 20.96
C SER D 399 16.52 -18.11 20.00
N ARG D 400 17.37 -18.42 19.02
CA ARG D 400 17.78 -17.45 18.02
C ARG D 400 16.71 -17.18 16.97
N ARG D 401 15.83 -18.15 16.76
CA ARG D 401 14.72 -18.00 15.82
C ARG D 401 13.58 -17.22 16.46
N ILE D 402 13.25 -17.55 17.71
CA ILE D 402 12.21 -16.86 18.47
C ILE D 402 12.50 -15.36 18.57
N SER D 403 13.79 -15.03 18.76
CA SER D 403 14.25 -13.64 18.79
C SER D 403 14.02 -12.99 17.43
N LEU D 404 14.42 -13.69 16.37
CA LEU D 404 14.27 -13.24 14.98
C LEU D 404 12.81 -12.94 14.65
N GLU D 405 11.91 -13.84 15.07
CA GLU D 405 10.47 -13.68 14.85
C GLU D 405 9.95 -12.40 15.50
N PHE D 406 10.41 -12.14 16.72
CA PHE D 406 9.97 -10.97 17.49
C PHE D 406 10.50 -9.65 16.91
N MET D 407 11.74 -9.66 16.43
CA MET D 407 12.35 -8.47 15.84
C MET D 407 11.62 -8.03 14.57
N LEU D 408 11.15 -9.00 13.79
CA LEU D 408 10.40 -8.73 12.55
C LEU D 408 8.97 -8.27 12.82
N GLU D 409 8.32 -8.90 13.80
CA GLU D 409 6.96 -8.54 14.20
C GLU D 409 6.90 -7.11 14.74
N GLN D 410 7.97 -6.70 15.41
CA GLN D 410 8.07 -5.37 15.98
C GLN D 410 8.32 -4.34 14.86
N ALA D 411 9.16 -4.71 13.90
CA ALA D 411 9.49 -3.85 12.75
C ALA D 411 8.27 -3.63 11.86
N ASN D 412 7.44 -4.66 11.74
CA ASN D 412 6.22 -4.60 10.95
C ASN D 412 5.15 -3.71 11.58
N LYS D 413 5.09 -3.70 12.91
CA LYS D 413 4.15 -2.86 13.65
C LYS D 413 4.39 -1.38 13.44
N PHE D 414 5.65 -0.96 13.59
CA PHE D 414 6.02 0.44 13.50
C PHE D 414 6.58 0.85 12.14
N ALA D 415 6.33 0.03 11.13
CA ALA D 415 6.81 0.31 9.78
C ALA D 415 6.37 1.69 9.29
N ASN D 416 5.35 1.71 8.44
CA ASN D 416 4.85 2.96 7.87
C ASN D 416 4.79 4.11 8.87
N HIS D 417 4.47 5.30 8.38
CA HIS D 417 4.37 6.49 9.23
C HIS D 417 5.46 7.49 8.90
N LYS D 418 5.08 8.76 8.76
CA LYS D 418 6.04 9.83 8.48
C LYS D 418 7.22 9.74 9.44
N ALA D 419 7.27 10.66 10.39
CA ALA D 419 8.30 10.61 11.42
C ALA D 419 7.83 9.88 12.67
N ILE D 420 8.71 9.08 13.25
CA ILE D 420 8.44 8.36 14.50
C ILE D 420 9.51 8.70 15.55
N TRP D 421 9.13 8.66 16.81
CA TRP D 421 10.03 8.99 17.91
C TRP D 421 10.17 7.86 18.92
N PHE D 422 11.24 7.92 19.72
CA PHE D 422 11.48 6.93 20.76
C PHE D 422 11.80 7.65 22.08
N PRO D 423 10.97 7.40 23.12
CA PRO D 423 11.24 7.97 24.44
C PRO D 423 12.52 7.37 25.03
N TYR D 424 13.24 8.16 25.83
CA TYR D 424 14.50 7.70 26.41
C TYR D 424 14.56 7.69 27.93
N ASN D 425 15.14 6.61 28.46
CA ASN D 425 15.38 6.42 29.89
C ASN D 425 16.86 6.24 30.17
N MET D 426 17.17 6.02 31.45
CA MET D 426 18.52 5.71 31.91
C MET D 426 18.42 4.65 32.98
N ASP D 427 19.43 3.78 33.07
CA ASP D 427 19.52 2.82 34.16
C ASP D 427 19.97 3.57 35.41
N TRP D 428 20.19 2.85 36.52
CA TRP D 428 20.61 3.49 37.76
C TRP D 428 21.97 4.21 37.65
N ARG D 429 22.57 4.09 36.47
CA ARG D 429 23.84 4.74 36.15
C ARG D 429 23.57 5.77 35.05
N GLY D 430 24.62 6.18 34.33
CA GLY D 430 24.46 7.19 33.29
C GLY D 430 23.82 6.73 31.98
N ARG D 431 24.09 5.48 31.59
CA ARG D 431 23.69 4.94 30.29
C ARG D 431 22.23 5.16 29.83
N VAL D 432 22.10 5.65 28.60
CA VAL D 432 20.80 6.01 28.01
C VAL D 432 20.17 4.85 27.23
N TYR D 433 18.88 4.60 27.50
CA TYR D 433 18.14 3.51 26.86
C TYR D 433 16.86 3.98 26.20
N ALA D 434 16.52 3.37 25.07
CA ALA D 434 15.25 3.64 24.38
C ALA D 434 14.16 2.77 25.02
N VAL D 435 13.08 3.41 25.44
CA VAL D 435 12.00 2.75 26.19
C VAL D 435 11.24 1.66 25.41
N SER D 436 10.93 1.93 24.14
CA SER D 436 10.19 0.98 23.29
C SER D 436 10.99 -0.29 23.01
N MET D 437 10.29 -1.34 22.55
CA MET D 437 10.92 -2.61 22.22
C MET D 437 11.70 -2.48 20.91
N PHE D 438 11.04 -1.90 19.91
CA PHE D 438 11.63 -1.65 18.60
C PHE D 438 12.53 -0.41 18.73
N ASN D 439 13.84 -0.61 18.61
CA ASN D 439 14.81 0.45 18.86
C ASN D 439 15.87 0.64 17.77
N PRO D 440 16.43 1.86 17.67
CA PRO D 440 17.60 2.08 16.83
C PRO D 440 18.84 1.49 17.49
N GLN D 441 18.66 0.94 18.69
CA GLN D 441 19.72 0.33 19.48
C GLN D 441 19.73 -1.20 19.34
N GLY D 442 18.82 -1.73 18.52
CA GLY D 442 18.69 -3.17 18.32
C GLY D 442 19.78 -3.77 17.46
N ASN D 443 19.50 -4.96 16.90
CA ASN D 443 20.47 -5.65 16.04
C ASN D 443 20.54 -5.11 14.61
N ASP D 444 21.34 -5.75 13.78
CA ASP D 444 21.56 -5.37 12.39
C ASP D 444 20.27 -5.07 11.60
N MET D 445 19.32 -6.00 11.64
CA MET D 445 18.07 -5.86 10.92
C MET D 445 17.24 -4.68 11.44
N THR D 446 17.08 -4.62 12.76
CA THR D 446 16.30 -3.57 13.42
C THR D 446 16.88 -2.18 13.14
N LYS D 447 18.21 -2.06 13.18
CA LYS D 447 18.88 -0.80 12.87
C LYS D 447 18.77 -0.45 11.38
N GLY D 448 18.81 -1.47 10.54
CA GLY D 448 18.67 -1.31 9.09
C GLY D 448 17.29 -0.86 8.67
N LEU D 449 16.27 -1.31 9.40
CA LEU D 449 14.89 -0.95 9.15
C LEU D 449 14.58 0.49 9.52
N LEU D 450 15.49 1.12 10.26
CA LEU D 450 15.34 2.50 10.72
C LEU D 450 16.31 3.48 10.07
N THR D 451 15.85 4.71 9.92
CA THR D 451 16.65 5.82 9.37
C THR D 451 16.08 7.14 9.89
N LEU D 452 16.91 8.19 9.85
CA LEU D 452 16.50 9.51 10.34
C LEU D 452 15.51 10.18 9.38
N ALA D 453 14.61 10.99 9.92
CA ALA D 453 13.56 11.63 9.13
C ALA D 453 14.02 12.89 8.41
N LYS D 454 14.56 13.85 9.17
CA LYS D 454 15.01 15.11 8.61
C LYS D 454 16.48 15.06 8.16
N GLY D 455 16.68 15.29 6.87
CA GLY D 455 18.02 15.25 6.26
C GLY D 455 18.56 16.62 5.90
N LYS D 456 19.88 16.71 5.85
CA LYS D 456 20.57 17.95 5.52
C LYS D 456 21.45 17.70 4.29
N PRO D 457 21.31 18.53 3.25
CA PRO D 457 22.06 18.33 2.01
C PRO D 457 23.44 19.01 1.94
N ILE D 458 24.55 18.26 1.87
CA ILE D 458 24.65 16.78 1.91
C ILE D 458 26.01 16.26 1.42
N GLY D 459 26.30 16.47 0.15
CA GLY D 459 27.47 15.88 -0.51
C GLY D 459 28.83 16.45 -0.22
N LYS D 460 29.82 15.92 -0.95
CA LYS D 460 31.24 16.29 -0.84
C LYS D 460 31.84 15.92 0.52
N GLU D 461 31.41 16.62 1.56
CA GLU D 461 31.87 16.38 2.93
C GLU D 461 31.18 15.14 3.51
N GLY D 462 29.88 15.05 3.31
CA GLY D 462 29.08 13.94 3.79
C GLY D 462 29.25 12.65 3.01
N TYR D 463 29.43 12.79 1.69
CA TYR D 463 29.62 11.64 0.79
C TYR D 463 30.89 10.86 1.12
N TYR D 464 31.87 11.55 1.69
CA TYR D 464 33.13 10.93 2.10
C TYR D 464 32.88 9.95 3.26
N TRP D 465 32.26 10.43 4.32
CA TRP D 465 31.94 9.59 5.49
C TRP D 465 30.80 8.59 5.25
N LEU D 466 30.04 8.81 4.19
CA LEU D 466 28.96 7.89 3.81
C LEU D 466 29.60 6.58 3.34
N LYS D 467 30.70 6.70 2.61
CA LYS D 467 31.47 5.55 2.13
C LYS D 467 32.24 4.88 3.27
N ILE D 468 32.62 5.68 4.27
CA ILE D 468 33.30 5.17 5.47
C ILE D 468 32.34 4.28 6.27
N HIS D 469 31.09 4.74 6.39
CA HIS D 469 30.04 3.99 7.07
C HIS D 469 29.72 2.69 6.32
N GLY D 470 29.76 2.77 4.99
CA GLY D 470 29.52 1.62 4.13
C GLY D 470 30.57 0.55 4.33
N ALA D 471 31.83 0.99 4.47
CA ALA D 471 32.95 0.09 4.73
C ALA D 471 32.81 -0.55 6.12
N ASN D 472 32.41 0.26 7.09
CA ASN D 472 32.20 -0.20 8.48
C ASN D 472 31.13 -1.28 8.62
N CYS D 473 30.08 -1.17 7.79
CA CYS D 473 29.02 -2.17 7.76
C CYS D 473 29.54 -3.51 7.25
N ALA D 474 30.50 -3.45 6.33
CA ALA D 474 31.18 -4.63 5.82
C ALA D 474 32.31 -5.01 6.78
N GLY D 475 32.99 -6.12 6.50
CA GLY D 475 34.10 -6.57 7.34
C GLY D 475 35.38 -5.77 7.16
N VAL D 476 35.23 -4.45 7.01
CA VAL D 476 36.36 -3.54 6.80
C VAL D 476 36.23 -2.33 7.73
N ASP D 477 36.80 -2.45 8.93
CA ASP D 477 36.75 -1.37 9.92
C ASP D 477 38.02 -1.22 10.77
N LYS D 478 39.05 -2.00 10.43
CA LYS D 478 40.35 -1.95 11.12
C LYS D 478 41.48 -1.58 10.15
N VAL D 479 41.20 -0.67 9.23
CA VAL D 479 42.16 -0.25 8.21
C VAL D 479 41.96 1.24 7.89
N PRO D 480 43.05 1.99 7.61
CA PRO D 480 43.00 3.42 7.25
C PRO D 480 41.85 3.85 6.33
N PHE D 481 41.35 5.07 6.55
CA PHE D 481 40.23 5.63 5.78
C PHE D 481 40.41 5.66 4.26
N PRO D 482 41.61 6.08 3.76
CA PRO D 482 41.80 6.06 2.31
C PRO D 482 41.64 4.67 1.70
N GLU D 483 41.96 3.64 2.46
CA GLU D 483 41.81 2.25 2.01
C GLU D 483 40.34 1.81 2.11
N ARG D 484 39.62 2.38 3.07
CA ARG D 484 38.18 2.10 3.22
C ARG D 484 37.42 2.69 2.04
N ILE D 485 37.82 3.88 1.62
CA ILE D 485 37.27 4.55 0.44
C ILE D 485 37.59 3.72 -0.81
N LYS D 486 38.81 3.18 -0.85
CA LYS D 486 39.26 2.34 -1.95
C LYS D 486 38.42 1.07 -2.08
N PHE D 487 38.07 0.47 -0.94
CA PHE D 487 37.23 -0.74 -0.90
C PHE D 487 35.85 -0.51 -1.52
N ILE D 488 35.28 0.65 -1.25
CA ILE D 488 33.96 1.03 -1.78
C ILE D 488 34.05 1.32 -3.29
N GLU D 489 35.08 2.08 -3.68
CA GLU D 489 35.28 2.46 -5.08
C GLU D 489 35.65 1.28 -5.97
N GLU D 490 36.19 0.21 -5.37
CA GLU D 490 36.51 -1.02 -6.11
C GLU D 490 35.24 -1.84 -6.38
N ASN D 491 34.34 -1.87 -5.39
CA ASN D 491 33.10 -2.63 -5.51
C ASN D 491 31.92 -1.80 -5.99
N HIS D 492 32.18 -0.83 -6.87
CA HIS D 492 31.15 0.02 -7.44
C HIS D 492 30.18 -0.77 -8.31
N GLU D 493 30.66 -1.89 -8.86
CA GLU D 493 29.84 -2.82 -9.64
C GLU D 493 29.04 -3.76 -8.73
N ASN D 494 29.64 -4.14 -7.60
CA ASN D 494 28.97 -4.97 -6.60
C ASN D 494 27.86 -4.18 -5.92
N ILE D 495 28.14 -2.93 -5.58
CA ILE D 495 27.14 -1.98 -5.11
C ILE D 495 26.41 -1.52 -6.37
N MET D 496 25.34 -0.73 -6.23
CA MET D 496 24.51 -0.28 -7.36
C MET D 496 23.65 -1.44 -7.87
N ALA D 497 24.28 -2.60 -8.06
CA ALA D 497 23.60 -3.82 -8.48
C ALA D 497 22.76 -4.41 -7.34
N CYS D 498 23.26 -4.26 -6.10
CA CYS D 498 22.53 -4.68 -4.91
C CYS D 498 21.36 -3.74 -4.63
N ALA D 499 21.49 -2.50 -5.08
CA ALA D 499 20.42 -1.50 -4.95
C ALA D 499 19.43 -1.67 -6.10
N LYS D 500 19.93 -2.20 -7.23
CA LYS D 500 19.12 -2.48 -8.41
C LYS D 500 18.10 -3.59 -8.10
N SER D 501 18.61 -4.75 -7.71
CA SER D 501 17.78 -5.89 -7.36
C SER D 501 18.39 -6.65 -6.16
N PRO D 502 18.02 -6.23 -4.93
CA PRO D 502 18.53 -6.84 -3.69
C PRO D 502 18.09 -8.29 -3.50
N LEU D 503 16.92 -8.63 -4.05
CA LEU D 503 16.39 -10.00 -3.95
C LEU D 503 17.12 -10.94 -4.91
N GLU D 504 17.63 -10.37 -6.00
CA GLU D 504 18.35 -11.12 -7.02
C GLU D 504 19.85 -11.18 -6.70
N ASN D 505 20.39 -10.06 -6.23
CA ASN D 505 21.80 -9.97 -5.86
C ASN D 505 21.98 -9.99 -4.34
N THR D 506 22.55 -11.07 -3.82
CA THR D 506 22.70 -11.27 -2.38
C THR D 506 24.15 -11.16 -1.88
N TRP D 507 24.90 -10.20 -2.42
CA TRP D 507 26.28 -9.97 -2.00
C TRP D 507 26.33 -9.22 -0.66
N TRP D 508 25.38 -8.31 -0.47
CA TRP D 508 25.27 -7.52 0.76
C TRP D 508 24.95 -8.40 1.98
N ALA D 509 24.31 -9.53 1.73
CA ALA D 509 23.94 -10.49 2.76
C ALA D 509 25.16 -11.18 3.38
N GLU D 510 26.22 -11.28 2.59
CA GLU D 510 27.47 -11.92 3.01
C GLU D 510 28.31 -11.02 3.92
N GLN D 511 27.97 -9.73 3.95
CA GLN D 511 28.73 -8.74 4.71
C GLN D 511 28.51 -8.83 6.22
N ASP D 512 29.40 -8.17 6.96
CA ASP D 512 29.39 -8.18 8.44
C ASP D 512 28.06 -7.72 9.02
N SER D 513 27.51 -6.64 8.47
CA SER D 513 26.20 -6.13 8.86
C SER D 513 25.29 -6.09 7.62
N PRO D 514 24.62 -7.22 7.33
CA PRO D 514 23.77 -7.39 6.14
C PRO D 514 22.82 -6.25 5.81
N PHE D 515 21.81 -6.05 6.67
CA PHE D 515 20.78 -5.03 6.43
C PHE D 515 21.29 -3.58 6.51
N CYS D 516 22.25 -3.34 7.38
CA CYS D 516 22.85 -2.01 7.53
C CYS D 516 23.68 -1.62 6.31
N PHE D 517 24.32 -2.62 5.71
CA PHE D 517 25.08 -2.41 4.48
C PHE D 517 24.14 -2.20 3.30
N LEU D 518 22.99 -2.88 3.36
CA LEU D 518 21.96 -2.75 2.33
C LEU D 518 21.35 -1.35 2.37
N ALA D 519 21.20 -0.80 3.58
CA ALA D 519 20.69 0.56 3.77
C ALA D 519 21.64 1.58 3.15
N PHE D 520 22.94 1.25 3.18
CA PHE D 520 23.97 2.08 2.57
C PHE D 520 23.92 1.95 1.05
N CYS D 521 23.67 0.74 0.55
CA CYS D 521 23.62 0.45 -0.88
C CYS D 521 22.54 1.25 -1.62
N PHE D 522 21.34 1.32 -1.04
CA PHE D 522 20.25 2.10 -1.61
C PHE D 522 20.56 3.59 -1.56
N GLU D 523 21.28 3.99 -0.51
CA GLU D 523 21.64 5.38 -0.29
C GLU D 523 22.82 5.81 -1.16
N TYR D 524 23.73 4.89 -1.42
CA TYR D 524 24.90 5.14 -2.26
C TYR D 524 24.48 5.30 -3.72
N ALA D 525 23.48 4.52 -4.12
CA ALA D 525 22.93 4.58 -5.49
C ALA D 525 22.17 5.88 -5.73
N GLY D 526 21.57 6.41 -4.67
CA GLY D 526 20.81 7.65 -4.72
C GLY D 526 21.70 8.86 -5.03
N VAL D 527 22.93 8.80 -4.54
CA VAL D 527 23.91 9.87 -4.79
C VAL D 527 24.40 9.83 -6.23
N GLN D 528 24.60 8.62 -6.75
CA GLN D 528 25.10 8.40 -8.11
C GLN D 528 24.12 8.84 -9.22
N HIS D 529 22.84 8.87 -8.89
CA HIS D 529 21.80 9.24 -9.86
C HIS D 529 21.34 10.69 -9.76
N HIS D 530 21.32 11.23 -8.55
CA HIS D 530 20.87 12.60 -8.32
C HIS D 530 22.02 13.61 -8.21
N GLY D 531 23.17 13.13 -7.74
CA GLY D 531 24.36 13.99 -7.59
C GLY D 531 24.71 14.26 -6.15
N LEU D 532 25.51 15.29 -5.92
CA LEU D 532 25.93 15.69 -4.57
C LEU D 532 24.92 16.62 -3.90
N SER D 533 23.74 16.76 -4.51
CA SER D 533 22.64 17.56 -3.97
C SER D 533 21.57 16.63 -3.39
N TYR D 534 21.70 15.34 -3.68
CA TYR D 534 20.80 14.30 -3.21
C TYR D 534 20.76 14.27 -1.68
N ASN D 535 19.67 14.75 -1.10
CA ASN D 535 19.50 14.79 0.35
C ASN D 535 19.50 13.40 0.97
N CYS D 536 20.32 13.24 2.00
CA CYS D 536 20.48 11.95 2.69
C CYS D 536 20.27 12.11 4.20
N SER D 537 19.71 11.07 4.81
CA SER D 537 19.45 11.07 6.25
C SER D 537 19.84 9.76 6.95
N LEU D 538 20.79 9.04 6.35
CA LEU D 538 21.27 7.78 6.92
C LEU D 538 22.23 8.05 8.08
N PRO D 539 21.96 7.44 9.25
CA PRO D 539 22.83 7.63 10.42
C PRO D 539 24.20 6.96 10.23
N LEU D 540 25.26 7.73 10.40
CA LEU D 540 26.63 7.21 10.24
C LEU D 540 27.25 7.00 11.62
N ALA D 541 27.31 5.74 12.03
CA ALA D 541 27.79 5.36 13.36
C ALA D 541 29.30 5.51 13.56
N PHE D 542 29.67 6.01 14.74
CA PHE D 542 31.06 6.15 15.14
C PHE D 542 31.26 5.50 16.50
N ASP D 543 31.88 4.31 16.50
CA ASP D 543 32.05 3.49 17.70
C ASP D 543 33.45 3.61 18.31
N GLY D 544 33.51 3.71 19.63
CA GLY D 544 34.79 3.72 20.34
C GLY D 544 35.42 2.34 20.24
N SER D 545 36.72 2.31 19.96
CA SER D 545 37.46 1.06 19.79
C SER D 545 37.19 0.05 20.90
N CYS D 546 37.36 0.50 22.15
CA CYS D 546 37.11 -0.34 23.32
C CYS D 546 36.67 0.53 24.50
N SER D 547 35.38 0.91 24.47
CA SER D 547 34.79 1.74 25.53
C SER D 547 34.97 1.07 26.89
N GLY D 548 35.89 1.62 27.67
CA GLY D 548 36.24 1.07 28.98
C GLY D 548 37.74 1.23 29.16
N ILE D 549 38.50 0.56 28.30
CA ILE D 549 39.96 0.70 28.31
C ILE D 549 40.32 2.08 27.77
N GLN D 550 39.48 2.62 26.88
CA GLN D 550 39.64 3.98 26.38
C GLN D 550 39.48 4.98 27.52
N HIS D 551 38.44 4.77 28.34
CA HIS D 551 38.16 5.64 29.48
C HIS D 551 39.19 5.47 30.61
N PHE D 552 39.56 4.23 30.90
CA PHE D 552 40.61 3.96 31.90
C PHE D 552 41.94 4.58 31.47
N SER D 553 42.20 4.59 30.16
CA SER D 553 43.40 5.20 29.62
C SER D 553 43.32 6.72 29.63
N ALA D 554 42.09 7.25 29.60
CA ALA D 554 41.86 8.69 29.62
C ALA D 554 41.89 9.26 31.03
N MET D 555 41.27 8.54 31.97
CA MET D 555 41.21 8.97 33.37
C MET D 555 42.55 8.84 34.10
N LEU D 556 43.38 7.91 33.65
CA LEU D 556 44.68 7.69 34.25
C LEU D 556 45.81 7.99 33.26
N ARG D 557 45.50 8.78 32.25
CA ARG D 557 46.49 9.15 31.24
C ARG D 557 47.40 7.98 30.91
N ASP D 558 46.83 6.92 30.34
CA ASP D 558 47.59 5.73 29.98
C ASP D 558 48.61 6.04 28.89
N GLU D 559 48.61 5.22 27.84
CA GLU D 559 49.54 5.40 26.73
C GLU D 559 49.07 4.66 25.48
N VAL D 560 49.25 3.35 25.44
CA VAL D 560 49.87 2.61 26.55
C VAL D 560 49.31 3.03 27.90
N GLY D 561 48.03 2.73 28.13
CA GLY D 561 47.23 2.03 27.12
C GLY D 561 46.36 2.92 26.23
N GLY D 562 46.31 2.58 24.95
CA GLY D 562 45.52 3.30 23.97
C GLY D 562 46.00 4.69 23.59
N ARG D 563 46.84 4.83 22.56
CA ARG D 563 47.41 3.75 21.72
C ARG D 563 46.52 2.57 21.32
N ALA D 564 46.70 1.43 21.99
CA ALA D 564 46.00 0.18 21.72
C ALA D 564 44.50 0.31 21.41
N VAL D 565 43.82 1.24 22.08
CA VAL D 565 42.38 1.44 21.86
C VAL D 565 42.08 2.67 20.99
N ASN D 566 43.02 2.98 20.10
CA ASN D 566 42.89 4.04 19.07
C ASN D 566 42.67 5.48 19.55
N LEU D 567 43.07 5.81 20.77
CA LEU D 567 42.94 7.18 21.28
C LEU D 567 43.91 8.18 20.65
N LEU D 568 45.07 7.68 20.22
CA LEU D 568 46.08 8.51 19.56
C LEU D 568 46.01 8.41 18.04
N PRO D 569 46.25 9.54 17.33
CA PRO D 569 46.25 9.53 15.87
C PRO D 569 47.37 8.67 15.29
N SER D 570 46.99 7.64 14.54
CA SER D 570 47.93 6.72 13.91
C SER D 570 47.49 6.41 12.49
N GLU D 571 48.44 6.09 11.63
CA GLU D 571 48.16 5.73 10.25
C GLU D 571 47.55 4.33 10.17
N THR D 572 47.98 3.47 11.08
CA THR D 572 47.45 2.09 11.18
C THR D 572 46.43 1.98 12.32
N VAL D 573 45.49 1.05 12.17
CA VAL D 573 44.44 0.82 13.16
C VAL D 573 44.98 -0.09 14.27
N GLN D 574 44.98 0.43 15.50
CA GLN D 574 45.46 -0.32 16.66
C GLN D 574 44.41 -1.31 17.12
N ASP D 575 44.66 -2.59 16.86
CA ASP D 575 43.75 -3.66 17.24
C ASP D 575 44.24 -4.33 18.53
N ILE D 576 43.73 -3.85 19.67
CA ILE D 576 44.11 -4.37 20.99
C ILE D 576 43.84 -5.87 21.15
N TYR D 577 42.80 -6.36 20.48
CA TYR D 577 42.43 -7.78 20.52
C TYR D 577 43.43 -8.62 19.72
N GLY D 578 44.05 -8.00 18.72
CA GLY D 578 45.05 -8.66 17.88
C GLY D 578 46.44 -8.64 18.52
N ILE D 579 46.70 -7.60 19.32
CA ILE D 579 47.98 -7.45 20.01
C ILE D 579 48.10 -8.49 21.13
N VAL D 580 46.99 -8.75 21.82
CA VAL D 580 46.95 -9.76 22.89
C VAL D 580 47.11 -11.16 22.28
N ALA D 581 46.36 -11.42 21.20
CA ALA D 581 46.43 -12.71 20.49
C ALA D 581 47.84 -12.99 19.97
N LYS D 582 48.56 -11.94 19.61
CA LYS D 582 49.96 -12.03 19.18
C LYS D 582 50.83 -12.54 20.33
N LYS D 583 50.55 -12.05 21.54
CA LYS D 583 51.28 -12.47 22.74
C LYS D 583 50.84 -13.87 23.18
N VAL D 584 49.56 -14.19 22.92
CA VAL D 584 49.02 -15.53 23.23
C VAL D 584 49.71 -16.58 22.36
N ASN D 585 49.75 -16.31 21.05
CA ASN D 585 50.40 -17.20 20.09
C ASN D 585 51.90 -17.38 20.34
N GLU D 586 52.49 -16.37 20.98
CA GLU D 586 53.91 -16.39 21.34
C GLU D 586 54.18 -17.38 22.48
N ILE D 587 53.24 -17.44 23.44
CA ILE D 587 53.33 -18.38 24.56
C ILE D 587 52.84 -19.75 24.12
N LEU D 588 51.90 -19.77 23.18
CA LEU D 588 51.31 -20.99 22.64
C LEU D 588 52.35 -21.84 21.89
N GLN D 589 53.26 -21.16 21.18
CA GLN D 589 54.34 -21.83 20.46
C GLN D 589 55.42 -22.36 21.39
N ALA D 590 55.59 -21.69 22.53
CA ALA D 590 56.57 -22.08 23.54
C ALA D 590 56.21 -23.40 24.23
N ASP D 591 54.91 -23.61 24.44
CA ASP D 591 54.40 -24.82 25.08
C ASP D 591 54.29 -26.00 24.11
N ALA D 592 54.30 -25.70 22.82
CA ALA D 592 54.18 -26.72 21.77
C ALA D 592 55.36 -27.69 21.72
N ILE D 593 56.56 -27.17 21.93
CA ILE D 593 57.78 -27.99 21.90
C ILE D 593 58.32 -28.28 23.30
N ASN D 594 58.09 -27.36 24.23
CA ASN D 594 58.55 -27.51 25.62
C ASN D 594 57.44 -27.22 26.61
N GLY D 595 56.79 -28.27 27.11
CA GLY D 595 55.69 -28.14 28.06
C GLY D 595 55.42 -29.38 28.89
N THR D 596 54.19 -29.48 29.40
CA THR D 596 53.77 -30.57 30.27
C THR D 596 53.17 -31.73 29.47
N ASP D 597 53.40 -32.96 29.94
CA ASP D 597 52.84 -34.15 29.31
C ASP D 597 51.50 -34.52 29.94
N ASN D 598 50.78 -35.45 29.30
CA ASN D 598 49.47 -35.87 29.77
C ASN D 598 49.52 -36.72 31.04
N GLU D 599 48.64 -36.38 31.99
CA GLU D 599 48.57 -37.08 33.27
C GLU D 599 47.22 -37.78 33.47
N VAL D 600 47.17 -38.68 34.45
CA VAL D 600 45.95 -39.37 34.82
C VAL D 600 45.64 -39.13 36.30
N VAL D 601 44.70 -38.22 36.55
CA VAL D 601 44.33 -37.82 37.91
C VAL D 601 43.57 -38.89 38.70
N THR D 602 42.97 -39.83 37.98
CA THR D 602 42.19 -40.96 38.56
C THR D 602 41.38 -40.60 39.82
N VAL D 603 40.29 -39.86 39.62
CA VAL D 603 39.42 -39.44 40.71
C VAL D 603 38.13 -40.27 40.75
N THR D 604 37.92 -40.98 41.85
CA THR D 604 36.72 -41.81 42.03
C THR D 604 36.10 -41.63 43.41
N ILE D 611 37.78 -47.26 36.16
CA ILE D 611 36.77 -46.27 36.52
C ILE D 611 36.65 -46.09 38.04
N SER D 612 36.56 -44.84 38.51
CA SER D 612 36.55 -43.66 37.66
C SER D 612 37.93 -43.04 37.51
N GLU D 613 38.36 -42.85 36.26
CA GLU D 613 39.65 -42.25 35.93
C GLU D 613 39.59 -41.47 34.62
N LYS D 614 40.19 -40.29 34.61
CA LYS D 614 40.21 -39.44 33.42
C LYS D 614 41.61 -38.90 33.11
N VAL D 615 41.84 -38.54 31.85
CA VAL D 615 43.13 -38.04 31.40
C VAL D 615 43.18 -36.51 31.44
N LYS D 616 44.14 -35.97 32.19
CA LYS D 616 44.37 -34.54 32.27
C LYS D 616 45.47 -34.17 31.30
N LEU D 617 45.11 -33.45 30.24
CA LEU D 617 46.04 -33.06 29.18
C LEU D 617 47.07 -32.04 29.65
N GLY D 618 48.33 -32.26 29.26
CA GLY D 618 49.41 -31.34 29.60
C GLY D 618 49.45 -30.14 28.66
N THR D 619 50.25 -29.14 29.02
CA THR D 619 50.35 -27.90 28.24
C THR D 619 50.76 -28.10 26.78
N LYS D 620 51.46 -29.20 26.49
CA LYS D 620 51.84 -29.56 25.12
C LYS D 620 50.62 -29.95 24.30
N ALA D 621 49.72 -30.71 24.93
CA ALA D 621 48.50 -31.19 24.28
C ALA D 621 47.55 -30.07 23.89
N LEU D 622 47.28 -29.17 24.84
CA LEU D 622 46.38 -28.04 24.58
C LEU D 622 46.98 -27.04 23.60
N ALA D 623 48.30 -26.86 23.64
CA ALA D 623 48.99 -25.96 22.73
C ALA D 623 48.81 -26.40 21.27
N GLY D 624 48.89 -27.70 21.05
CA GLY D 624 48.71 -28.28 19.72
C GLY D 624 47.28 -28.16 19.22
N GLN D 625 46.33 -28.31 20.14
CA GLN D 625 44.90 -28.20 19.82
C GLN D 625 44.50 -26.79 19.39
N TRP D 626 45.08 -25.79 20.05
CA TRP D 626 44.80 -24.39 19.72
C TRP D 626 45.50 -23.92 18.45
N LEU D 627 46.70 -24.44 18.19
CA LEU D 627 47.44 -24.12 16.97
C LEU D 627 46.81 -24.77 15.74
N ALA D 628 46.08 -25.86 15.97
CA ALA D 628 45.37 -26.56 14.90
C ALA D 628 43.97 -25.95 14.67
N TYR D 629 43.69 -24.87 15.39
CA TYR D 629 42.41 -24.16 15.28
C TYR D 629 42.63 -22.73 14.81
N GLY D 630 43.71 -22.11 15.28
CA GLY D 630 44.05 -20.73 14.94
C GLY D 630 43.45 -19.73 15.91
N VAL D 631 44.27 -19.31 16.87
CA VAL D 631 43.85 -18.33 17.88
C VAL D 631 44.00 -16.92 17.32
N THR D 632 42.87 -16.32 16.92
CA THR D 632 42.86 -14.98 16.35
C THR D 632 42.36 -13.95 17.36
N ARG D 633 41.97 -12.78 16.86
CA ARG D 633 41.47 -11.67 17.68
C ARG D 633 40.11 -11.96 18.31
N SER D 634 39.31 -12.80 17.64
CA SER D 634 37.96 -13.14 18.11
C SER D 634 37.95 -14.02 19.36
N VAL D 635 39.02 -14.80 19.55
CA VAL D 635 39.15 -15.69 20.70
C VAL D 635 39.36 -14.89 21.99
N THR D 636 40.14 -13.82 21.90
CA THR D 636 40.45 -12.96 23.05
C THR D 636 39.58 -11.70 23.11
N LYS D 637 38.74 -11.52 22.08
CA LYS D 637 37.89 -10.34 21.94
C LYS D 637 37.12 -9.97 23.21
N ARG D 638 36.26 -10.88 23.67
CA ARG D 638 35.43 -10.63 24.85
C ARG D 638 36.26 -10.66 26.15
N SER D 639 37.31 -11.48 26.15
CA SER D 639 38.19 -11.64 27.31
C SER D 639 38.93 -10.36 27.69
N VAL D 640 39.41 -9.62 26.69
CA VAL D 640 40.14 -8.37 26.90
C VAL D 640 39.18 -7.29 27.44
N MET D 641 37.95 -7.31 26.94
CA MET D 641 36.92 -6.34 27.37
C MET D 641 36.46 -6.59 28.79
N THR D 642 36.05 -7.82 29.09
CA THR D 642 35.53 -8.20 30.41
C THR D 642 36.47 -7.93 31.58
N LEU D 643 37.77 -8.04 31.33
CA LEU D 643 38.78 -7.75 32.35
C LEU D 643 38.66 -6.29 32.79
N ALA D 644 38.44 -5.40 31.82
CA ALA D 644 38.26 -3.96 32.07
C ALA D 644 36.96 -3.68 32.84
N TYR D 645 36.27 -4.75 33.22
CA TYR D 645 35.05 -4.66 34.02
C TYR D 645 35.19 -5.50 35.29
N GLY D 646 36.43 -5.69 35.74
CA GLY D 646 36.74 -6.43 36.96
C GLY D 646 36.45 -7.93 36.91
N SER D 647 37.01 -8.61 35.92
CA SER D 647 36.82 -10.05 35.76
C SER D 647 38.03 -10.84 36.26
N LYS D 648 37.84 -12.15 36.45
CA LYS D 648 38.91 -13.03 36.93
C LYS D 648 39.16 -14.21 35.99
N GLU D 649 40.25 -14.93 36.25
CA GLU D 649 40.68 -16.07 35.41
C GLU D 649 39.59 -17.13 35.19
N PHE D 650 38.91 -17.53 36.27
CA PHE D 650 37.84 -18.52 36.20
C PHE D 650 36.71 -18.03 35.28
N GLY D 651 36.47 -16.73 35.32
CA GLY D 651 35.43 -16.10 34.48
C GLY D 651 35.74 -16.18 32.99
N PHE D 652 37.02 -16.11 32.64
CA PHE D 652 37.45 -16.19 31.24
C PHE D 652 37.22 -17.58 30.66
N ARG D 653 37.41 -18.61 31.49
CA ARG D 653 37.18 -20.00 31.09
C ARG D 653 35.77 -20.19 30.56
N GLN D 654 34.79 -19.61 31.25
CA GLN D 654 33.38 -19.69 30.86
C GLN D 654 33.12 -18.95 29.55
N GLN D 655 33.83 -17.85 29.33
CA GLN D 655 33.68 -17.04 28.12
C GLN D 655 34.20 -17.76 26.87
N VAL D 656 35.44 -18.20 26.92
CA VAL D 656 36.09 -18.89 25.80
C VAL D 656 35.34 -20.18 25.45
N LEU D 657 34.83 -20.87 26.45
CA LEU D 657 34.05 -22.10 26.25
C LEU D 657 32.75 -21.82 25.50
N GLU D 658 32.07 -20.73 25.85
CA GLU D 658 30.81 -20.34 25.24
C GLU D 658 30.99 -19.68 23.86
N ASP D 659 32.02 -18.85 23.74
CA ASP D 659 32.24 -18.07 22.51
C ASP D 659 33.11 -18.76 21.47
N THR D 660 34.00 -19.66 21.89
CA THR D 660 34.93 -20.30 20.96
C THR D 660 34.81 -21.82 20.88
N ILE D 661 34.98 -22.51 22.02
CA ILE D 661 34.97 -23.99 22.05
C ILE D 661 33.64 -24.62 21.62
N GLN D 662 32.58 -24.38 22.40
CA GLN D 662 31.27 -25.00 22.13
C GLN D 662 30.74 -24.80 20.70
N PRO D 663 30.75 -23.54 20.17
CA PRO D 663 30.27 -23.36 18.80
C PRO D 663 31.12 -24.07 17.74
N ALA D 664 32.41 -24.31 18.04
CA ALA D 664 33.31 -25.02 17.13
C ALA D 664 32.94 -26.50 17.05
N ILE D 665 32.60 -27.10 18.19
CA ILE D 665 32.14 -28.49 18.26
C ILE D 665 30.79 -28.61 17.55
N ASP D 666 29.92 -27.63 17.77
CA ASP D 666 28.59 -27.58 17.17
C ASP D 666 28.65 -27.40 15.65
N SER D 667 29.68 -26.71 15.18
CA SER D 667 29.87 -26.47 13.75
C SER D 667 30.65 -27.60 13.08
N GLY D 668 31.11 -28.56 13.88
CA GLY D 668 31.87 -29.71 13.38
C GLY D 668 33.29 -29.33 13.01
N LYS D 669 33.81 -28.29 13.67
CA LYS D 669 35.16 -27.79 13.41
C LYS D 669 35.93 -27.68 14.74
N GLY D 670 35.45 -28.37 15.76
CA GLY D 670 36.07 -28.37 17.08
C GLY D 670 36.48 -29.76 17.54
N LEU D 671 36.90 -30.60 16.59
CA LEU D 671 37.32 -31.96 16.89
C LEU D 671 38.69 -32.02 17.58
N MET D 672 39.35 -30.87 17.69
CA MET D 672 40.64 -30.77 18.36
C MET D 672 40.44 -30.90 19.87
N PHE D 673 39.47 -30.14 20.39
CA PHE D 673 39.18 -30.10 21.82
C PHE D 673 38.58 -31.42 22.34
N THR D 674 39.46 -32.35 22.70
CA THR D 674 39.05 -33.63 23.27
C THR D 674 38.53 -33.44 24.70
N GLN D 675 39.15 -32.48 25.41
CA GLN D 675 38.74 -32.12 26.75
C GLN D 675 38.42 -30.62 26.70
N PRO D 676 37.18 -30.27 26.32
CA PRO D 676 36.74 -28.89 26.07
C PRO D 676 36.94 -27.91 27.24
N ASN D 677 36.63 -28.34 28.45
CA ASN D 677 36.74 -27.47 29.61
C ASN D 677 38.14 -27.26 30.13
N GLN D 678 38.98 -28.25 29.93
CA GLN D 678 40.38 -28.17 30.29
C GLN D 678 41.10 -27.30 29.26
N ALA D 679 40.58 -27.33 28.03
CA ALA D 679 41.12 -26.51 26.93
C ALA D 679 40.73 -25.04 27.12
N ALA D 680 39.54 -24.82 27.68
CA ALA D 680 39.05 -23.48 27.96
C ALA D 680 39.80 -22.85 29.12
N GLY D 681 40.18 -23.69 30.09
CA GLY D 681 40.94 -23.25 31.25
C GLY D 681 42.38 -22.86 30.91
N TYR D 682 42.98 -23.61 29.99
CA TYR D 682 44.34 -23.34 29.51
C TYR D 682 44.43 -22.01 28.78
N MET D 683 43.45 -21.75 27.91
CA MET D 683 43.40 -20.51 27.14
C MET D 683 43.11 -19.31 28.07
N ALA D 684 42.29 -19.54 29.09
CA ALA D 684 41.97 -18.52 30.08
C ALA D 684 43.22 -18.10 30.87
N LYS D 685 44.13 -19.05 31.05
CA LYS D 685 45.39 -18.81 31.75
C LYS D 685 46.35 -18.00 30.87
N LEU D 686 46.35 -18.29 29.57
CA LEU D 686 47.21 -17.58 28.61
C LEU D 686 46.81 -16.11 28.46
N ILE D 687 45.50 -15.86 28.40
CA ILE D 687 44.98 -14.51 28.27
C ILE D 687 45.30 -13.70 29.53
N TRP D 688 44.95 -14.26 30.68
CA TRP D 688 45.20 -13.63 31.99
C TRP D 688 46.64 -13.12 32.12
N GLU D 689 47.59 -13.89 31.61
CA GLU D 689 49.00 -13.53 31.64
C GLU D 689 49.35 -12.46 30.60
N SER D 690 48.92 -12.69 29.36
CA SER D 690 49.25 -11.82 28.23
C SER D 690 48.59 -10.43 28.28
N VAL D 691 47.33 -10.38 28.69
CA VAL D 691 46.57 -9.13 28.76
C VAL D 691 47.02 -8.25 29.94
N SER D 692 47.53 -8.89 30.99
CA SER D 692 47.98 -8.18 32.18
C SER D 692 49.06 -7.17 31.83
N VAL D 693 50.00 -7.59 30.98
CA VAL D 693 51.10 -6.72 30.57
C VAL D 693 50.66 -5.76 29.47
N THR D 694 49.36 -5.72 29.20
CA THR D 694 48.82 -4.85 28.17
C THR D 694 48.05 -3.68 28.78
N VAL D 695 47.30 -3.96 29.84
CA VAL D 695 46.53 -2.93 30.52
C VAL D 695 47.07 -2.65 31.91
N VAL D 696 48.37 -2.85 32.08
CA VAL D 696 49.02 -2.62 33.37
C VAL D 696 48.40 -1.43 34.10
N ALA D 697 48.83 -0.23 33.73
CA ALA D 697 48.32 0.99 34.35
C ALA D 697 46.82 0.87 34.65
N ALA D 698 46.12 0.10 33.83
CA ALA D 698 44.69 -0.10 34.01
C ALA D 698 44.40 -0.99 35.21
N VAL D 699 45.19 -2.05 35.36
CA VAL D 699 45.02 -2.98 36.47
C VAL D 699 45.04 -2.25 37.81
N GLU D 700 46.13 -1.50 38.04
CA GLU D 700 46.28 -0.75 39.28
C GLU D 700 45.08 0.17 39.52
N ALA D 701 44.61 0.81 38.45
CA ALA D 701 43.46 1.71 38.55
C ALA D 701 42.24 0.97 39.09
N MET D 702 42.01 -0.23 38.57
CA MET D 702 40.90 -1.09 39.02
C MET D 702 41.12 -1.56 40.45
N ASN D 703 42.36 -1.97 40.75
CA ASN D 703 42.73 -2.41 42.09
C ASN D 703 42.58 -1.29 43.13
N TRP D 704 42.74 -0.04 42.67
CA TRP D 704 42.54 1.12 43.52
C TRP D 704 41.04 1.32 43.79
N LEU D 705 40.24 1.06 42.75
CA LEU D 705 38.78 1.16 42.85
C LEU D 705 38.21 0.01 43.69
N LYS D 706 38.74 -1.20 43.46
CA LYS D 706 38.31 -2.39 44.19
C LYS D 706 38.57 -2.28 45.68
N SER D 707 39.75 -1.76 46.04
CA SER D 707 40.14 -1.56 47.43
C SER D 707 39.28 -0.49 48.11
N ALA D 708 38.92 0.54 47.34
CA ALA D 708 38.10 1.64 47.83
C ALA D 708 36.70 1.15 48.23
N ALA D 709 36.07 0.40 47.33
CA ALA D 709 34.73 -0.13 47.54
C ALA D 709 34.70 -1.27 48.56
N LYS D 710 35.79 -2.04 48.63
CA LYS D 710 35.90 -3.13 49.59
C LYS D 710 35.83 -2.62 51.03
N LEU D 711 36.58 -1.55 51.30
CA LEU D 711 36.66 -0.98 52.63
C LEU D 711 35.47 -0.07 52.97
N LEU D 712 34.75 0.38 51.95
CA LEU D 712 33.53 1.17 52.17
C LEU D 712 32.35 0.29 52.54
N ALA D 713 32.28 -0.89 51.92
CA ALA D 713 31.22 -1.85 52.17
C ALA D 713 31.49 -2.72 53.39
N ALA D 714 32.68 -2.57 53.99
CA ALA D 714 33.07 -3.35 55.15
C ALA D 714 32.49 -2.78 56.44
N GLU D 715 32.06 -3.67 57.34
CA GLU D 715 31.54 -3.29 58.64
C GLU D 715 32.68 -3.28 59.65
N VAL D 716 32.69 -2.26 60.51
CA VAL D 716 33.75 -2.07 61.50
C VAL D 716 33.78 -3.17 62.58
N LYS D 717 34.94 -3.36 63.19
CA LYS D 717 35.13 -4.32 64.27
C LYS D 717 35.97 -3.68 65.38
N ASP D 718 35.78 -4.15 66.61
CA ASP D 718 36.50 -3.61 67.77
C ASP D 718 37.03 -4.74 68.67
N LYS D 719 37.93 -4.38 69.60
CA LYS D 719 38.53 -5.33 70.54
C LYS D 719 37.48 -5.91 71.48
N LYS D 720 36.94 -7.07 71.08
CA LYS D 720 35.90 -7.80 71.84
C LYS D 720 34.55 -7.06 71.98
N THR D 721 34.60 -5.73 71.91
CA THR D 721 33.40 -4.91 72.00
C THR D 721 32.70 -4.89 70.63
N GLY D 722 31.38 -4.94 70.65
CA GLY D 722 30.59 -4.88 69.41
C GLY D 722 30.27 -3.45 69.03
N GLU D 723 31.29 -2.60 69.10
CA GLU D 723 31.16 -1.17 68.82
C GLU D 723 30.96 -0.92 67.33
N ILE D 724 29.86 -0.23 67.02
CA ILE D 724 29.53 0.12 65.63
C ILE D 724 30.08 1.52 65.32
N LEU D 725 31.40 1.58 65.18
CA LEU D 725 32.10 2.83 64.88
C LEU D 725 31.72 3.38 63.51
N ARG D 726 31.52 2.47 62.56
CA ARG D 726 31.10 2.84 61.20
C ARG D 726 30.36 1.69 60.53
N LYS D 727 29.20 2.00 59.94
CA LYS D 727 28.39 1.01 59.23
C LYS D 727 28.88 0.81 57.81
N ARG D 728 28.21 -0.08 57.08
CA ARG D 728 28.53 -0.34 55.66
C ARG D 728 28.04 0.84 54.82
N CYS D 729 28.90 1.31 53.91
CA CYS D 729 28.59 2.48 53.09
C CYS D 729 28.41 2.19 51.61
N ALA D 730 27.51 2.92 50.98
CA ALA D 730 27.27 2.85 49.55
C ALA D 730 28.32 3.69 48.84
N VAL D 731 28.88 3.16 47.76
CA VAL D 731 29.91 3.87 46.99
C VAL D 731 29.25 4.91 46.09
N HIS D 732 29.68 6.17 46.24
CA HIS D 732 29.12 7.28 45.48
C HIS D 732 30.16 8.16 44.80
N TRP D 733 29.84 8.59 43.57
CA TRP D 733 30.67 9.51 42.78
C TRP D 733 29.83 10.26 41.76
N VAL D 734 30.30 11.43 41.36
CA VAL D 734 29.60 12.26 40.37
C VAL D 734 30.39 12.31 39.07
N THR D 735 29.73 11.96 37.97
CA THR D 735 30.35 11.96 36.65
C THR D 735 30.38 13.39 36.05
N PRO D 736 31.46 13.74 35.30
CA PRO D 736 31.72 15.03 34.68
C PRO D 736 30.52 15.94 34.36
N ASP D 737 29.54 15.44 33.62
CA ASP D 737 28.40 16.28 33.22
C ASP D 737 27.37 16.55 34.33
N GLY D 738 27.64 16.03 35.53
CA GLY D 738 26.79 16.29 36.70
C GLY D 738 25.89 15.17 37.16
N PHE D 739 25.94 14.03 36.47
CA PHE D 739 25.11 12.87 36.84
C PHE D 739 25.68 12.14 38.06
N PRO D 740 24.88 12.03 39.14
CA PRO D 740 25.33 11.32 40.32
C PRO D 740 24.97 9.83 40.25
N VAL D 741 25.87 8.98 40.73
CA VAL D 741 25.65 7.53 40.71
C VAL D 741 26.02 6.87 42.03
N TRP D 742 25.05 6.19 42.64
CA TRP D 742 25.27 5.51 43.90
C TRP D 742 25.31 3.99 43.72
N GLN D 743 26.24 3.33 44.41
CA GLN D 743 26.39 1.89 44.32
C GLN D 743 26.20 1.23 45.69
N GLU D 744 24.98 1.31 46.21
CA GLU D 744 24.67 0.73 47.51
C GLU D 744 24.06 -0.66 47.37
N TYR D 745 23.72 -1.27 48.49
CA TYR D 745 23.13 -2.62 48.49
C TYR D 745 22.67 -3.01 49.89
N LYS D 746 21.37 -3.19 50.05
CA LYS D 746 20.79 -3.56 51.33
C LYS D 746 20.68 -5.09 51.45
N LYS D 747 20.90 -5.59 52.66
CA LYS D 747 20.82 -7.03 52.91
C LYS D 747 19.44 -7.58 52.57
N PRO D 748 19.39 -8.52 51.63
CA PRO D 748 18.13 -9.12 51.22
C PRO D 748 17.56 -10.00 52.33
N ILE D 749 16.37 -9.63 52.80
CA ILE D 749 15.70 -10.38 53.87
C ILE D 749 14.37 -10.97 53.41
N GLN D 750 13.97 -12.07 54.06
CA GLN D 750 12.72 -12.74 53.74
C GLN D 750 11.79 -12.80 54.95
N THR D 751 10.54 -12.37 54.72
CA THR D 751 9.51 -12.41 55.77
C THR D 751 8.39 -13.37 55.39
N ARG D 752 7.62 -13.80 56.39
CA ARG D 752 6.49 -14.69 56.15
C ARG D 752 5.19 -14.11 56.69
N LEU D 753 4.12 -14.25 55.89
CA LEU D 753 2.80 -13.77 56.27
C LEU D 753 2.01 -14.90 56.91
N ASN D 754 1.08 -14.54 57.81
CA ASN D 754 0.25 -15.53 58.48
C ASN D 754 -1.22 -15.29 58.12
N LEU D 755 -1.71 -16.06 57.15
CA LEU D 755 -3.05 -15.88 56.60
C LEU D 755 -3.95 -17.09 56.79
N MET D 756 -5.07 -16.90 57.49
CA MET D 756 -6.04 -17.97 57.71
C MET D 756 -6.86 -18.15 56.43
N PHE D 757 -6.34 -18.98 55.52
CA PHE D 757 -6.95 -19.20 54.22
C PHE D 757 -8.19 -20.09 54.30
N LEU D 758 -9.33 -19.52 53.89
CA LEU D 758 -10.64 -20.20 53.89
C LEU D 758 -11.08 -20.80 55.24
N GLY D 759 -10.43 -20.38 56.32
CA GLY D 759 -10.73 -20.88 57.66
C GLY D 759 -10.36 -22.34 57.87
N GLN D 760 -9.57 -22.89 56.94
CA GLN D 760 -9.16 -24.28 57.00
C GLN D 760 -7.72 -24.43 57.50
N PHE D 761 -6.81 -23.64 56.91
CA PHE D 761 -5.41 -23.69 57.28
C PHE D 761 -4.76 -22.30 57.29
N ARG D 762 -3.48 -22.26 57.64
CA ARG D 762 -2.70 -21.02 57.69
C ARG D 762 -1.73 -20.94 56.52
N LEU D 763 -2.10 -20.18 55.50
CA LEU D 763 -1.25 -19.96 54.33
C LEU D 763 -0.10 -19.03 54.70
N GLN D 764 1.11 -19.58 54.74
CA GLN D 764 2.30 -18.83 55.14
C GLN D 764 3.35 -18.78 54.03
N PRO D 765 3.28 -17.78 53.14
CA PRO D 765 4.22 -17.65 52.05
C PRO D 765 5.47 -16.84 52.41
N THR D 766 6.64 -17.43 52.18
CA THR D 766 7.90 -16.74 52.40
C THR D 766 8.06 -15.78 51.22
N ILE D 767 8.08 -14.48 51.51
CA ILE D 767 8.17 -13.46 50.46
C ILE D 767 9.40 -12.57 50.62
N ASN D 768 9.89 -12.05 49.50
CA ASN D 768 11.03 -11.14 49.52
C ASN D 768 10.61 -9.75 49.97
N THR D 769 11.12 -9.37 51.13
CA THR D 769 10.75 -8.14 51.81
C THR D 769 11.25 -6.89 51.10
N ASN D 770 10.33 -5.97 50.84
CA ASN D 770 10.66 -4.66 50.28
C ASN D 770 11.10 -3.68 51.36
N LYS D 771 10.77 -4.00 52.61
CA LYS D 771 11.18 -3.20 53.77
C LYS D 771 12.70 -3.25 53.93
N ASP D 772 13.29 -2.07 54.06
CA ASP D 772 14.75 -1.92 54.20
C ASP D 772 15.26 -2.53 55.51
N SER D 773 16.52 -2.97 55.48
CA SER D 773 17.14 -3.60 56.64
C SER D 773 18.53 -3.03 56.92
N GLU D 774 19.52 -3.92 57.02
CA GLU D 774 20.90 -3.54 57.29
C GLU D 774 21.69 -3.43 55.98
N ILE D 775 22.66 -2.53 55.96
CA ILE D 775 23.50 -2.32 54.77
C ILE D 775 24.41 -3.52 54.51
N ASP D 776 24.28 -4.11 53.32
CA ASP D 776 25.09 -5.26 52.91
C ASP D 776 26.53 -4.81 52.65
N ALA D 777 27.38 -5.09 53.63
CA ALA D 777 28.79 -4.68 53.58
C ALA D 777 29.62 -5.41 52.52
N HIS D 778 29.21 -6.63 52.16
CA HIS D 778 29.93 -7.41 51.16
C HIS D 778 29.72 -6.87 49.75
N LYS D 779 28.46 -6.56 49.41
CA LYS D 779 28.13 -5.97 48.11
C LYS D 779 28.62 -4.53 47.99
N GLN D 780 28.72 -3.84 49.13
CA GLN D 780 29.19 -2.47 49.18
C GLN D 780 30.64 -2.40 48.72
N GLU D 781 31.43 -3.43 49.07
CA GLU D 781 32.83 -3.53 48.70
C GLU D 781 33.03 -4.04 47.27
N SER D 782 32.26 -5.06 46.90
CA SER D 782 32.37 -5.68 45.58
C SER D 782 31.68 -4.85 44.48
N GLY D 783 30.87 -3.90 44.89
CA GLY D 783 30.13 -3.06 43.95
C GLY D 783 30.67 -1.66 43.76
N ILE D 784 31.49 -1.19 44.70
CA ILE D 784 32.03 0.17 44.65
C ILE D 784 32.89 0.45 43.40
N ALA D 785 33.72 -0.51 43.02
CA ALA D 785 34.61 -0.37 41.86
C ALA D 785 33.87 -0.22 40.52
N PRO D 786 32.97 -1.16 40.22
CA PRO D 786 32.21 -1.12 38.97
C PRO D 786 31.36 0.15 38.87
N ASN D 787 30.38 0.26 39.77
CA ASN D 787 29.51 1.44 39.79
C ASN D 787 30.25 2.70 39.37
N PHE D 788 31.48 2.84 39.85
CA PHE D 788 32.29 4.01 39.52
C PHE D 788 32.36 4.20 38.00
N VAL D 789 33.13 3.35 37.33
CA VAL D 789 33.28 3.43 35.88
C VAL D 789 31.92 3.46 35.20
N HIS D 790 30.94 2.78 35.79
CA HIS D 790 29.59 2.76 35.24
C HIS D 790 29.05 4.17 35.07
N SER D 791 28.81 4.84 36.20
CA SER D 791 28.30 6.20 36.18
C SER D 791 29.10 7.07 35.20
N GLN D 792 30.39 7.20 35.46
CA GLN D 792 31.26 8.00 34.60
C GLN D 792 30.96 7.76 33.12
N ASP D 793 31.06 6.49 32.70
CA ASP D 793 30.78 6.12 31.32
C ASP D 793 29.41 6.63 30.89
N GLY D 794 28.41 6.42 31.74
CA GLY D 794 27.07 6.88 31.44
C GLY D 794 27.02 8.36 31.10
N SER D 795 27.51 9.19 32.02
CA SER D 795 27.54 10.63 31.81
C SER D 795 28.27 10.97 30.51
N HIS D 796 29.44 10.36 30.32
CA HIS D 796 30.23 10.60 29.12
C HIS D 796 29.35 10.72 27.88
N LEU D 797 28.70 9.62 27.51
CA LEU D 797 27.82 9.62 26.36
C LEU D 797 26.84 10.79 26.41
N ARG D 798 26.24 11.00 27.58
CA ARG D 798 25.31 12.09 27.78
C ARG D 798 25.95 13.42 27.44
N LYS D 799 27.13 13.66 28.01
CA LYS D 799 27.87 14.90 27.75
C LYS D 799 28.08 15.09 26.26
N THR D 800 28.51 14.04 25.58
CA THR D 800 28.75 14.10 24.14
C THR D 800 27.58 14.77 23.42
N VAL D 801 26.42 14.15 23.49
CA VAL D 801 25.22 14.67 22.85
C VAL D 801 25.08 16.17 23.10
N VAL D 802 24.74 16.52 24.35
CA VAL D 802 24.58 17.92 24.73
C VAL D 802 25.58 18.80 23.99
N TRP D 803 26.86 18.65 24.35
CA TRP D 803 27.92 19.42 23.72
C TRP D 803 27.71 19.51 22.21
N ALA D 804 28.01 18.43 21.51
CA ALA D 804 27.85 18.39 20.07
C ALA D 804 26.69 19.27 19.62
N HIS D 805 25.48 18.91 20.02
CA HIS D 805 24.29 19.66 19.66
C HIS D 805 24.48 21.16 19.93
N GLU D 806 24.30 21.55 21.18
CA GLU D 806 24.44 22.95 21.57
C GLU D 806 25.43 23.69 20.68
N LYS D 807 26.57 23.05 20.41
CA LYS D 807 27.61 23.65 19.58
C LYS D 807 27.17 23.76 18.13
N TYR D 808 27.41 22.68 17.37
CA TYR D 808 27.04 22.63 15.97
C TYR D 808 25.52 22.58 15.79
N GLY D 809 25.07 22.56 14.54
CA GLY D 809 23.64 22.50 14.24
C GLY D 809 23.04 21.09 14.15
N ILE D 810 23.63 20.16 14.89
CA ILE D 810 23.20 18.76 14.88
C ILE D 810 21.92 18.57 15.73
N GLU D 811 20.86 18.12 15.06
CA GLU D 811 19.55 17.93 15.71
C GLU D 811 19.24 16.46 15.96
N SER D 812 19.59 15.61 14.99
CA SER D 812 19.32 14.17 15.08
C SER D 812 20.52 13.39 15.61
N PHE D 813 20.24 12.39 16.43
CA PHE D 813 21.27 11.53 17.02
C PHE D 813 20.90 10.06 17.00
N ALA D 814 21.91 9.22 16.79
CA ALA D 814 21.76 7.76 16.86
C ALA D 814 22.77 7.26 17.89
N LEU D 815 22.27 6.94 19.08
CA LEU D 815 23.14 6.58 20.21
C LEU D 815 23.00 5.13 20.66
N ILE D 816 24.13 4.43 20.69
CA ILE D 816 24.17 3.06 21.18
C ILE D 816 25.28 2.93 22.24
N HIS D 817 25.12 3.69 23.32
CA HIS D 817 26.03 3.71 24.47
C HIS D 817 27.43 4.29 24.22
N ASP D 818 28.11 3.76 23.19
CA ASP D 818 29.43 4.26 22.80
C ASP D 818 29.51 4.52 21.29
N SER D 819 28.37 4.32 20.62
CA SER D 819 28.25 4.59 19.19
C SER D 819 27.54 5.92 18.97
N PHE D 820 28.03 6.69 18.01
CA PHE D 820 27.46 8.01 17.71
C PHE D 820 27.13 8.14 16.23
N GLY D 821 25.85 8.30 15.93
CA GLY D 821 25.38 8.40 14.55
C GLY D 821 24.55 9.63 14.26
N THR D 822 24.74 10.19 13.07
CA THR D 822 24.02 11.36 12.60
C THR D 822 24.02 11.38 11.06
N ILE D 823 23.28 12.31 10.48
CA ILE D 823 23.22 12.52 9.03
C ILE D 823 24.61 12.84 8.46
N PRO D 824 24.91 12.38 7.22
CA PRO D 824 26.21 12.59 6.58
C PRO D 824 26.74 14.02 6.62
N ALA D 825 25.86 15.00 6.42
CA ALA D 825 26.24 16.41 6.44
C ALA D 825 26.77 16.84 7.81
N ASP D 826 26.21 16.29 8.88
CA ASP D 826 26.62 16.62 10.24
C ASP D 826 27.63 15.61 10.81
N ALA D 827 27.97 14.59 10.02
CA ALA D 827 28.90 13.54 10.44
C ALA D 827 30.29 14.10 10.78
N ALA D 828 30.77 15.03 9.96
CA ALA D 828 32.07 15.66 10.13
C ALA D 828 32.19 16.39 11.48
N ASN D 829 31.11 17.04 11.88
CA ASN D 829 31.06 17.76 13.17
C ASN D 829 30.97 16.80 14.35
N LEU D 830 30.21 15.72 14.20
CA LEU D 830 30.06 14.71 15.25
C LEU D 830 31.38 13.97 15.46
N PHE D 831 32.05 13.65 14.36
CA PHE D 831 33.36 13.01 14.35
C PHE D 831 34.38 13.85 15.13
N LYS D 832 34.11 15.16 15.17
CA LYS D 832 34.95 16.13 15.86
C LYS D 832 34.42 16.39 17.28
N ALA D 833 33.10 16.37 17.43
CA ALA D 833 32.43 16.63 18.71
C ALA D 833 32.75 15.59 19.78
N VAL D 834 32.75 14.31 19.38
CA VAL D 834 33.06 13.18 20.28
C VAL D 834 34.46 13.31 20.90
N ARG D 835 35.38 13.88 20.12
CA ARG D 835 36.76 14.08 20.54
C ARG D 835 36.84 15.23 21.53
N GLU D 836 36.30 16.38 21.14
CA GLU D 836 36.32 17.60 21.95
C GLU D 836 35.73 17.42 23.35
N THR D 837 34.61 16.71 23.43
CA THR D 837 33.92 16.48 24.71
C THR D 837 34.67 15.55 25.66
N MET D 838 35.43 14.60 25.11
CA MET D 838 36.21 13.68 25.93
C MET D 838 37.50 14.35 26.39
N VAL D 839 38.05 15.20 25.53
CA VAL D 839 39.24 15.99 25.85
C VAL D 839 38.85 17.12 26.82
N ASP D 840 37.55 17.43 26.87
CA ASP D 840 37.05 18.47 27.76
C ASP D 840 36.88 17.97 29.18
N THR D 841 36.48 16.70 29.33
CA THR D 841 36.30 16.11 30.65
C THR D 841 37.63 15.83 31.32
N TYR D 842 38.58 15.28 30.55
CA TYR D 842 39.90 14.96 31.08
C TYR D 842 41.00 15.56 30.20
N GLU D 843 41.69 16.56 30.73
CA GLU D 843 41.42 17.05 32.08
C GLU D 843 40.10 17.82 32.12
N SER D 844 39.88 18.54 33.22
CA SER D 844 38.65 19.32 33.39
C SER D 844 37.83 18.79 34.56
N CYS D 845 38.23 17.63 35.09
CA CYS D 845 37.53 17.03 36.21
C CYS D 845 38.27 15.79 36.72
N ASP D 846 39.39 15.48 36.08
CA ASP D 846 40.20 14.32 36.48
C ASP D 846 39.32 13.23 37.08
N VAL D 847 38.61 12.51 36.23
CA VAL D 847 37.73 11.43 36.67
C VAL D 847 38.29 10.76 37.93
N LEU D 848 39.51 10.25 37.82
CA LEU D 848 40.16 9.57 38.94
C LEU D 848 40.33 10.52 40.13
N ALA D 849 40.80 11.73 39.85
CA ALA D 849 41.01 12.72 40.90
C ALA D 849 39.67 13.19 41.47
N ASP D 850 38.69 13.35 40.58
CA ASP D 850 37.34 13.75 40.96
C ASP D 850 36.65 12.64 41.77
N PHE D 851 36.89 11.39 41.36
CA PHE D 851 36.35 10.22 42.05
C PHE D 851 37.01 10.07 43.42
N TYR D 852 38.31 10.37 43.49
CA TYR D 852 39.06 10.32 44.74
C TYR D 852 38.52 11.32 45.76
N ASP D 853 38.12 12.49 45.28
CA ASP D 853 37.57 13.55 46.14
C ASP D 853 36.21 13.19 46.75
N GLN D 854 35.47 12.30 46.09
CA GLN D 854 34.16 11.86 46.56
C GLN D 854 34.26 11.04 47.85
N PHE D 855 35.23 10.14 47.91
CA PHE D 855 35.45 9.33 49.11
C PHE D 855 36.72 9.73 49.85
N ALA D 856 37.14 10.98 49.64
CA ALA D 856 38.44 11.49 50.16
C ALA D 856 39.11 10.72 51.32
N ASP D 857 38.64 10.76 52.59
CA ASP D 857 37.51 11.50 53.21
C ASP D 857 36.46 10.55 53.80
N GLN D 858 35.94 9.65 52.97
CA GLN D 858 35.01 8.62 53.44
C GLN D 858 35.77 7.44 54.06
N LEU D 859 37.07 7.37 53.78
CA LEU D 859 37.95 6.37 54.36
C LEU D 859 38.11 6.61 55.86
N HIS D 860 38.14 5.53 56.63
CA HIS D 860 38.23 5.62 58.09
C HIS D 860 39.60 6.08 58.59
N GLU D 861 40.51 5.12 58.75
CA GLU D 861 41.83 5.30 59.32
C GLU D 861 42.37 3.87 59.40
N SER D 862 43.70 3.73 59.30
CA SER D 862 44.34 2.41 59.22
C SER D 862 43.75 1.64 58.02
N GLN D 863 43.37 2.42 57.01
CA GLN D 863 42.74 1.91 55.81
C GLN D 863 43.42 2.55 54.60
N LEU D 864 43.85 3.80 54.77
CA LEU D 864 44.57 4.55 53.75
C LEU D 864 45.99 4.01 53.48
N ASP D 865 46.50 3.20 54.41
CA ASP D 865 47.79 2.55 54.24
C ASP D 865 47.65 1.35 53.30
N LYS D 866 46.41 0.94 53.06
CA LYS D 866 46.08 -0.18 52.18
C LYS D 866 45.42 0.33 50.89
N MET D 867 45.45 1.64 50.67
CA MET D 867 44.76 2.25 49.54
C MET D 867 45.70 3.09 48.64
N PRO D 868 46.50 2.42 47.78
CA PRO D 868 47.31 3.12 46.79
C PRO D 868 46.60 3.15 45.42
N ALA D 869 46.54 4.28 44.71
CA ALA D 869 47.12 5.60 45.05
C ALA D 869 48.58 5.75 44.63
N LEU D 870 48.83 6.26 43.43
CA LEU D 870 47.79 6.68 42.48
C LEU D 870 48.35 6.57 41.05
N PRO D 871 47.57 5.99 40.11
CA PRO D 871 48.04 5.82 38.72
C PRO D 871 48.60 7.11 38.11
N ALA D 872 49.87 7.06 37.72
CA ALA D 872 50.56 8.21 37.15
C ALA D 872 50.22 8.44 35.69
N LYS D 873 50.18 9.71 35.29
CA LYS D 873 49.87 10.09 33.92
C LYS D 873 51.05 9.89 32.98
N GLY D 874 50.76 9.40 31.77
CA GLY D 874 51.79 9.12 30.76
C GLY D 874 52.14 10.33 29.91
N ASN D 875 52.42 10.06 28.63
CA ASN D 875 52.84 11.12 27.70
C ASN D 875 51.97 11.20 26.44
N LEU D 876 50.67 10.98 26.60
CA LEU D 876 49.73 11.05 25.48
C LEU D 876 49.21 12.47 25.27
N ASN D 877 49.30 12.94 24.04
CA ASN D 877 48.75 14.24 23.67
C ASN D 877 47.29 14.03 23.30
N LEU D 878 46.39 14.60 24.10
CA LEU D 878 44.95 14.45 23.92
C LEU D 878 44.42 15.04 22.62
N ARG D 879 45.14 16.03 22.08
CA ARG D 879 44.78 16.68 20.82
C ARG D 879 44.99 15.77 19.61
N ASP D 880 45.83 14.76 19.75
CA ASP D 880 46.14 13.82 18.67
C ASP D 880 44.94 12.97 18.22
N ILE D 881 43.95 12.86 19.09
CA ILE D 881 42.72 12.10 18.80
C ILE D 881 41.97 12.76 17.63
N LEU D 882 41.96 14.09 17.61
CA LEU D 882 41.33 14.87 16.53
C LEU D 882 41.94 14.53 15.17
N GLU D 883 43.22 14.16 15.17
CA GLU D 883 43.95 13.82 13.95
C GLU D 883 43.92 12.31 13.69
N SER D 884 43.50 11.53 14.69
CA SER D 884 43.43 10.07 14.57
C SER D 884 42.23 9.65 13.73
N ASP D 885 42.52 8.99 12.62
CA ASP D 885 41.50 8.59 11.65
C ASP D 885 40.69 7.34 12.04
N PHE D 886 41.35 6.37 12.65
CA PHE D 886 40.73 5.07 12.93
C PHE D 886 40.14 4.90 14.33
N ALA D 887 40.03 6.02 15.06
CA ALA D 887 39.38 6.02 16.37
C ALA D 887 38.00 6.65 16.19
N PHE D 888 37.12 5.90 15.53
CA PHE D 888 35.77 6.38 15.19
C PHE D 888 35.01 7.01 16.35
N ALA D 889 35.37 6.64 17.58
CA ALA D 889 34.76 7.18 18.78
C ALA D 889 35.79 7.39 19.88
#